data_5F6U
# 
_entry.id   5F6U 
# 
_audit_conform.dict_name       mmcif_pdbx.dic 
_audit_conform.dict_version    5.379 
_audit_conform.dict_location   http://mmcif.pdb.org/dictionaries/ascii/mmcif_pdbx.dic 
# 
loop_
_database_2.database_id 
_database_2.database_code 
_database_2.pdbx_database_accession 
_database_2.pdbx_DOI 
PDB   5F6U         pdb_00005f6u 10.2210/pdb5f6u/pdb 
WWPDB D_1000216028 ?            ?                   
# 
loop_
_pdbx_database_related.content_type 
_pdbx_database_related.db_id 
_pdbx_database_related.db_name 
_pdbx_database_related.details 
unspecified 5F6D PDB . 
unspecified 5F6E PDB . 
unspecified 5F6V PDB . 
unspecified 5F5W PDB . 
unspecified 5F6X PDB . 
unspecified 5F6Y PDB . 
# 
_pdbx_database_status.status_code                     REL 
_pdbx_database_status.status_code_sf                  REL 
_pdbx_database_status.status_code_mr                  ? 
_pdbx_database_status.entry_id                        5F6U 
_pdbx_database_status.recvd_initial_deposition_date   2015-12-07 
_pdbx_database_status.SG_entry                        N 
_pdbx_database_status.deposit_site                    RCSB 
_pdbx_database_status.process_site                    RCSB 
_pdbx_database_status.status_code_cs                  ? 
_pdbx_database_status.methods_development_category    ? 
_pdbx_database_status.pdb_format_compatible           Y 
_pdbx_database_status.status_code_nmr_data            ? 
# 
loop_
_audit_author.name 
_audit_author.pdbx_ordinal 
'Lountos, G.T.'        1  
'Hewitt, W.M.'         2  
'Zlotkowski, Z.'       3  
'Dahlhauser, S.'       4  
'Saunders, L.B.'       5  
'Needle, D.'           6  
'Tropea, J.E.'         7  
'Zhan, C.'             8  
'Wei, G.'              9  
'Ma, B.'               10 
'Nussinov, R.'         11 
'Schneekloth, J.S.Jr.' 12 
'Waugh, D.S.'          13 
# 
_citation.abstract                  ? 
_citation.abstract_id_CAS           ? 
_citation.book_id_ISBN              ? 
_citation.book_publisher            ? 
_citation.book_publisher_city       ? 
_citation.book_title                ? 
_citation.coordinate_linkage        ? 
_citation.country                   GE 
_citation.database_id_Medline       ? 
_citation.details                   ? 
_citation.id                        primary 
_citation.journal_abbrev            Angew.Chem.Int.Ed.Engl. 
_citation.journal_id_ASTM           ACIEAY 
_citation.journal_id_CSD            0179 
_citation.journal_id_ISSN           1521-3773 
_citation.journal_full              ? 
_citation.journal_issue             ? 
_citation.journal_volume            55 
_citation.language                  ? 
_citation.page_first                5703 
_citation.page_last                 5707 
_citation.title                     'Insights Into the Allosteric Inhibition of the SUMO E2 Enzyme Ubc9.' 
_citation.year                      2016 
_citation.database_id_CSD           ? 
_citation.pdbx_database_id_DOI      10.1002/anie.201511351 
_citation.pdbx_database_id_PubMed   27038327 
_citation.unpublished_flag          ? 
# 
loop_
_citation_author.citation_id 
_citation_author.name 
_citation_author.ordinal 
_citation_author.identifier_ORCID 
primary 'Hewitt, W.M.'      1  ? 
primary 'Lountos, G.T.'     2  ? 
primary 'Zlotkowski, K.'    3  ? 
primary 'Dahlhauser, S.D.'  4  ? 
primary 'Saunders, L.B.'    5  ? 
primary 'Needle, D.'        6  ? 
primary 'Tropea, J.E.'      7  ? 
primary 'Zhan, C.'          8  ? 
primary 'Wei, G.'           9  ? 
primary 'Ma, B.'            10 ? 
primary 'Nussinov, R.'      11 ? 
primary 'Waugh, D.S.'       12 ? 
primary 'Schneekloth, J.S.' 13 ? 
# 
_cell.angle_alpha                  90.00 
_cell.angle_alpha_esd              ? 
_cell.angle_beta                   111.79 
_cell.angle_beta_esd               ? 
_cell.angle_gamma                  90.00 
_cell.angle_gamma_esd              ? 
_cell.entry_id                     5F6U 
_cell.details                      ? 
_cell.formula_units_Z              ? 
_cell.length_a                     50.696 
_cell.length_a_esd                 ? 
_cell.length_b                     35.675 
_cell.length_b_esd                 ? 
_cell.length_c                     58.077 
_cell.length_c_esd                 ? 
_cell.volume                       ? 
_cell.volume_esd                   ? 
_cell.Z_PDB                        2 
_cell.reciprocal_angle_alpha       ? 
_cell.reciprocal_angle_beta        ? 
_cell.reciprocal_angle_gamma       ? 
_cell.reciprocal_angle_alpha_esd   ? 
_cell.reciprocal_angle_beta_esd    ? 
_cell.reciprocal_angle_gamma_esd   ? 
_cell.reciprocal_length_a          ? 
_cell.reciprocal_length_b          ? 
_cell.reciprocal_length_c          ? 
_cell.reciprocal_length_a_esd      ? 
_cell.reciprocal_length_b_esd      ? 
_cell.reciprocal_length_c_esd      ? 
_cell.pdbx_unique_axis             ? 
# 
_symmetry.entry_id                         5F6U 
_symmetry.cell_setting                     ? 
_symmetry.Int_Tables_number                4 
_symmetry.space_group_name_Hall            ? 
_symmetry.space_group_name_H-M             'P 1 21 1' 
_symmetry.pdbx_full_space_group_name_H-M   ? 
# 
loop_
_entity.id 
_entity.type 
_entity.src_method 
_entity.pdbx_description 
_entity.formula_weight 
_entity.pdbx_number_of_molecules 
_entity.pdbx_ec 
_entity.pdbx_mutation 
_entity.pdbx_fragment 
_entity.details 
1 polymer     man 'SUMO-conjugating enzyme UBC9'                              17725.375 1   6.3.2.- K48A,K49A,K54A ? ? 
2 non-polymer syn 'ethyl 3-[4-(2-hydroxyphenyl)-3-oxidanyl-phenyl]propanoate' 286.322   1   ?       ?              ? ? 
3 water       nat water                                                       18.015    239 ?       ?              ? ? 
# 
_entity_name_com.entity_id   1 
_entity_name_com.name        
;SUMO-protein ligase,Ubiquitin carrier protein 9,Ubiquitin carrier protein I,Ubiquitin-conjugating enzyme E2 I,Ubiquitin-protein ligase I,p18
;
# 
_entity_poly.entity_id                      1 
_entity_poly.type                           'polypeptide(L)' 
_entity_poly.nstd_linkage                   no 
_entity_poly.nstd_monomer                   no 
_entity_poly.pdbx_seq_one_letter_code       
;SGIALSRLAQERKAWRKDHPFGFVAVPTKNPDGTMNLMNWECAIPGAAGTPWAGGLFKLRMLFKDDYPSSPPKCKFEPPL
FHPNVYPSGTVCLSILEEDKDWRPAITIKQILLGIQELLNEPNIQDPAQAEAYTIYCQNRVEYEKRVRAQAKKFAPS
;
_entity_poly.pdbx_seq_one_letter_code_can   
;SGIALSRLAQERKAWRKDHPFGFVAVPTKNPDGTMNLMNWECAIPGAAGTPWAGGLFKLRMLFKDDYPSSPPKCKFEPPL
FHPNVYPSGTVCLSILEEDKDWRPAITIKQILLGIQELLNEPNIQDPAQAEAYTIYCQNRVEYEKRVRAQAKKFAPS
;
_entity_poly.pdbx_strand_id                 A 
_entity_poly.pdbx_target_identifier         ? 
# 
loop_
_entity_poly_seq.entity_id 
_entity_poly_seq.num 
_entity_poly_seq.mon_id 
_entity_poly_seq.hetero 
1 1   SER n 
1 2   GLY n 
1 3   ILE n 
1 4   ALA n 
1 5   LEU n 
1 6   SER n 
1 7   ARG n 
1 8   LEU n 
1 9   ALA n 
1 10  GLN n 
1 11  GLU n 
1 12  ARG n 
1 13  LYS n 
1 14  ALA n 
1 15  TRP n 
1 16  ARG n 
1 17  LYS n 
1 18  ASP n 
1 19  HIS n 
1 20  PRO n 
1 21  PHE n 
1 22  GLY n 
1 23  PHE n 
1 24  VAL n 
1 25  ALA n 
1 26  VAL n 
1 27  PRO n 
1 28  THR n 
1 29  LYS n 
1 30  ASN n 
1 31  PRO n 
1 32  ASP n 
1 33  GLY n 
1 34  THR n 
1 35  MET n 
1 36  ASN n 
1 37  LEU n 
1 38  MET n 
1 39  ASN n 
1 40  TRP n 
1 41  GLU n 
1 42  CYS n 
1 43  ALA n 
1 44  ILE n 
1 45  PRO n 
1 46  GLY n 
1 47  ALA n 
1 48  ALA n 
1 49  GLY n 
1 50  THR n 
1 51  PRO n 
1 52  TRP n 
1 53  ALA n 
1 54  GLY n 
1 55  GLY n 
1 56  LEU n 
1 57  PHE n 
1 58  LYS n 
1 59  LEU n 
1 60  ARG n 
1 61  MET n 
1 62  LEU n 
1 63  PHE n 
1 64  LYS n 
1 65  ASP n 
1 66  ASP n 
1 67  TYR n 
1 68  PRO n 
1 69  SER n 
1 70  SER n 
1 71  PRO n 
1 72  PRO n 
1 73  LYS n 
1 74  CYS n 
1 75  LYS n 
1 76  PHE n 
1 77  GLU n 
1 78  PRO n 
1 79  PRO n 
1 80  LEU n 
1 81  PHE n 
1 82  HIS n 
1 83  PRO n 
1 84  ASN n 
1 85  VAL n 
1 86  TYR n 
1 87  PRO n 
1 88  SER n 
1 89  GLY n 
1 90  THR n 
1 91  VAL n 
1 92  CYS n 
1 93  LEU n 
1 94  SER n 
1 95  ILE n 
1 96  LEU n 
1 97  GLU n 
1 98  GLU n 
1 99  ASP n 
1 100 LYS n 
1 101 ASP n 
1 102 TRP n 
1 103 ARG n 
1 104 PRO n 
1 105 ALA n 
1 106 ILE n 
1 107 THR n 
1 108 ILE n 
1 109 LYS n 
1 110 GLN n 
1 111 ILE n 
1 112 LEU n 
1 113 LEU n 
1 114 GLY n 
1 115 ILE n 
1 116 GLN n 
1 117 GLU n 
1 118 LEU n 
1 119 LEU n 
1 120 ASN n 
1 121 GLU n 
1 122 PRO n 
1 123 ASN n 
1 124 ILE n 
1 125 GLN n 
1 126 ASP n 
1 127 PRO n 
1 128 ALA n 
1 129 GLN n 
1 130 ALA n 
1 131 GLU n 
1 132 ALA n 
1 133 TYR n 
1 134 THR n 
1 135 ILE n 
1 136 TYR n 
1 137 CYS n 
1 138 GLN n 
1 139 ASN n 
1 140 ARG n 
1 141 VAL n 
1 142 GLU n 
1 143 TYR n 
1 144 GLU n 
1 145 LYS n 
1 146 ARG n 
1 147 VAL n 
1 148 ARG n 
1 149 ALA n 
1 150 GLN n 
1 151 ALA n 
1 152 LYS n 
1 153 LYS n 
1 154 PHE n 
1 155 ALA n 
1 156 PRO n 
1 157 SER n 
# 
_entity_src_gen.entity_id                          1 
_entity_src_gen.pdbx_src_id                        1 
_entity_src_gen.pdbx_alt_source_flag               sample 
_entity_src_gen.pdbx_seq_type                      'Biological sequence' 
_entity_src_gen.pdbx_beg_seq_num                   1 
_entity_src_gen.pdbx_end_seq_num                   157 
_entity_src_gen.gene_src_common_name               Human 
_entity_src_gen.gene_src_genus                     ? 
_entity_src_gen.pdbx_gene_src_gene                 'UBE2I, UBC9, UBCE9' 
_entity_src_gen.gene_src_species                   ? 
_entity_src_gen.gene_src_strain                    ? 
_entity_src_gen.gene_src_tissue                    ? 
_entity_src_gen.gene_src_tissue_fraction           ? 
_entity_src_gen.gene_src_details                   ? 
_entity_src_gen.pdbx_gene_src_fragment             ? 
_entity_src_gen.pdbx_gene_src_scientific_name      'Homo sapiens' 
_entity_src_gen.pdbx_gene_src_ncbi_taxonomy_id     9606 
_entity_src_gen.pdbx_gene_src_variant              ? 
_entity_src_gen.pdbx_gene_src_cell_line            ? 
_entity_src_gen.pdbx_gene_src_atcc                 ? 
_entity_src_gen.pdbx_gene_src_organ                ? 
_entity_src_gen.pdbx_gene_src_organelle            ? 
_entity_src_gen.pdbx_gene_src_cell                 ? 
_entity_src_gen.pdbx_gene_src_cellular_location    ? 
_entity_src_gen.host_org_common_name               ? 
_entity_src_gen.pdbx_host_org_scientific_name      'Escherichia coli' 
_entity_src_gen.pdbx_host_org_ncbi_taxonomy_id     562 
_entity_src_gen.host_org_genus                     ? 
_entity_src_gen.pdbx_host_org_gene                 ? 
_entity_src_gen.pdbx_host_org_organ                ? 
_entity_src_gen.host_org_species                   ? 
_entity_src_gen.pdbx_host_org_tissue               ? 
_entity_src_gen.pdbx_host_org_tissue_fraction      ? 
_entity_src_gen.pdbx_host_org_strain               ? 
_entity_src_gen.pdbx_host_org_variant              ? 
_entity_src_gen.pdbx_host_org_cell_line            ? 
_entity_src_gen.pdbx_host_org_atcc                 ? 
_entity_src_gen.pdbx_host_org_culture_collection   ? 
_entity_src_gen.pdbx_host_org_cell                 ? 
_entity_src_gen.pdbx_host_org_organelle            ? 
_entity_src_gen.pdbx_host_org_cellular_location    ? 
_entity_src_gen.pdbx_host_org_vector_type          plasmid 
_entity_src_gen.pdbx_host_org_vector               ? 
_entity_src_gen.host_org_details                   ? 
_entity_src_gen.expression_system_id               ? 
_entity_src_gen.plasmid_name                       pDN2405 
_entity_src_gen.plasmid_details                    ? 
_entity_src_gen.pdbx_description                   ? 
# 
_struct_ref.id                         1 
_struct_ref.db_name                    UNP 
_struct_ref.db_code                    UBC9_HUMAN 
_struct_ref.pdbx_db_accession          P63279 
_struct_ref.pdbx_db_isoform            ? 
_struct_ref.entity_id                  1 
_struct_ref.pdbx_seq_one_letter_code   
;SGIALSRLAQERKAWRKDHPFGFVAVPTKNPDGTMNLMNWECAIPGKKGTPWEGGLFKLRMLFKDDYPSSPPKCKFEPPL
FHPNVYPSGTVCLSILEEDKDWRPAITIKQILLGIQELLNEPNIQDPAQAEAYTIYCQNRVEYEKRVRAQAKKFAPS
;
_struct_ref.pdbx_align_begin           2 
# 
_struct_ref_seq.align_id                      1 
_struct_ref_seq.ref_id                        1 
_struct_ref_seq.pdbx_PDB_id_code              5F6U 
_struct_ref_seq.pdbx_strand_id                A 
_struct_ref_seq.seq_align_beg                 1 
_struct_ref_seq.pdbx_seq_align_beg_ins_code   ? 
_struct_ref_seq.seq_align_end                 157 
_struct_ref_seq.pdbx_seq_align_end_ins_code   ? 
_struct_ref_seq.pdbx_db_accession             P63279 
_struct_ref_seq.db_align_beg                  2 
_struct_ref_seq.pdbx_db_align_beg_ins_code    ? 
_struct_ref_seq.db_align_end                  158 
_struct_ref_seq.pdbx_db_align_end_ins_code    ? 
_struct_ref_seq.pdbx_auth_seq_align_beg       2 
_struct_ref_seq.pdbx_auth_seq_align_end       158 
# 
loop_
_struct_ref_seq_dif.align_id 
_struct_ref_seq_dif.pdbx_pdb_id_code 
_struct_ref_seq_dif.mon_id 
_struct_ref_seq_dif.pdbx_pdb_strand_id 
_struct_ref_seq_dif.seq_num 
_struct_ref_seq_dif.pdbx_pdb_ins_code 
_struct_ref_seq_dif.pdbx_seq_db_name 
_struct_ref_seq_dif.pdbx_seq_db_accession_code 
_struct_ref_seq_dif.db_mon_id 
_struct_ref_seq_dif.pdbx_seq_db_seq_num 
_struct_ref_seq_dif.details 
_struct_ref_seq_dif.pdbx_auth_seq_num 
_struct_ref_seq_dif.pdbx_ordinal 
1 5F6U ALA A 47 ? UNP P63279 LYS 48 'engineered mutation' 48 1 
1 5F6U ALA A 48 ? UNP P63279 LYS 49 'engineered mutation' 49 2 
1 5F6U ALA A 53 ? UNP P63279 GLU 54 'engineered mutation' 54 3 
# 
loop_
_chem_comp.id 
_chem_comp.type 
_chem_comp.mon_nstd_flag 
_chem_comp.name 
_chem_comp.pdbx_synonyms 
_chem_comp.formula 
_chem_comp.formula_weight 
5VK non-polymer         . 'ethyl 3-[4-(2-hydroxyphenyl)-3-oxidanyl-phenyl]propanoate' ? 'C17 H18 O4'     286.322 
ALA 'L-peptide linking' y ALANINE                                                     ? 'C3 H7 N O2'     89.093  
ARG 'L-peptide linking' y ARGININE                                                    ? 'C6 H15 N4 O2 1' 175.209 
ASN 'L-peptide linking' y ASPARAGINE                                                  ? 'C4 H8 N2 O3'    132.118 
ASP 'L-peptide linking' y 'ASPARTIC ACID'                                             ? 'C4 H7 N O4'     133.103 
CYS 'L-peptide linking' y CYSTEINE                                                    ? 'C3 H7 N O2 S'   121.158 
GLN 'L-peptide linking' y GLUTAMINE                                                   ? 'C5 H10 N2 O3'   146.144 
GLU 'L-peptide linking' y 'GLUTAMIC ACID'                                             ? 'C5 H9 N O4'     147.129 
GLY 'peptide linking'   y GLYCINE                                                     ? 'C2 H5 N O2'     75.067  
HIS 'L-peptide linking' y HISTIDINE                                                   ? 'C6 H10 N3 O2 1' 156.162 
HOH non-polymer         . WATER                                                       ? 'H2 O'           18.015  
ILE 'L-peptide linking' y ISOLEUCINE                                                  ? 'C6 H13 N O2'    131.173 
LEU 'L-peptide linking' y LEUCINE                                                     ? 'C6 H13 N O2'    131.173 
LYS 'L-peptide linking' y LYSINE                                                      ? 'C6 H15 N2 O2 1' 147.195 
MET 'L-peptide linking' y METHIONINE                                                  ? 'C5 H11 N O2 S'  149.211 
PHE 'L-peptide linking' y PHENYLALANINE                                               ? 'C9 H11 N O2'    165.189 
PRO 'L-peptide linking' y PROLINE                                                     ? 'C5 H9 N O2'     115.130 
SER 'L-peptide linking' y SERINE                                                      ? 'C3 H7 N O3'     105.093 
THR 'L-peptide linking' y THREONINE                                                   ? 'C4 H9 N O3'     119.119 
TRP 'L-peptide linking' y TRYPTOPHAN                                                  ? 'C11 H12 N2 O2'  204.225 
TYR 'L-peptide linking' y TYROSINE                                                    ? 'C9 H11 N O3'    181.189 
VAL 'L-peptide linking' y VALINE                                                      ? 'C5 H11 N O2'    117.146 
# 
_exptl.absorpt_coefficient_mu     ? 
_exptl.absorpt_correction_T_max   ? 
_exptl.absorpt_correction_T_min   ? 
_exptl.absorpt_correction_type    ? 
_exptl.absorpt_process_details    ? 
_exptl.entry_id                   5F6U 
_exptl.crystals_number            1 
_exptl.details                    ? 
_exptl.method                     'X-RAY DIFFRACTION' 
_exptl.method_details             ? 
# 
_exptl_crystal.colour                      ? 
_exptl_crystal.density_diffrn              ? 
_exptl_crystal.density_Matthews            2.75 
_exptl_crystal.density_method              ? 
_exptl_crystal.density_percent_sol         55.29 
_exptl_crystal.description                 ? 
_exptl_crystal.F_000                       ? 
_exptl_crystal.id                          1 
_exptl_crystal.preparation                 ? 
_exptl_crystal.size_max                    ? 
_exptl_crystal.size_mid                    ? 
_exptl_crystal.size_min                    ? 
_exptl_crystal.size_rad                    ? 
_exptl_crystal.colour_lustre               ? 
_exptl_crystal.colour_modifier             ? 
_exptl_crystal.colour_primary              ? 
_exptl_crystal.density_meas                ? 
_exptl_crystal.density_meas_esd            ? 
_exptl_crystal.density_meas_gt             ? 
_exptl_crystal.density_meas_lt             ? 
_exptl_crystal.density_meas_temp           ? 
_exptl_crystal.density_meas_temp_esd       ? 
_exptl_crystal.density_meas_temp_gt        ? 
_exptl_crystal.density_meas_temp_lt        ? 
_exptl_crystal.pdbx_crystal_image_url      ? 
_exptl_crystal.pdbx_crystal_image_format   ? 
_exptl_crystal.pdbx_mosaicity              ? 
_exptl_crystal.pdbx_mosaicity_esd          ? 
# 
_exptl_crystal_grow.apparatus       ? 
_exptl_crystal_grow.atmosphere      ? 
_exptl_crystal_grow.crystal_id      1 
_exptl_crystal_grow.details         ? 
_exptl_crystal_grow.method          'VAPOR DIFFUSION, HANGING DROP' 
_exptl_crystal_grow.method_ref      ? 
_exptl_crystal_grow.pH              8.5 
_exptl_crystal_grow.pressure        ? 
_exptl_crystal_grow.pressure_esd    ? 
_exptl_crystal_grow.seeding         ? 
_exptl_crystal_grow.seeding_ref     ? 
_exptl_crystal_grow.temp            294 
_exptl_crystal_grow.temp_details    ? 
_exptl_crystal_grow.temp_esd        ? 
_exptl_crystal_grow.time            ? 
_exptl_crystal_grow.pdbx_details    '0.1M Tris pH 8.5, 8% (w/v) polyethylene glycol' 
_exptl_crystal_grow.pdbx_pH_range   ? 
# 
_diffrn.ambient_environment    ? 
_diffrn.ambient_temp           93 
_diffrn.ambient_temp_details   ? 
_diffrn.ambient_temp_esd       ? 
_diffrn.crystal_id             1 
_diffrn.crystal_support        ? 
_diffrn.crystal_treatment      ? 
_diffrn.details                ? 
_diffrn.id                     1 
_diffrn.ambient_pressure       ? 
_diffrn.ambient_pressure_esd   ? 
_diffrn.ambient_pressure_gt    ? 
_diffrn.ambient_pressure_lt    ? 
_diffrn.ambient_temp_gt        ? 
_diffrn.ambient_temp_lt        ? 
# 
_diffrn_detector.details                      ? 
_diffrn_detector.detector                     CCD 
_diffrn_detector.diffrn_id                    1 
_diffrn_detector.type                         'MARMOSAIC 225 mm CCD' 
_diffrn_detector.area_resol_mean              ? 
_diffrn_detector.dtime                        ? 
_diffrn_detector.pdbx_frames_total            ? 
_diffrn_detector.pdbx_collection_time_total   ? 
_diffrn_detector.pdbx_collection_date         2013-11-23 
# 
_diffrn_radiation.collimation                      ? 
_diffrn_radiation.diffrn_id                        1 
_diffrn_radiation.filter_edge                      ? 
_diffrn_radiation.inhomogeneity                    ? 
_diffrn_radiation.monochromator                    ? 
_diffrn_radiation.polarisn_norm                    ? 
_diffrn_radiation.polarisn_ratio                   ? 
_diffrn_radiation.probe                            ? 
_diffrn_radiation.type                             ? 
_diffrn_radiation.xray_symbol                      ? 
_diffrn_radiation.wavelength_id                    1 
_diffrn_radiation.pdbx_monochromatic_or_laue_m_l   M 
_diffrn_radiation.pdbx_wavelength_list             ? 
_diffrn_radiation.pdbx_wavelength                  ? 
_diffrn_radiation.pdbx_diffrn_protocol             'SINGLE WAVELENGTH' 
_diffrn_radiation.pdbx_analyzer                    ? 
_diffrn_radiation.pdbx_scattering_type             x-ray 
# 
_diffrn_radiation_wavelength.id           1 
_diffrn_radiation_wavelength.wavelength   1.0 
_diffrn_radiation_wavelength.wt           1.0 
# 
_diffrn_source.current                     ? 
_diffrn_source.details                     ? 
_diffrn_source.diffrn_id                   1 
_diffrn_source.power                       ? 
_diffrn_source.size                        ? 
_diffrn_source.source                      SYNCHROTRON 
_diffrn_source.target                      ? 
_diffrn_source.type                        'APS BEAMLINE 22-BM' 
_diffrn_source.voltage                     ? 
_diffrn_source.take-off_angle              ? 
_diffrn_source.pdbx_wavelength_list        1.0 
_diffrn_source.pdbx_wavelength             ? 
_diffrn_source.pdbx_synchrotron_beamline   22-BM 
_diffrn_source.pdbx_synchrotron_site       APS 
# 
_reflns.B_iso_Wilson_estimate            ? 
_reflns.entry_id                         5F6U 
_reflns.data_reduction_details           ? 
_reflns.data_reduction_method            ? 
_reflns.d_resolution_high                1.55 
_reflns.d_resolution_low                 50 
_reflns.details                          ? 
_reflns.limit_h_max                      ? 
_reflns.limit_h_min                      ? 
_reflns.limit_k_max                      ? 
_reflns.limit_k_min                      ? 
_reflns.limit_l_max                      ? 
_reflns.limit_l_min                      ? 
_reflns.number_all                       ? 
_reflns.number_obs                       27243 
_reflns.observed_criterion               ? 
_reflns.observed_criterion_F_max         ? 
_reflns.observed_criterion_F_min         ? 
_reflns.observed_criterion_I_max         ? 
_reflns.observed_criterion_I_min         ? 
_reflns.observed_criterion_sigma_F       ? 
_reflns.observed_criterion_sigma_I       ? 
_reflns.percent_possible_obs             96.2 
_reflns.R_free_details                   ? 
_reflns.Rmerge_F_all                     ? 
_reflns.Rmerge_F_obs                     ? 
_reflns.Friedel_coverage                 ? 
_reflns.number_gt                        ? 
_reflns.threshold_expression             ? 
_reflns.pdbx_redundancy                  3.6 
_reflns.pdbx_Rmerge_I_obs                0.047 
_reflns.pdbx_Rmerge_I_all                ? 
_reflns.pdbx_Rsym_value                  ? 
_reflns.pdbx_netI_over_av_sigmaI         ? 
_reflns.pdbx_netI_over_sigmaI            29.1 
_reflns.pdbx_res_netI_over_av_sigmaI_2   ? 
_reflns.pdbx_res_netI_over_sigmaI_2      ? 
_reflns.pdbx_chi_squared                 ? 
_reflns.pdbx_scaling_rejects             ? 
_reflns.pdbx_d_res_high_opt              ? 
_reflns.pdbx_d_res_low_opt               ? 
_reflns.pdbx_d_res_opt_method            ? 
_reflns.phase_calculation_details        ? 
_reflns.pdbx_Rrim_I_all                  ? 
_reflns.pdbx_Rpim_I_all                  ? 
_reflns.pdbx_d_opt                       ? 
_reflns.pdbx_number_measured_all         ? 
_reflns.pdbx_diffrn_id                   1 
_reflns.pdbx_ordinal                     1 
_reflns.pdbx_CC_half                     ? 
_reflns.pdbx_R_split                     ? 
# 
_reflns_shell.d_res_high                  1.55 
_reflns_shell.d_res_low                   1.59 
_reflns_shell.meanI_over_sigI_all         ? 
_reflns_shell.meanI_over_sigI_obs         3.1 
_reflns_shell.number_measured_all         ? 
_reflns_shell.number_measured_obs         ? 
_reflns_shell.number_possible             ? 
_reflns_shell.number_unique_all           ? 
_reflns_shell.number_unique_obs           ? 
_reflns_shell.percent_possible_all        72.8 
_reflns_shell.percent_possible_obs        ? 
_reflns_shell.Rmerge_F_all                ? 
_reflns_shell.Rmerge_F_obs                ? 
_reflns_shell.Rmerge_I_all                ? 
_reflns_shell.Rmerge_I_obs                0.284 
_reflns_shell.meanI_over_sigI_gt          ? 
_reflns_shell.meanI_over_uI_all           ? 
_reflns_shell.meanI_over_uI_gt            ? 
_reflns_shell.number_measured_gt          ? 
_reflns_shell.number_unique_gt            ? 
_reflns_shell.percent_possible_gt         ? 
_reflns_shell.Rmerge_F_gt                 ? 
_reflns_shell.Rmerge_I_gt                 ? 
_reflns_shell.pdbx_redundancy             3.6 
_reflns_shell.pdbx_Rsym_value             ? 
_reflns_shell.pdbx_chi_squared            ? 
_reflns_shell.pdbx_netI_over_sigmaI_all   ? 
_reflns_shell.pdbx_netI_over_sigmaI_obs   ? 
_reflns_shell.pdbx_Rrim_I_all             ? 
_reflns_shell.pdbx_Rpim_I_all             ? 
_reflns_shell.pdbx_rejects                ? 
_reflns_shell.pdbx_ordinal                1 
_reflns_shell.pdbx_diffrn_id              1 
_reflns_shell.pdbx_CC_half                ? 
_reflns_shell.pdbx_R_split                ? 
# 
_refine.aniso_B[1][1]                            ? 
_refine.aniso_B[1][2]                            ? 
_refine.aniso_B[1][3]                            ? 
_refine.aniso_B[2][2]                            ? 
_refine.aniso_B[2][3]                            ? 
_refine.aniso_B[3][3]                            ? 
_refine.B_iso_max                                ? 
_refine.B_iso_mean                               ? 
_refine.B_iso_min                                ? 
_refine.correlation_coeff_Fo_to_Fc               ? 
_refine.correlation_coeff_Fo_to_Fc_free          ? 
_refine.details                                  ? 
_refine.diff_density_max                         ? 
_refine.diff_density_max_esd                     ? 
_refine.diff_density_min                         ? 
_refine.diff_density_min_esd                     ? 
_refine.diff_density_rms                         ? 
_refine.diff_density_rms_esd                     ? 
_refine.entry_id                                 5F6U 
_refine.pdbx_refine_id                           'X-RAY DIFFRACTION' 
_refine.ls_abs_structure_details                 ? 
_refine.ls_abs_structure_Flack                   ? 
_refine.ls_abs_structure_Flack_esd               ? 
_refine.ls_abs_structure_Rogers                  ? 
_refine.ls_abs_structure_Rogers_esd              ? 
_refine.ls_d_res_high                            1.552 
_refine.ls_d_res_low                             26.964 
_refine.ls_extinction_coef                       ? 
_refine.ls_extinction_coef_esd                   ? 
_refine.ls_extinction_expression                 ? 
_refine.ls_extinction_method                     ? 
_refine.ls_goodness_of_fit_all                   ? 
_refine.ls_goodness_of_fit_all_esd               ? 
_refine.ls_goodness_of_fit_obs                   ? 
_refine.ls_goodness_of_fit_obs_esd               ? 
_refine.ls_hydrogen_treatment                    ? 
_refine.ls_matrix_type                           ? 
_refine.ls_number_constraints                    ? 
_refine.ls_number_parameters                     ? 
_refine.ls_number_reflns_all                     ? 
_refine.ls_number_reflns_obs                     27234 
_refine.ls_number_reflns_R_free                  2000 
_refine.ls_number_reflns_R_work                  ? 
_refine.ls_number_restraints                     ? 
_refine.ls_percent_reflns_obs                    96.63 
_refine.ls_percent_reflns_R_free                 7.34 
_refine.ls_R_factor_all                          ? 
_refine.ls_R_factor_obs                          0.1776 
_refine.ls_R_factor_R_free                       0.2030 
_refine.ls_R_factor_R_free_error                 ? 
_refine.ls_R_factor_R_free_error_details         ? 
_refine.ls_R_factor_R_work                       0.1755 
_refine.ls_R_Fsqd_factor_obs                     ? 
_refine.ls_R_I_factor_obs                        ? 
_refine.ls_redundancy_reflns_all                 ? 
_refine.ls_redundancy_reflns_obs                 ? 
_refine.ls_restrained_S_all                      ? 
_refine.ls_restrained_S_obs                      ? 
_refine.ls_shift_over_esd_max                    ? 
_refine.ls_shift_over_esd_mean                   ? 
_refine.ls_structure_factor_coef                 ? 
_refine.ls_weighting_details                     ? 
_refine.ls_weighting_scheme                      ? 
_refine.ls_wR_factor_all                         ? 
_refine.ls_wR_factor_obs                         ? 
_refine.ls_wR_factor_R_free                      ? 
_refine.ls_wR_factor_R_work                      ? 
_refine.occupancy_max                            ? 
_refine.occupancy_min                            ? 
_refine.solvent_model_details                    'FLAT BULK SOLVENT MODEL' 
_refine.solvent_model_param_bsol                 ? 
_refine.solvent_model_param_ksol                 ? 
_refine.ls_R_factor_gt                           ? 
_refine.ls_goodness_of_fit_gt                    ? 
_refine.ls_goodness_of_fit_ref                   ? 
_refine.ls_shift_over_su_max                     ? 
_refine.ls_shift_over_su_max_lt                  ? 
_refine.ls_shift_over_su_mean                    ? 
_refine.ls_shift_over_su_mean_lt                 ? 
_refine.pdbx_ls_sigma_I                          ? 
_refine.pdbx_ls_sigma_F                          1.34 
_refine.pdbx_ls_sigma_Fsqd                       ? 
_refine.pdbx_data_cutoff_high_absF               ? 
_refine.pdbx_data_cutoff_high_rms_absF           ? 
_refine.pdbx_data_cutoff_low_absF                ? 
_refine.pdbx_isotropic_thermal_model             ? 
_refine.pdbx_ls_cross_valid_method               'FREE R-VALUE' 
_refine.pdbx_method_to_determine_struct          'MOLECULAR REPLACEMENT' 
_refine.pdbx_starting_model                      1U9B 
_refine.pdbx_stereochemistry_target_values       ML 
_refine.pdbx_R_Free_selection_details            ? 
_refine.pdbx_stereochem_target_val_spec_case     ? 
_refine.pdbx_overall_ESU_R                       ? 
_refine.pdbx_overall_ESU_R_Free                  ? 
_refine.pdbx_solvent_vdw_probe_radii             1.11 
_refine.pdbx_solvent_ion_probe_radii             ? 
_refine.pdbx_solvent_shrinkage_radii             0.90 
_refine.pdbx_real_space_R                        ? 
_refine.pdbx_density_correlation                 ? 
_refine.pdbx_pd_number_of_powder_patterns        ? 
_refine.pdbx_pd_number_of_points                 ? 
_refine.pdbx_pd_meas_number_of_points            ? 
_refine.pdbx_pd_proc_ls_prof_R_factor            ? 
_refine.pdbx_pd_proc_ls_prof_wR_factor           ? 
_refine.pdbx_pd_Marquardt_correlation_coeff      ? 
_refine.pdbx_pd_Fsqrd_R_factor                   ? 
_refine.pdbx_pd_ls_matrix_band_width             ? 
_refine.pdbx_overall_phase_error                 20.82 
_refine.pdbx_overall_SU_R_free_Cruickshank_DPI   ? 
_refine.pdbx_overall_SU_R_free_Blow_DPI          ? 
_refine.pdbx_overall_SU_R_Blow_DPI               ? 
_refine.pdbx_TLS_residual_ADP_flag               ? 
_refine.pdbx_diffrn_id                           1 
_refine.overall_SU_B                             ? 
_refine.overall_SU_ML                            0.15 
_refine.overall_SU_R_Cruickshank_DPI             ? 
_refine.overall_SU_R_free                        ? 
_refine.overall_FOM_free_R_set                   ? 
_refine.overall_FOM_work_R_set                   ? 
_refine.pdbx_average_fsc_overall                 ? 
_refine.pdbx_average_fsc_work                    ? 
_refine.pdbx_average_fsc_free                    ? 
# 
_refine_hist.pdbx_refine_id                   'X-RAY DIFFRACTION' 
_refine_hist.cycle_id                         LAST 
_refine_hist.pdbx_number_atoms_protein        1241 
_refine_hist.pdbx_number_atoms_nucleic_acid   0 
_refine_hist.pdbx_number_atoms_ligand         21 
_refine_hist.number_atoms_solvent             239 
_refine_hist.number_atoms_total               1501 
_refine_hist.d_res_high                       1.552 
_refine_hist.d_res_low                        26.964 
# 
loop_
_refine_ls_restr.pdbx_refine_id 
_refine_ls_restr.criterion 
_refine_ls_restr.dev_ideal 
_refine_ls_restr.dev_ideal_target 
_refine_ls_restr.number 
_refine_ls_restr.rejects 
_refine_ls_restr.type 
_refine_ls_restr.weight 
_refine_ls_restr.pdbx_restraint_function 
'X-RAY DIFFRACTION' ? 0.006  ? 1459 ? f_bond_d           ? ? 
'X-RAY DIFFRACTION' ? 1.173  ? 2014 ? f_angle_d          ? ? 
'X-RAY DIFFRACTION' ? 12.947 ? 593  ? f_dihedral_angle_d ? ? 
'X-RAY DIFFRACTION' ? 0.080  ? 205  ? f_chiral_restr     ? ? 
'X-RAY DIFFRACTION' ? 0.007  ? 272  ? f_plane_restr      ? ? 
# 
loop_
_refine_ls_shell.pdbx_refine_id 
_refine_ls_shell.d_res_high 
_refine_ls_shell.d_res_low 
_refine_ls_shell.number_reflns_all 
_refine_ls_shell.number_reflns_obs 
_refine_ls_shell.number_reflns_R_free 
_refine_ls_shell.number_reflns_R_work 
_refine_ls_shell.percent_reflns_obs 
_refine_ls_shell.percent_reflns_R_free 
_refine_ls_shell.R_factor_all 
_refine_ls_shell.R_factor_obs 
_refine_ls_shell.R_factor_R_free 
_refine_ls_shell.R_factor_R_free_error 
_refine_ls_shell.R_factor_R_work 
_refine_ls_shell.redundancy_reflns_all 
_refine_ls_shell.redundancy_reflns_obs 
_refine_ls_shell.wR_factor_all 
_refine_ls_shell.wR_factor_obs 
_refine_ls_shell.wR_factor_R_free 
_refine_ls_shell.wR_factor_R_work 
_refine_ls_shell.pdbx_total_number_of_bins_used 
_refine_ls_shell.pdbx_phase_error 
_refine_ls_shell.pdbx_fsc_work 
_refine_ls_shell.pdbx_fsc_free 
'X-RAY DIFFRACTION' 1.5523 1.5911  . . 125 1501 82.00 . . . 0.2701 . 0.2379 . . . . . . . . . . 
'X-RAY DIFFRACTION' 1.5911 1.6342  . . 125 1742 93.00 . . . 0.2620 . 0.2084 . . . . . . . . . . 
'X-RAY DIFFRACTION' 1.6342 1.6822  . . 151 1769 96.00 . . . 0.2594 . 0.1900 . . . . . . . . . . 
'X-RAY DIFFRACTION' 1.6822 1.7365  . . 132 1818 98.00 . . . 0.2305 . 0.1915 . . . . . . . . . . 
'X-RAY DIFFRACTION' 1.7365 1.7986  . . 150 1781 97.00 . . . 0.2145 . 0.1839 . . . . . . . . . . 
'X-RAY DIFFRACTION' 1.7986 1.8706  . . 137 1835 98.00 . . . 0.2079 . 0.1781 . . . . . . . . . . 
'X-RAY DIFFRACTION' 1.8706 1.9557  . . 154 1810 99.00 . . . 0.2070 . 0.1719 . . . . . . . . . . 
'X-RAY DIFFRACTION' 1.9557 2.0587  . . 139 1830 98.00 . . . 0.1948 . 0.1762 . . . . . . . . . . 
'X-RAY DIFFRACTION' 2.0587 2.1877  . . 145 1831 98.00 . . . 0.2040 . 0.1736 . . . . . . . . . . 
'X-RAY DIFFRACTION' 2.1877 2.3565  . . 147 1839 98.00 . . . 0.2149 . 0.1843 . . . . . . . . . . 
'X-RAY DIFFRACTION' 2.3565 2.5935  . . 154 1815 98.00 . . . 0.2400 . 0.1800 . . . . . . . . . . 
'X-RAY DIFFRACTION' 2.5935 2.9683  . . 139 1898 99.00 . . . 0.2325 . 0.1842 . . . . . . . . . . 
'X-RAY DIFFRACTION' 2.9683 3.7382  . . 149 1848 99.00 . . . 0.1765 . 0.1598 . . . . . . . . . . 
'X-RAY DIFFRACTION' 3.7382 26.9681 . . 153 1917 98.00 . . . 0.1593 . 0.1602 . . . . . . . . . . 
# 
_struct.entry_id                     5F6U 
_struct.title                        'Crystal Structure of Ubc9 (K48A/K49A/E54A) complexed with Fragment 8 (JSS190B146)' 
_struct.pdbx_model_details           ? 
_struct.pdbx_formula_weight          ? 
_struct.pdbx_formula_weight_method   ? 
_struct.pdbx_model_type_details      ? 
_struct.pdbx_CASP_flag               ? 
# 
_struct_keywords.entry_id        5F6U 
_struct_keywords.text            'Ubc9, sumoylation, Drug Discovery, LIGASE-LIGASE inhibitor complex' 
_struct_keywords.pdbx_keywords   'LIGASE/LIGASE inhibitor' 
# 
loop_
_struct_asym.id 
_struct_asym.pdbx_blank_PDB_chainid_flag 
_struct_asym.pdbx_modified 
_struct_asym.entity_id 
_struct_asym.details 
A N N 1 ? 
B N N 2 ? 
C N N 3 ? 
# 
loop_
_struct_conf.conf_type_id 
_struct_conf.id 
_struct_conf.pdbx_PDB_helix_id 
_struct_conf.beg_label_comp_id 
_struct_conf.beg_label_asym_id 
_struct_conf.beg_label_seq_id 
_struct_conf.pdbx_beg_PDB_ins_code 
_struct_conf.end_label_comp_id 
_struct_conf.end_label_asym_id 
_struct_conf.end_label_seq_id 
_struct_conf.pdbx_end_PDB_ins_code 
_struct_conf.beg_auth_comp_id 
_struct_conf.beg_auth_asym_id 
_struct_conf.beg_auth_seq_id 
_struct_conf.end_auth_comp_id 
_struct_conf.end_auth_asym_id 
_struct_conf.end_auth_seq_id 
_struct_conf.pdbx_PDB_helix_class 
_struct_conf.details 
_struct_conf.pdbx_PDB_helix_length 
HELX_P HELX_P1 AA1 SER A 1   ? ASP A 18  ? SER A 2   ASP A 19  1 ? 18 
HELX_P HELX_P2 AA2 LEU A 93  ? GLU A 97  ? LEU A 94  GLU A 98  5 ? 5  
HELX_P HELX_P3 AA3 THR A 107 ? GLU A 121 ? THR A 108 GLU A 122 1 ? 15 
HELX_P HELX_P4 AA4 GLN A 129 ? ASN A 139 ? GLN A 130 ASN A 140 1 ? 11 
HELX_P HELX_P5 AA5 ASN A 139 ? PHE A 154 ? ASN A 140 PHE A 155 1 ? 16 
# 
_struct_conf_type.id          HELX_P 
_struct_conf_type.criteria    ? 
_struct_conf_type.reference   ? 
# 
loop_
_struct_mon_prot_cis.pdbx_id 
_struct_mon_prot_cis.label_comp_id 
_struct_mon_prot_cis.label_seq_id 
_struct_mon_prot_cis.label_asym_id 
_struct_mon_prot_cis.label_alt_id 
_struct_mon_prot_cis.pdbx_PDB_ins_code 
_struct_mon_prot_cis.auth_comp_id 
_struct_mon_prot_cis.auth_seq_id 
_struct_mon_prot_cis.auth_asym_id 
_struct_mon_prot_cis.pdbx_label_comp_id_2 
_struct_mon_prot_cis.pdbx_label_seq_id_2 
_struct_mon_prot_cis.pdbx_label_asym_id_2 
_struct_mon_prot_cis.pdbx_PDB_ins_code_2 
_struct_mon_prot_cis.pdbx_auth_comp_id_2 
_struct_mon_prot_cis.pdbx_auth_seq_id_2 
_struct_mon_prot_cis.pdbx_auth_asym_id_2 
_struct_mon_prot_cis.pdbx_PDB_model_num 
_struct_mon_prot_cis.pdbx_omega_angle 
1 TYR 67 A . ? TYR 68 A PRO 68 A ? PRO 69 A 1 6.53 
2 GLU 77 A . ? GLU 78 A PRO 78 A ? PRO 79 A 1 3.93 
3 GLU 77 A . ? GLU 78 A PRO 78 A ? PRO 79 A 1 3.22 
# 
_struct_sheet.id               AA1 
_struct_sheet.type             ? 
_struct_sheet.number_strands   4 
_struct_sheet.details          ? 
# 
loop_
_struct_sheet_order.sheet_id 
_struct_sheet_order.range_id_1 
_struct_sheet_order.range_id_2 
_struct_sheet_order.offset 
_struct_sheet_order.sense 
AA1 1 2 ? anti-parallel 
AA1 2 3 ? anti-parallel 
AA1 3 4 ? anti-parallel 
# 
loop_
_struct_sheet_range.sheet_id 
_struct_sheet_range.id 
_struct_sheet_range.beg_label_comp_id 
_struct_sheet_range.beg_label_asym_id 
_struct_sheet_range.beg_label_seq_id 
_struct_sheet_range.pdbx_beg_PDB_ins_code 
_struct_sheet_range.end_label_comp_id 
_struct_sheet_range.end_label_asym_id 
_struct_sheet_range.end_label_seq_id 
_struct_sheet_range.pdbx_end_PDB_ins_code 
_struct_sheet_range.beg_auth_comp_id 
_struct_sheet_range.beg_auth_asym_id 
_struct_sheet_range.beg_auth_seq_id 
_struct_sheet_range.end_auth_comp_id 
_struct_sheet_range.end_auth_asym_id 
_struct_sheet_range.end_auth_seq_id 
AA1 1 VAL A 24 ? LYS A 29 ? VAL A 25 LYS A 30 
AA1 2 MET A 35 ? PRO A 45 ? MET A 36 PRO A 46 
AA1 3 LEU A 56 ? LEU A 62 ? LEU A 57 LEU A 63 
AA1 4 LYS A 73 ? PHE A 76 ? LYS A 74 PHE A 77 
# 
loop_
_pdbx_struct_sheet_hbond.sheet_id 
_pdbx_struct_sheet_hbond.range_id_1 
_pdbx_struct_sheet_hbond.range_id_2 
_pdbx_struct_sheet_hbond.range_1_label_atom_id 
_pdbx_struct_sheet_hbond.range_1_label_comp_id 
_pdbx_struct_sheet_hbond.range_1_label_asym_id 
_pdbx_struct_sheet_hbond.range_1_label_seq_id 
_pdbx_struct_sheet_hbond.range_1_PDB_ins_code 
_pdbx_struct_sheet_hbond.range_1_auth_atom_id 
_pdbx_struct_sheet_hbond.range_1_auth_comp_id 
_pdbx_struct_sheet_hbond.range_1_auth_asym_id 
_pdbx_struct_sheet_hbond.range_1_auth_seq_id 
_pdbx_struct_sheet_hbond.range_2_label_atom_id 
_pdbx_struct_sheet_hbond.range_2_label_comp_id 
_pdbx_struct_sheet_hbond.range_2_label_asym_id 
_pdbx_struct_sheet_hbond.range_2_label_seq_id 
_pdbx_struct_sheet_hbond.range_2_PDB_ins_code 
_pdbx_struct_sheet_hbond.range_2_auth_atom_id 
_pdbx_struct_sheet_hbond.range_2_auth_comp_id 
_pdbx_struct_sheet_hbond.range_2_auth_asym_id 
_pdbx_struct_sheet_hbond.range_2_auth_seq_id 
AA1 1 2 N THR A 28 ? N THR A 29 O ASN A 36 ? O ASN A 37 
AA1 2 3 N ILE A 44 ? N ILE A 45 O PHE A 57 ? O PHE A 58 
AA1 3 4 N LEU A 62 ? N LEU A 63 O LYS A 73 ? O LYS A 74 
# 
_struct_site.id                   AC1 
_struct_site.pdbx_evidence_code   Software 
_struct_site.pdbx_auth_asym_id    A 
_struct_site.pdbx_auth_comp_id    5VK 
_struct_site.pdbx_auth_seq_id     201 
_struct_site.pdbx_auth_ins_code   ? 
_struct_site.pdbx_num_residues    9 
_struct_site.details              'binding site for residue 5VK A 201' 
# 
loop_
_struct_site_gen.id 
_struct_site_gen.site_id 
_struct_site_gen.pdbx_num_res 
_struct_site_gen.label_comp_id 
_struct_site_gen.label_asym_id 
_struct_site_gen.label_seq_id 
_struct_site_gen.pdbx_auth_ins_code 
_struct_site_gen.auth_comp_id 
_struct_site_gen.auth_asym_id 
_struct_site_gen.auth_seq_id 
_struct_site_gen.label_atom_id 
_struct_site_gen.label_alt_id 
_struct_site_gen.symmetry 
_struct_site_gen.details 
1 AC1 9 VAL A 24 ? VAL A 25  . ? 1_555 ? 
2 AC1 9 VAL A 26 ? VAL A 27  . ? 1_555 ? 
3 AC1 9 CYS A 42 ? CYS A 43  . ? 1_555 ? 
4 AC1 9 LYS A 58 ? LYS A 59  . ? 1_555 ? 
5 AC1 9 LEU A 59 ? LEU A 60  . ? 1_555 ? 
6 AC1 9 ARG A 60 ? ARG A 61  . ? 1_555 ? 
7 AC1 9 GLU A 77 ? GLU A 78  . ? 1_555 ? 
8 AC1 9 HOH C .  ? HOH A 414 . ? 1_555 ? 
9 AC1 9 HOH C .  ? HOH A 426 . ? 1_555 ? 
# 
_atom_sites.entry_id                    5F6U 
_atom_sites.fract_transf_matrix[1][1]   -0.00205643 
_atom_sites.fract_transf_matrix[1][2]   -0.02109927 
_atom_sites.fract_transf_matrix[1][3]   -0.00135681 
_atom_sites.fract_transf_matrix[2][1]   0.02209476 
_atom_sites.fract_transf_matrix[2][2]   -0.00324295 
_atom_sites.fract_transf_matrix[2][3]   0.01694232 
_atom_sites.fract_transf_matrix[3][1]   -0.01113026 
_atom_sites.fract_transf_matrix[3][2]   -0.00669588 
_atom_sites.fract_transf_matrix[3][3]   0.01323349 
_atom_sites.fract_transf_vector[1]      -0.152816 
_atom_sites.fract_transf_vector[2]      0.229110 
_atom_sites.fract_transf_vector[3]      -0.376015 
# 
loop_
_atom_type.symbol 
C 
N 
O 
S 
# 
loop_
_atom_site.group_PDB 
_atom_site.id 
_atom_site.type_symbol 
_atom_site.label_atom_id 
_atom_site.label_alt_id 
_atom_site.label_comp_id 
_atom_site.label_asym_id 
_atom_site.label_entity_id 
_atom_site.label_seq_id 
_atom_site.pdbx_PDB_ins_code 
_atom_site.Cartn_x 
_atom_site.Cartn_y 
_atom_site.Cartn_z 
_atom_site.occupancy 
_atom_site.B_iso_or_equiv 
_atom_site.pdbx_formal_charge 
_atom_site.auth_seq_id 
_atom_site.auth_comp_id 
_atom_site.auth_asym_id 
_atom_site.auth_atom_id 
_atom_site.pdbx_PDB_model_num 
ATOM   1    N N   . SER A 1 1   ? 13.195  5.980   -17.680 1.00 38.37 ? 2   SER A N   1 
ATOM   2    C CA  . SER A 1 1   ? 12.314  5.264   -18.599 1.00 40.91 ? 2   SER A CA  1 
ATOM   3    C C   . SER A 1 1   ? 11.140  6.131   -19.049 1.00 26.53 ? 2   SER A C   1 
ATOM   4    O O   . SER A 1 1   ? 10.246  6.438   -18.250 1.00 19.44 ? 2   SER A O   1 
ATOM   5    C CB  . SER A 1 1   ? 11.790  3.978   -17.950 1.00 28.72 ? 2   SER A CB  1 
ATOM   6    O OG  . SER A 1 1   ? 10.679  3.462   -18.670 1.00 28.15 ? 2   SER A OG  1 
ATOM   7    N N   . GLY A 1 2   ? 11.142  6.517   -20.324 1.00 21.34 ? 3   GLY A N   1 
ATOM   8    C CA  . GLY A 1 2   ? 10.088  7.354   -20.875 1.00 23.92 ? 3   GLY A CA  1 
ATOM   9    C C   . GLY A 1 2   ? 8.690   6.778   -20.730 1.00 16.61 ? 3   GLY A C   1 
ATOM   10   O O   . GLY A 1 2   ? 7.737   7.505   -20.445 1.00 16.01 ? 3   GLY A O   1 
ATOM   11   N N   . ILE A 1 3   ? 8.559   5.472   -20.937 1.00 15.33 ? 4   ILE A N   1 
ATOM   12   C CA  . ILE A 1 3   ? 7.260   4.821   -20.824 1.00 10.75 ? 4   ILE A CA  1 
ATOM   13   C C   . ILE A 1 3   ? 6.737   4.918   -19.386 1.00 9.69  ? 4   ILE A C   1 
ATOM   14   O O   . ILE A 1 3   ? 5.595   5.327   -19.170 1.00 14.63 ? 4   ILE A O   1 
ATOM   15   C CB  . ILE A 1 3   ? 7.344   3.351   -21.289 1.00 13.58 ? 4   ILE A CB  1 
ATOM   16   C CG1 . ILE A 1 3   ? 7.661   3.307   -22.791 1.00 14.70 ? 4   ILE A CG1 1 
ATOM   17   C CG2 . ILE A 1 3   ? 6.043   2.617   -21.004 1.00 17.85 ? 4   ILE A CG2 1 
ATOM   18   C CD1 . ILE A 1 3   ? 7.973   1.926   -23.312 1.00 17.36 ? 4   ILE A CD1 1 
ATOM   19   N N   . ALA A 1 4   ? 7.583   4.579   -18.418 1.00 12.90 ? 5   ALA A N   1 
ATOM   20   C CA  . ALA A 1 4   ? 7.177   4.639   -17.015 1.00 10.92 ? 5   ALA A CA  1 
ATOM   21   C C   . ALA A 1 4   ? 6.853   6.065   -16.612 1.00 12.85 ? 5   ALA A C   1 
ATOM   22   O O   . ALA A 1 4   ? 5.819   6.318   -15.992 1.00 11.42 ? 5   ALA A O   1 
ATOM   23   C CB  . ALA A 1 4   ? 8.257   4.062   -16.116 1.00 13.46 ? 5   ALA A CB  1 
ATOM   24   N N   . LEU A 1 5   ? 7.733   6.996   -16.967 1.00 13.78 ? 6   LEU A N   1 
ATOM   25   C CA  . LEU A 1 5   ? 7.555   8.385   -16.546 1.00 13.22 ? 6   LEU A CA  1 
ATOM   26   C C   . LEU A 1 5   ? 6.313   9.033   -17.148 1.00 17.27 ? 6   LEU A C   1 
ATOM   27   O O   . LEU A 1 5   ? 5.646   9.844   -16.499 1.00 14.43 ? 6   LEU A O   1 
ATOM   28   C CB  . LEU A 1 5   ? 8.809   9.211   -16.839 1.00 14.06 ? 6   LEU A CB  1 
ATOM   29   C CG  . LEU A 1 5   ? 10.027  8.855   -15.989 1.00 16.70 ? 6   LEU A CG  1 
ATOM   30   C CD1 . LEU A 1 5   ? 11.271  9.587   -16.484 1.00 21.95 ? 6   LEU A CD1 1 
ATOM   31   C CD2 . LEU A 1 5   ? 9.777   9.149   -14.509 1.00 19.32 ? 6   LEU A CD2 1 
ATOM   32   N N   A SER A 1 6   ? 6.008   8.670   -18.388 0.31 13.73 ? 7   SER A N   1 
ATOM   33   N N   B SER A 1 6   ? 5.997   8.679   -18.392 0.41 13.70 ? 7   SER A N   1 
ATOM   34   N N   C SER A 1 6   ? 5.981   8.676   -18.387 0.28 13.73 ? 7   SER A N   1 
ATOM   35   C CA  A SER A 1 6   ? 4.814   9.179   -19.042 0.31 14.85 ? 7   SER A CA  1 
ATOM   36   C CA  B SER A 1 6   ? 4.793   9.201   -19.033 0.41 14.84 ? 7   SER A CA  1 
ATOM   37   C CA  C SER A 1 6   ? 4.782   9.230   -19.014 0.28 14.84 ? 7   SER A CA  1 
ATOM   38   C C   A SER A 1 6   ? 3.576   8.708   -18.298 0.31 13.49 ? 7   SER A C   1 
ATOM   39   C C   B SER A 1 6   ? 3.546   8.705   -18.310 0.41 13.44 ? 7   SER A C   1 
ATOM   40   C C   C SER A 1 6   ? 3.525   8.702   -18.332 0.28 13.46 ? 7   SER A C   1 
ATOM   41   O O   A SER A 1 6   ? 2.693   9.503   -17.986 0.31 14.72 ? 7   SER A O   1 
ATOM   42   O O   B SER A 1 6   ? 2.625   9.471   -18.039 0.41 14.74 ? 7   SER A O   1 
ATOM   43   O O   C SER A 1 6   ? 2.569   9.444   -18.115 0.28 14.77 ? 7   SER A O   1 
ATOM   44   C CB  A SER A 1 6   ? 4.783   8.729   -20.499 0.31 16.06 ? 7   SER A CB  1 
ATOM   45   C CB  B SER A 1 6   ? 4.752   8.800   -20.507 0.41 16.04 ? 7   SER A CB  1 
ATOM   46   C CB  C SER A 1 6   ? 4.752   8.920   -20.509 0.28 16.03 ? 7   SER A CB  1 
ATOM   47   O OG  A SER A 1 6   ? 5.957   9.141   -21.176 0.31 18.96 ? 7   SER A OG  1 
ATOM   48   O OG  B SER A 1 6   ? 3.600   9.322   -21.145 0.41 16.42 ? 7   SER A OG  1 
ATOM   49   O OG  C SER A 1 6   ? 4.493   7.546   -20.740 0.28 20.02 ? 7   SER A OG  1 
ATOM   50   N N   . ARG A 1 7   ? 3.528   7.416   -17.993 1.00 11.41 ? 8   ARG A N   1 
ATOM   51   C CA  . ARG A 1 7   ? 2.397   6.830   -17.282 1.00 10.30 ? 8   ARG A CA  1 
ATOM   52   C C   . ARG A 1 7   ? 2.289   7.406   -15.868 1.00 10.94 ? 8   ARG A C   1 
ATOM   53   O O   . ARG A 1 7   ? 1.196   7.700   -15.403 1.00 11.62 ? 8   ARG A O   1 
ATOM   54   C CB  . ARG A 1 7   ? 2.487   5.302   -17.243 1.00 9.72  ? 8   ARG A CB  1 
ATOM   55   C CG  . ARG A 1 7   ? 1.444   4.654   -16.321 1.00 11.55 ? 8   ARG A CG  1 
ATOM   56   C CD  . ARG A 1 7   ? 0.000   4.850   -16.785 1.00 12.23 ? 8   ARG A CD  1 
ATOM   57   N NE  . ARG A 1 7   ? -0.872  4.166   -15.837 1.00 14.70 ? 8   ARG A NE  1 
ATOM   58   C CZ  . ARG A 1 7   ? -1.147  2.869   -15.903 1.00 13.91 ? 8   ARG A CZ  1 
ATOM   59   N NH1 . ARG A 1 7   ? -0.659  2.142   -16.902 1.00 12.49 ? 8   ARG A NH1 1 
ATOM   60   N NH2 . ARG A 1 7   ? -1.918  2.307   -14.973 1.00 16.52 ? 8   ARG A NH2 1 
ATOM   61   N N   . LEU A 1 8   ? 3.420   7.592   -15.200 1.00 11.86 ? 9   LEU A N   1 
ATOM   62   C CA  . LEU A 1 8   ? 3.380   8.117   -13.830 1.00 8.34  ? 9   LEU A CA  1 
ATOM   63   C C   . LEU A 1 8   ? 2.917   9.571   -13.777 1.00 12.65 ? 9   LEU A C   1 
ATOM   64   O O   . LEU A 1 8   ? 2.250   9.973   -12.817 1.00 12.63 ? 9   LEU A O   1 
ATOM   65   C CB  . LEU A 1 8   ? 4.721   7.932   -13.121 1.00 11.25 ? 9   LEU A CB  1 
ATOM   66   C CG  . LEU A 1 8   ? 5.016   6.466   -12.799 1.00 10.20 ? 9   LEU A CG  1 
ATOM   67   C CD1 . LEU A 1 8   ? 6.490   6.201   -12.590 1.00 13.20 ? 9   LEU A CD1 1 
ATOM   68   C CD2 . LEU A 1 8   ? 4.210   5.997   -11.595 1.00 11.26 ? 9   LEU A CD2 1 
ATOM   69   N N   . ALA A 1 9   ? 3.241   10.350  -14.809 1.00 11.59 ? 10  ALA A N   1 
ATOM   70   C CA  . ALA A 1 9   ? 2.703   11.711  -14.912 1.00 15.50 ? 10  ALA A CA  1 
ATOM   71   C C   . ALA A 1 9   ? 1.184   11.675  -15.076 1.00 14.16 ? 10  ALA A C   1 
ATOM   72   O O   . ALA A 1 9   ? 0.464   12.503  -14.504 1.00 13.46 ? 10  ALA A O   1 
ATOM   73   C CB  . ALA A 1 9   ? 3.337   12.445  -16.077 1.00 15.91 ? 10  ALA A CB  1 
ATOM   74   N N   A GLN A 1 10  ? 0.700   10.718  -15.869 0.45 12.42 ? 11  GLN A N   1 
ATOM   75   N N   B GLN A 1 10  ? 0.709   10.714  -15.860 0.55 12.39 ? 11  GLN A N   1 
ATOM   76   C CA  A GLN A 1 10  ? -0.740  10.526  -16.051 0.45 14.60 ? 11  GLN A CA  1 
ATOM   77   C CA  B GLN A 1 10  ? -0.718  10.503  -16.075 0.55 14.64 ? 11  GLN A CA  1 
ATOM   78   C C   A GLN A 1 10  ? -1.395  10.185  -14.725 0.45 12.81 ? 11  GLN A C   1 
ATOM   79   C C   B GLN A 1 10  ? -1.420  10.125  -14.771 0.55 12.77 ? 11  GLN A C   1 
ATOM   80   O O   A GLN A 1 10  ? -2.446  10.726  -14.384 0.45 11.83 ? 11  GLN A O   1 
ATOM   81   O O   B GLN A 1 10  ? -2.518  10.605  -14.482 0.55 12.40 ? 11  GLN A O   1 
ATOM   82   C CB  A GLN A 1 10  ? -1.024  9.393   -17.041 0.45 15.56 ? 11  GLN A CB  1 
ATOM   83   C CB  B GLN A 1 10  ? -0.889  9.410   -17.131 0.55 16.17 ? 11  GLN A CB  1 
ATOM   84   C CG  A GLN A 1 10  ? -0.496  9.594   -18.453 0.45 17.92 ? 11  GLN A CG  1 
ATOM   85   C CG  B GLN A 1 10  ? -2.268  8.805   -17.267 0.55 20.90 ? 11  GLN A CG  1 
ATOM   86   C CD  A GLN A 1 10  ? -0.690  8.353   -19.309 0.45 20.65 ? 11  GLN A CD  1 
ATOM   87   C CD  B GLN A 1 10  ? -2.253  7.619   -18.213 0.55 33.13 ? 11  GLN A CD  1 
ATOM   88   O OE1 A GLN A 1 10  ? -1.563  7.527   -19.039 0.45 38.61 ? 11  GLN A OE1 1 
ATOM   89   O OE1 B GLN A 1 10  ? -1.528  7.621   -19.209 0.55 38.87 ? 11  GLN A OE1 1 
ATOM   90   N NE2 A GLN A 1 10  ? 0.126   8.217   -20.347 0.45 35.87 ? 11  GLN A NE2 1 
ATOM   91   N NE2 B GLN A 1 10  ? -3.029  6.591   -17.895 0.55 22.46 ? 11  GLN A NE2 1 
ATOM   92   N N   . GLU A 1 11  ? -0.768  9.277   -13.980 1.00 10.93 ? 12  GLU A N   1 
ATOM   93   C CA  . GLU A 1 11  ? -1.301  8.843   -12.695 1.00 10.41 ? 12  GLU A CA  1 
ATOM   94   C C   . GLU A 1 11  ? -1.370  10.016  -11.726 1.00 11.20 ? 12  GLU A C   1 
ATOM   95   O O   . GLU A 1 11  ? -2.337  10.140  -10.980 1.00 13.10 ? 12  GLU A O   1 
ATOM   96   C CB  . GLU A 1 11  ? -0.417  7.737   -12.103 1.00 11.76 ? 12  GLU A CB  1 
ATOM   97   C CG  . GLU A 1 11  ? -0.501  6.396   -12.848 1.00 12.05 ? 12  GLU A CG  1 
ATOM   98   C CD  . GLU A 1 11  ? -1.789  5.656   -12.556 1.00 17.55 ? 12  GLU A CD  1 
ATOM   99   O OE1 . GLU A 1 11  ? -2.378  5.871   -11.470 1.00 16.61 ? 12  GLU A OE1 1 
ATOM   100  O OE2 . GLU A 1 11  ? -2.229  4.862   -13.413 1.00 18.51 ? 12  GLU A OE2 1 
ATOM   101  N N   . ARG A 1 12  ? -0.347  10.870  -11.747 1.00 12.85 ? 13  ARG A N   1 
ATOM   102  C CA  . ARG A 1 12  ? -0.291  12.020  -10.837 1.00 12.64 ? 13  ARG A CA  1 
ATOM   103  C C   . ARG A 1 12  ? -1.413  13.011  -11.146 1.00 13.43 ? 13  ARG A C   1 
ATOM   104  O O   . ARG A 1 12  ? -2.070  13.532  -10.232 1.00 13.88 ? 13  ARG A O   1 
ATOM   105  C CB  . ARG A 1 12  ? 1.084   12.691  -10.925 1.00 11.66 ? 13  ARG A CB  1 
ATOM   106  C CG  . ARG A 1 12  ? 1.312   13.850  -9.966  1.00 20.73 ? 13  ARG A CG  1 
ATOM   107  C CD  . ARG A 1 12  ? 2.698   14.452  -10.200 1.00 26.41 ? 13  ARG A CD  1 
ATOM   108  N NE  . ARG A 1 12  ? 3.065   15.415  -9.165  1.00 44.51 ? 13  ARG A NE  1 
ATOM   109  C CZ  . ARG A 1 12  ? 2.916   16.728  -9.289  1.00 53.92 ? 13  ARG A CZ  1 
ATOM   110  N NH1 . ARG A 1 12  ? 2.413   17.234  -10.408 1.00 49.26 ? 13  ARG A NH1 1 
ATOM   111  N NH2 . ARG A 1 12  ? 3.271   17.533  -8.298  1.00 56.63 ? 13  ARG A NH2 1 
ATOM   112  N N   . LYS A 1 13  ? -1.650  13.250  -12.434 1.00 11.65 ? 14  LYS A N   1 
ATOM   113  C CA  . LYS A 1 13  ? -2.730  14.140  -12.858 1.00 11.84 ? 14  LYS A CA  1 
ATOM   114  C C   . LYS A 1 13  ? -4.096  13.594  -12.437 1.00 15.00 ? 14  LYS A C   1 
ATOM   115  O O   . LYS A 1 13  ? -4.938  14.325  -11.914 1.00 15.15 ? 14  LYS A O   1 
ATOM   116  C CB  . LYS A 1 13  ? -2.677  14.345  -14.382 1.00 15.41 ? 14  LYS A CB  1 
ATOM   117  C CG  . LYS A 1 13  ? -3.599  15.453  -14.883 1.00 22.56 ? 14  LYS A CG  1 
ATOM   118  C CD  . LYS A 1 13  ? -3.479  15.645  -16.388 1.00 32.60 ? 14  LYS A CD  1 
ATOM   119  C CE  . LYS A 1 13  ? -4.231  14.565  -17.137 1.00 52.62 ? 14  LYS A CE  1 
ATOM   120  N NZ  . LYS A 1 13  ? -3.776  14.426  -18.551 1.00 69.23 ? 14  LYS A NZ  1 
ATOM   121  N N   . ALA A 1 14  ? -4.303  12.296  -12.655 1.00 13.23 ? 15  ALA A N   1 
ATOM   122  C CA  . ALA A 1 14  ? -5.558  11.636  -12.324 1.00 13.80 ? 15  ALA A CA  1 
ATOM   123  C C   . ALA A 1 14  ? -5.816  11.657  -10.827 1.00 15.98 ? 15  ALA A C   1 
ATOM   124  O O   . ALA A 1 14  ? -6.951  11.868  -10.378 1.00 14.81 ? 15  ALA A O   1 
ATOM   125  C CB  . ALA A 1 14  ? -5.532  10.204  -12.835 1.00 12.51 ? 15  ALA A CB  1 
ATOM   126  N N   . TRP A 1 15  ? -4.760  11.426  -10.058 1.00 11.75 ? 16  TRP A N   1 
ATOM   127  C CA  . TRP A 1 15  ? -4.874  11.361  -8.609  1.00 11.81 ? 16  TRP A CA  1 
ATOM   128  C C   . TRP A 1 15  ? -5.318  12.708  -8.055  1.00 14.86 ? 16  TRP A C   1 
ATOM   129  O O   . TRP A 1 15  ? -6.169  12.777  -7.166  1.00 16.84 ? 16  TRP A O   1 
ATOM   130  C CB  . TRP A 1 15  ? -3.536  10.939  -7.984  1.00 10.17 ? 16  TRP A CB  1 
ATOM   131  C CG  . TRP A 1 15  ? -3.552  10.948  -6.483  1.00 9.96  ? 16  TRP A CG  1 
ATOM   132  C CD1 . TRP A 1 15  ? -3.067  11.930  -5.654  1.00 13.69 ? 16  TRP A CD1 1 
ATOM   133  C CD2 . TRP A 1 15  ? -4.079  9.930   -5.629  1.00 10.01 ? 16  TRP A CD2 1 
ATOM   134  N NE1 . TRP A 1 15  ? -3.263  11.577  -4.338  1.00 11.38 ? 16  TRP A NE1 1 
ATOM   135  C CE2 . TRP A 1 15  ? -3.884  10.356  -4.298  1.00 9.83  ? 16  TRP A CE2 1 
ATOM   136  C CE3 . TRP A 1 15  ? -4.692  8.700   -5.860  1.00 9.31  ? 16  TRP A CE3 1 
ATOM   137  C CZ2 . TRP A 1 15  ? -4.293  9.586   -3.199  1.00 10.39 ? 16  TRP A CZ2 1 
ATOM   138  C CZ3 . TRP A 1 15  ? -5.090  7.938   -4.775  1.00 11.13 ? 16  TRP A CZ3 1 
ATOM   139  C CH2 . TRP A 1 15  ? -4.892  8.385   -3.462  1.00 11.79 ? 16  TRP A CH2 1 
ATOM   140  N N   A ARG A 1 16  ? -4.749  13.780  -8.585  0.51 13.93 ? 17  ARG A N   1 
ATOM   141  N N   B ARG A 1 16  ? -4.729  13.789  -8.568  0.49 13.91 ? 17  ARG A N   1 
ATOM   142  C CA  A ARG A 1 16  ? -5.085  15.106  -8.087  0.51 16.38 ? 17  ARG A CA  1 
ATOM   143  C CA  B ARG A 1 16  ? -5.105  15.132  -8.116  0.49 16.41 ? 17  ARG A CA  1 
ATOM   144  C C   A ARG A 1 16  ? -6.532  15.511  -8.411  0.51 18.81 ? 17  ARG A C   1 
ATOM   145  C C   B ARG A 1 16  ? -6.585  15.394  -8.361  0.49 18.86 ? 17  ARG A C   1 
ATOM   146  O O   A ARG A 1 16  ? -7.205  16.152  -7.597  0.51 22.12 ? 17  ARG A O   1 
ATOM   147  O O   B ARG A 1 16  ? -7.317  15.848  -7.470  0.49 16.87 ? 17  ARG A O   1 
ATOM   148  C CB  A ARG A 1 16  ? -4.048  16.116  -8.583  0.51 17.24 ? 17  ARG A CB  1 
ATOM   149  C CB  B ARG A 1 16  ? -4.281  16.203  -8.836  0.49 19.37 ? 17  ARG A CB  1 
ATOM   150  C CG  A ARG A 1 16  ? -2.665  15.834  -8.008  0.51 21.39 ? 17  ARG A CG  1 
ATOM   151  C CG  B ARG A 1 16  ? -4.789  17.630  -8.590  0.49 17.19 ? 17  ARG A CG  1 
ATOM   152  C CD  A ARG A 1 16  ? -1.552  16.510  -8.781  0.51 23.86 ? 17  ARG A CD  1 
ATOM   153  C CD  B ARG A 1 16  ? -4.696  17.994  -7.113  0.49 18.51 ? 17  ARG A CD  1 
ATOM   154  N NE  A ARG A 1 16  ? -0.605  17.146  -7.872  0.51 27.17 ? 17  ARG A NE  1 
ATOM   155  N NE  B ARG A 1 16  ? -5.295  19.293  -6.800  0.49 12.25 ? 17  ARG A NE  1 
ATOM   156  C CZ  A ARG A 1 16  ? -0.389  18.456  -7.817  0.51 38.28 ? 17  ARG A CZ  1 
ATOM   157  C CZ  B ARG A 1 16  ? -6.531  19.464  -6.340  0.49 17.53 ? 17  ARG A CZ  1 
ATOM   158  N NH1 A ARG A 1 16  ? -1.033  19.272  -8.641  0.51 32.27 ? 17  ARG A NH1 1 
ATOM   159  N NH1 B ARG A 1 16  ? -7.329  18.421  -6.135  0.49 16.57 ? 17  ARG A NH1 1 
ATOM   160  N NH2 A ARG A 1 16  ? 0.484   18.952  -6.953  0.51 39.57 ? 17  ARG A NH2 1 
ATOM   161  N NH2 B ARG A 1 16  ? -6.972  20.686  -6.077  0.49 17.19 ? 17  ARG A NH2 1 
ATOM   162  N N   . LYS A 1 17  ? -7.024  15.094  -9.575  1.00 19.90 ? 18  LYS A N   1 
ATOM   163  C CA  . LYS A 1 17  ? -8.401  15.363  -9.967  1.00 20.24 ? 18  LYS A CA  1 
ATOM   164  C C   . LYS A 1 17  ? -9.414  14.550  -9.155  1.00 24.29 ? 18  LYS A C   1 
ATOM   165  O O   . LYS A 1 17  ? -10.518 15.025  -8.857  1.00 28.77 ? 18  LYS A O   1 
ATOM   166  C CB  . LYS A 1 17  ? -8.580  15.095  -11.466 1.00 25.61 ? 18  LYS A CB  1 
ATOM   167  C CG  . LYS A 1 17  ? -9.998  15.340  -11.947 1.00 47.35 ? 18  LYS A CG  1 
ATOM   168  C CD  . LYS A 1 17  ? -10.185 14.972  -13.408 1.00 43.76 ? 18  LYS A CD  1 
ATOM   169  C CE  . LYS A 1 17  ? -11.655 15.073  -13.799 1.00 64.62 ? 18  LYS A CE  1 
ATOM   170  N NZ  . LYS A 1 17  ? -11.875 14.862  -15.256 1.00 67.75 ? 18  LYS A NZ  1 
ATOM   171  N N   . ASP A 1 18  ? -9.037  13.329  -8.783  1.00 18.32 ? 19  ASP A N   1 
ATOM   172  C CA  . ASP A 1 18  ? -9.994  12.409  -8.184  1.00 23.33 ? 19  ASP A CA  1 
ATOM   173  C C   . ASP A 1 18  ? -9.300  11.353  -7.329  1.00 24.72 ? 19  ASP A C   1 
ATOM   174  O O   . ASP A 1 18  ? -8.741  10.393  -7.861  1.00 26.90 ? 19  ASP A O   1 
ATOM   175  C CB  . ASP A 1 18  ? -10.802 11.732  -9.294  1.00 35.58 ? 19  ASP A CB  1 
ATOM   176  C CG  . ASP A 1 18  ? -11.739 10.668  -8.768  1.00 61.46 ? 19  ASP A CG  1 
ATOM   177  O OD1 . ASP A 1 18  ? -12.572 10.992  -7.894  1.00 48.27 ? 19  ASP A OD1 1 
ATOM   178  O OD2 . ASP A 1 18  ? -11.638 9.511   -9.223  1.00 61.94 ? 19  ASP A OD2 1 
ATOM   179  N N   . HIS A 1 19  ? -9.320  11.533  -6.009  1.00 16.85 ? 20  HIS A N   1 
ATOM   180  C CA  . HIS A 1 19  ? -8.728  10.543  -5.108  1.00 18.97 ? 20  HIS A CA  1 
ATOM   181  C C   . HIS A 1 19  ? -9.635  10.362  -3.902  1.00 16.20 ? 20  HIS A C   1 
ATOM   182  O O   . HIS A 1 19  ? -10.380 11.283  -3.533  1.00 16.71 ? 20  HIS A O   1 
ATOM   183  C CB  . HIS A 1 19  ? -7.314  10.959  -4.680  1.00 18.96 ? 20  HIS A CB  1 
ATOM   184  C CG  . HIS A 1 19  ? -7.268  12.246  -3.921  1.00 17.40 ? 20  HIS A CG  1 
ATOM   185  N ND1 . HIS A 1 19  ? -7.042  13.461  -4.530  1.00 25.03 ? 20  HIS A ND1 1 
ATOM   186  C CD2 . HIS A 1 19  ? -7.436  12.510  -2.604  1.00 22.19 ? 20  HIS A CD2 1 
ATOM   187  C CE1 . HIS A 1 19  ? -7.069  14.420  -3.621  1.00 31.24 ? 20  HIS A CE1 1 
ATOM   188  N NE2 . HIS A 1 19  ? -7.306  13.869  -2.442  1.00 32.33 ? 20  HIS A NE2 1 
ATOM   189  N N   . PRO A 1 20  ? -9.612  9.162   -3.294  1.00 12.55 ? 21  PRO A N   1 
ATOM   190  C CA  . PRO A 1 20  ? -10.453 8.913   -2.122  1.00 13.72 ? 21  PRO A CA  1 
ATOM   191  C C   . PRO A 1 20  ? -10.039 9.789   -0.939  1.00 14.48 ? 21  PRO A C   1 
ATOM   192  O O   . PRO A 1 20  ? -8.856  10.029  -0.687  1.00 11.76 ? 21  PRO A O   1 
ATOM   193  C CB  . PRO A 1 20  ? -10.221 7.425   -1.820  1.00 16.29 ? 21  PRO A CB  1 
ATOM   194  C CG  . PRO A 1 20  ? -8.907  7.108   -2.449  1.00 15.63 ? 21  PRO A CG  1 
ATOM   195  C CD  . PRO A 1 20  ? -8.797  7.989   -3.661  1.00 16.92 ? 21  PRO A CD  1 
ATOM   196  N N   . PHE A 1 21  ? -11.035 10.290  -0.223  1.00 12.80 ? 22  PHE A N   1 
ATOM   197  C CA  . PHE A 1 21  ? -10.792 11.195  0.888   1.00 13.55 ? 22  PHE A CA  1 
ATOM   198  C C   . PHE A 1 21  ? -9.878  10.602  1.962   1.00 11.40 ? 22  PHE A C   1 
ATOM   199  O O   . PHE A 1 21  ? -10.052 9.455   2.392   1.00 14.23 ? 22  PHE A O   1 
ATOM   200  C CB  . PHE A 1 21  ? -12.126 11.610  1.515   1.00 16.52 ? 22  PHE A CB  1 
ATOM   201  C CG  . PHE A 1 21  ? -11.983 12.635  2.588   1.00 16.30 ? 22  PHE A CG  1 
ATOM   202  C CD1 . PHE A 1 21  ? -11.689 13.950  2.266   1.00 17.13 ? 22  PHE A CD1 1 
ATOM   203  C CD2 . PHE A 1 21  ? -12.135 12.287  3.926   1.00 15.11 ? 22  PHE A CD2 1 
ATOM   204  C CE1 . PHE A 1 21  ? -11.547 14.904  3.257   1.00 17.04 ? 22  PHE A CE1 1 
ATOM   205  C CE2 . PHE A 1 21  ? -11.986 13.237  4.925   1.00 23.82 ? 22  PHE A CE2 1 
ATOM   206  C CZ  . PHE A 1 21  ? -11.699 14.549  4.584   1.00 24.31 ? 22  PHE A CZ  1 
ATOM   207  N N   . GLY A 1 22  ? -8.891  11.389  2.378   1.00 12.72 ? 23  GLY A N   1 
ATOM   208  C CA  . GLY A 1 22  ? -8.031  11.001  3.483   1.00 14.59 ? 23  GLY A CA  1 
ATOM   209  C C   . GLY A 1 22  ? -6.813  10.219  3.049   1.00 12.80 ? 23  GLY A C   1 
ATOM   210  O O   . GLY A 1 22  ? -5.931  9.934   3.865   1.00 14.36 ? 23  GLY A O   1 
ATOM   211  N N   . PHE A 1 23  ? -6.760  9.856   1.770   1.00 9.59  ? 24  PHE A N   1 
ATOM   212  C CA  . PHE A 1 23  ? -5.581  9.173   1.245   1.00 9.63  ? 24  PHE A CA  1 
ATOM   213  C C   . PHE A 1 23  ? -4.576  10.211  0.760   1.00 11.74 ? 24  PHE A C   1 
ATOM   214  O O   . PHE A 1 23  ? -4.957  11.301  0.321   1.00 14.35 ? 24  PHE A O   1 
ATOM   215  C CB  . PHE A 1 23  ? -5.927  8.298   0.037   1.00 10.16 ? 24  PHE A CB  1 
ATOM   216  C CG  . PHE A 1 23  ? -6.636  7.005   0.367   1.00 9.60  ? 24  PHE A CG  1 
ATOM   217  C CD1 . PHE A 1 23  ? -7.951  6.993   0.845   1.00 9.07  ? 24  PHE A CD1 1 
ATOM   218  C CD2 . PHE A 1 23  ? -6.008  5.788   0.124   1.00 9.38  ? 24  PHE A CD2 1 
ATOM   219  C CE1 . PHE A 1 23  ? -8.607  5.788   1.089   1.00 9.67  ? 24  PHE A CE1 1 
ATOM   220  C CE2 . PHE A 1 23  ? -6.654  4.585   0.379   1.00 11.67 ? 24  PHE A CE2 1 
ATOM   221  C CZ  . PHE A 1 23  ? -7.960  4.586   0.861   1.00 11.16 ? 24  PHE A CZ  1 
ATOM   222  N N   . VAL A 1 24  ? -3.298  9.847   0.817   1.00 11.04 ? 25  VAL A N   1 
ATOM   223  C CA  . VAL A 1 24  ? -2.205  10.688  0.341   1.00 9.63  ? 25  VAL A CA  1 
ATOM   224  C C   . VAL A 1 24  ? -1.353  9.881   -0.639  1.00 9.42  ? 25  VAL A C   1 
ATOM   225  O O   . VAL A 1 24  ? -1.087  8.696   -0.406  1.00 10.42 ? 25  VAL A O   1 
ATOM   226  C CB  . VAL A 1 24  ? -1.326  11.178  1.520   1.00 12.61 ? 25  VAL A CB  1 
ATOM   227  C CG1 . VAL A 1 24  ? -0.150  12.007  1.020   1.00 14.13 ? 25  VAL A CG1 1 
ATOM   228  C CG2 . VAL A 1 24  ? -2.155  11.997  2.478   1.00 15.08 ? 25  VAL A CG2 1 
ATOM   229  N N   . ALA A 1 25  ? -0.946  10.501  -1.745  1.00 9.61  ? 26  ALA A N   1 
ATOM   230  C CA  . ALA A 1 25  ? 0.030   9.874   -2.643  1.00 8.46  ? 26  ALA A CA  1 
ATOM   231  C C   . ALA A 1 25  ? 0.809   10.972  -3.344  1.00 8.87  ? 26  ALA A C   1 
ATOM   232  O O   . ALA A 1 25  ? 0.268   11.661  -4.212  1.00 13.52 ? 26  ALA A O   1 
ATOM   233  C CB  . ALA A 1 25  ? -0.678  8.990   -3.672  1.00 8.77  ? 26  ALA A CB  1 
ATOM   234  N N   A VAL A 1 26  ? 2.086   11.131  -2.977  0.79 11.87 ? 27  VAL A N   1 
ATOM   235  N N   B VAL A 1 26  ? 2.063   11.160  -2.944  0.21 11.85 ? 27  VAL A N   1 
ATOM   236  C CA  A VAL A 1 26  ? 2.923   12.237  -3.458  0.79 11.74 ? 27  VAL A CA  1 
ATOM   237  C CA  B VAL A 1 26  ? 2.876   12.216  -3.530  0.21 11.73 ? 27  VAL A CA  1 
ATOM   238  C C   A VAL A 1 26  ? 4.314   11.757  -3.876  0.79 9.33  ? 27  VAL A C   1 
ATOM   239  C C   B VAL A 1 26  ? 4.257   11.692  -3.925  0.21 9.52  ? 27  VAL A C   1 
ATOM   240  O O   A VAL A 1 26  ? 4.995   11.069  -3.117  0.79 13.01 ? 27  VAL A O   1 
ATOM   241  O O   B VAL A 1 26  ? 4.853   10.882  -3.215  0.21 12.68 ? 27  VAL A O   1 
ATOM   242  C CB  A VAL A 1 26  ? 3.108   13.313  -2.360  0.79 11.73 ? 27  VAL A CB  1 
ATOM   243  C CB  B VAL A 1 26  ? 2.994   13.449  -2.587  0.21 13.72 ? 27  VAL A CB  1 
ATOM   244  C CG1 A VAL A 1 26  ? 3.942   14.482  -2.886  0.79 15.79 ? 27  VAL A CG1 1 
ATOM   245  C CG1 B VAL A 1 26  ? 1.615   13.934  -2.144  0.21 13.93 ? 27  VAL A CG1 1 
ATOM   246  C CG2 A VAL A 1 26  ? 1.764   13.813  -1.871  0.79 14.98 ? 27  VAL A CG2 1 
ATOM   247  C CG2 B VAL A 1 26  ? 3.825   13.116  -1.381  0.21 9.73  ? 27  VAL A CG2 1 
ATOM   248  N N   . PRO A 1 27  ? 4.756   12.126  -5.087  1.00 8.21  ? 28  PRO A N   1 
ATOM   249  C CA  . PRO A 1 27  ? 6.111   11.746  -5.490  1.00 8.35  ? 28  PRO A CA  1 
ATOM   250  C C   . PRO A 1 27  ? 7.167   12.387  -4.595  1.00 11.45 ? 28  PRO A C   1 
ATOM   251  O O   . PRO A 1 27  ? 6.917   13.443  -4.006  1.00 16.60 ? 28  PRO A O   1 
ATOM   252  C CB  . PRO A 1 27  ? 6.230   12.328  -6.905  1.00 12.66 ? 28  PRO A CB  1 
ATOM   253  C CG  . PRO A 1 27  ? 4.819   12.489  -7.385  1.00 20.48 ? 28  PRO A CG  1 
ATOM   254  C CD  . PRO A 1 27  ? 4.005   12.802  -6.160  1.00 14.05 ? 28  PRO A CD  1 
ATOM   255  N N   . THR A 1 28  ? 8.325   11.749  -4.480  1.00 10.76 ? 29  THR A N   1 
ATOM   256  C CA  . THR A 1 28  ? 9.410   12.292  -3.673  1.00 13.00 ? 29  THR A CA  1 
ATOM   257  C C   . THR A 1 28  ? 10.317  13.153  -4.543  1.00 12.34 ? 29  THR A C   1 
ATOM   258  O O   . THR A 1 28  ? 9.964   13.503  -5.671  1.00 13.17 ? 29  THR A O   1 
ATOM   259  C CB  . THR A 1 28  ? 10.230  11.176  -3.017  1.00 15.71 ? 29  THR A CB  1 
ATOM   260  O OG1 . THR A 1 28  ? 10.707  10.272  -4.022  1.00 15.08 ? 29  THR A OG1 1 
ATOM   261  C CG2 . THR A 1 28  ? 9.363   10.387  -2.029  1.00 13.33 ? 29  THR A CG2 1 
ATOM   262  N N   . LYS A 1 29  ? 11.480  13.508  -4.005  1.00 12.45 ? 30  LYS A N   1 
ATOM   263  C CA  . LYS A 1 29  ? 12.452  14.302  -4.751  1.00 15.88 ? 30  LYS A CA  1 
ATOM   264  C C   . LYS A 1 29  ? 13.787  13.590  -4.895  1.00 15.62 ? 30  LYS A C   1 
ATOM   265  O O   . LYS A 1 29  ? 14.164  12.769  -4.051  1.00 15.87 ? 30  LYS A O   1 
ATOM   266  C CB  . LYS A 1 29  ? 12.653  15.669  -4.084  1.00 13.80 ? 30  LYS A CB  1 
ATOM   267  C CG  . LYS A 1 29  ? 11.411  16.538  -4.137  1.00 14.78 ? 30  LYS A CG  1 
ATOM   268  C CD  . LYS A 1 29  ? 11.642  17.937  -3.556  1.00 15.98 ? 30  LYS A CD  1 
ATOM   269  C CE  . LYS A 1 29  ? 10.369  18.765  -3.672  1.00 23.78 ? 30  LYS A CE  1 
ATOM   270  N NZ  . LYS A 1 29  ? 10.538  20.155  -3.153  1.00 24.63 ? 30  LYS A NZ  1 
ATOM   271  N N   . ASN A 1 30  ? 14.491  13.919  -5.975  1.00 14.54 ? 31  ASN A N   1 
ATOM   272  C CA  . ASN A 1 30  ? 15.851  13.461  -6.208  1.00 18.75 ? 31  ASN A CA  1 
ATOM   273  C C   . ASN A 1 30  ? 16.820  14.317  -5.399  1.00 25.33 ? 31  ASN A C   1 
ATOM   274  O O   . ASN A 1 30  ? 16.426  15.355  -4.875  1.00 21.95 ? 31  ASN A O   1 
ATOM   275  C CB  . ASN A 1 30  ? 16.155  13.579  -7.698  1.00 19.99 ? 31  ASN A CB  1 
ATOM   276  C CG  . ASN A 1 30  ? 15.339  12.615  -8.535  1.00 17.51 ? 31  ASN A CG  1 
ATOM   277  O OD1 . ASN A 1 30  ? 15.346  11.408  -8.283  1.00 19.88 ? 31  ASN A OD1 1 
ATOM   278  N ND2 . ASN A 1 30  ? 14.613  13.143  -9.514  1.00 22.26 ? 31  ASN A ND2 1 
ATOM   279  N N   . PRO A 1 31  ? 18.091  13.888  -5.282  1.00 25.62 ? 32  PRO A N   1 
ATOM   280  C CA  . PRO A 1 31  ? 19.027  14.709  -4.497  1.00 23.32 ? 32  PRO A CA  1 
ATOM   281  C C   . PRO A 1 31  ? 19.231  16.128  -5.058  1.00 25.89 ? 32  PRO A C   1 
ATOM   282  O O   . PRO A 1 31  ? 19.618  17.021  -4.300  1.00 25.50 ? 32  PRO A O   1 
ATOM   283  C CB  . PRO A 1 31  ? 20.333  13.909  -4.566  1.00 29.56 ? 32  PRO A CB  1 
ATOM   284  C CG  . PRO A 1 31  ? 19.897  12.496  -4.760  1.00 35.01 ? 32  PRO A CG  1 
ATOM   285  C CD  . PRO A 1 31  ? 18.671  12.579  -5.637  1.00 24.45 ? 32  PRO A CD  1 
ATOM   286  N N   . ASP A 1 32  ? 18.973  16.332  -6.349  1.00 27.20 ? 33  ASP A N   1 
ATOM   287  C CA  . ASP A 1 32  ? 19.057  17.672  -6.935  1.00 24.89 ? 33  ASP A CA  1 
ATOM   288  C C   . ASP A 1 32  ? 17.767  18.481  -6.796  1.00 26.69 ? 33  ASP A C   1 
ATOM   289  O O   . ASP A 1 32  ? 17.660  19.598  -7.310  1.00 28.46 ? 33  ASP A O   1 
ATOM   290  C CB  . ASP A 1 32  ? 19.509  17.611  -8.402  1.00 30.90 ? 33  ASP A CB  1 
ATOM   291  C CG  . ASP A 1 32  ? 18.536  16.852  -9.292  1.00 49.86 ? 33  ASP A CG  1 
ATOM   292  O OD1 . ASP A 1 32  ? 17.428  16.503  -8.830  1.00 29.35 ? 33  ASP A OD1 1 
ATOM   293  O OD2 . ASP A 1 32  ? 18.877  16.620  -10.471 1.00 34.92 ? 33  ASP A OD2 1 
ATOM   294  N N   . GLY A 1 33  ? 16.784  17.910  -6.107  1.00 16.93 ? 34  GLY A N   1 
ATOM   295  C CA  . GLY A 1 33  ? 15.543  18.615  -5.843  1.00 17.30 ? 34  GLY A CA  1 
ATOM   296  C C   . GLY A 1 33  ? 14.436  18.441  -6.872  1.00 18.95 ? 34  GLY A C   1 
ATOM   297  O O   . GLY A 1 33  ? 13.317  18.919  -6.662  1.00 19.96 ? 34  GLY A O   1 
ATOM   298  N N   . THR A 1 34  ? 14.729  17.770  -7.982  1.00 21.02 ? 35  THR A N   1 
ATOM   299  C CA  . THR A 1 34  ? 13.696  17.531  -8.983  1.00 18.07 ? 35  THR A CA  1 
ATOM   300  C C   . THR A 1 34  ? 12.762  16.427  -8.515  1.00 18.24 ? 35  THR A C   1 
ATOM   301  O O   . THR A 1 34  ? 13.088  15.671  -7.598  1.00 18.12 ? 35  THR A O   1 
ATOM   302  C CB  . THR A 1 34  ? 14.288  17.144  -10.355 1.00 17.62 ? 35  THR A CB  1 
ATOM   303  O OG1 . THR A 1 34  ? 15.123  15.988  -10.221 1.00 20.62 ? 35  THR A OG1 1 
ATOM   304  C CG2 . THR A 1 34  ? 15.113  18.294  -10.917 1.00 24.45 ? 35  THR A CG2 1 
ATOM   305  N N   . MET A 1 35  ? 11.608  16.332  -9.158  1.00 20.32 ? 36  MET A N   1 
ATOM   306  C CA  . MET A 1 35  ? 10.622  15.318  -8.799  1.00 19.09 ? 36  MET A CA  1 
ATOM   307  C C   . MET A 1 35  ? 11.072  13.914  -9.193  1.00 21.12 ? 36  MET A C   1 
ATOM   308  O O   . MET A 1 35  ? 11.555  13.694  -10.311 1.00 20.80 ? 36  MET A O   1 
ATOM   309  C CB  . MET A 1 35  ? 9.293   15.642  -9.466  1.00 21.59 ? 36  MET A CB  1 
ATOM   310  C CG  . MET A 1 35  ? 8.237   14.572  -9.291  1.00 23.64 ? 36  MET A CG  1 
ATOM   311  S SD  . MET A 1 35  ? 6.634   15.175  -9.846  1.00 26.94 ? 36  MET A SD  1 
ATOM   312  C CE  . MET A 1 35  ? 6.247   16.333  -8.539  1.00 39.56 ? 36  MET A CE  1 
ATOM   313  N N   . ASN A 1 36  ? 10.919  12.972  -8.264  1.00 14.58 ? 37  ASN A N   1 
ATOM   314  C CA  . ASN A 1 36  ? 11.174  11.564  -8.536  1.00 12.42 ? 37  ASN A CA  1 
ATOM   315  C C   . ASN A 1 36  ? 9.853   10.803  -8.614  1.00 14.35 ? 37  ASN A C   1 
ATOM   316  O O   . ASN A 1 36  ? 9.277   10.427  -7.581  1.00 13.91 ? 37  ASN A O   1 
ATOM   317  C CB  . ASN A 1 36  ? 12.075  10.961  -7.451  1.00 11.48 ? 37  ASN A CB  1 
ATOM   318  C CG  . ASN A 1 36  ? 12.448  9.514   -7.731  1.00 13.16 ? 37  ASN A CG  1 
ATOM   319  O OD1 . ASN A 1 36  ? 12.133  8.974   -8.791  1.00 18.85 ? 37  ASN A OD1 1 
ATOM   320  N ND2 . ASN A 1 36  ? 13.139  8.884   -6.787  1.00 18.48 ? 37  ASN A ND2 1 
ATOM   321  N N   . LEU A 1 37  ? 9.373   10.579  -9.835  1.00 11.21 ? 38  LEU A N   1 
ATOM   322  C CA  . LEU A 1 37  ? 8.106   9.876   -10.036 1.00 10.76 ? 38  LEU A CA  1 
ATOM   323  C C   . LEU A 1 37  ? 8.218   8.376   -9.759  1.00 10.54 ? 38  LEU A C   1 
ATOM   324  O O   . LEU A 1 37  ? 7.204   7.678   -9.721  1.00 11.65 ? 38  LEU A O   1 
ATOM   325  C CB  . LEU A 1 37  ? 7.578   10.122  -11.458 1.00 10.90 ? 38  LEU A CB  1 
ATOM   326  C CG  . LEU A 1 37  ? 6.936   11.481  -11.735 1.00 12.13 ? 38  LEU A CG  1 
ATOM   327  C CD1 . LEU A 1 37  ? 6.776   11.682  -13.244 1.00 14.21 ? 38  LEU A CD1 1 
ATOM   328  C CD2 . LEU A 1 37  ? 5.583   11.586  -11.050 1.00 17.20 ? 38  LEU A CD2 1 
ATOM   329  N N   . MET A 1 38  ? 9.427   7.873   -9.532  1.00 11.98 ? 39  MET A N   1 
ATOM   330  C CA  . MET A 1 38  ? 9.609   6.433   -9.305  1.00 13.32 ? 39  MET A CA  1 
ATOM   331  C C   . MET A 1 38  ? 9.411   6.000   -7.846  1.00 10.61 ? 39  MET A C   1 
ATOM   332  O O   . MET A 1 38  ? 9.447   4.808   -7.529  1.00 11.06 ? 39  MET A O   1 
ATOM   333  C CB  . MET A 1 38  ? 10.984  5.971   -9.807  1.00 13.97 ? 39  MET A CB  1 
ATOM   334  C CG  . MET A 1 38  ? 11.320  6.390   -11.239 1.00 16.28 ? 39  MET A CG  1 
ATOM   335  S SD  . MET A 1 38  ? 10.092  5.858   -12.449 1.00 17.58 ? 39  MET A SD  1 
ATOM   336  C CE  . MET A 1 38  ? 10.445  4.109   -12.531 1.00 15.91 ? 39  MET A CE  1 
ATOM   337  N N   . ASN A 1 39  ? 9.210   6.972   -6.957  1.00 10.65 ? 40  ASN A N   1 
ATOM   338  C CA  . ASN A 1 39  ? 9.190   6.705   -5.524  1.00 9.96  ? 40  ASN A CA  1 
ATOM   339  C C   . ASN A 1 39  ? 8.171   7.635   -4.885  1.00 12.95 ? 40  ASN A C   1 
ATOM   340  O O   . ASN A 1 39  ? 8.400   8.843   -4.815  1.00 11.04 ? 40  ASN A O   1 
ATOM   341  C CB  . ASN A 1 39  ? 10.595  6.976   -4.954  1.00 9.37  ? 40  ASN A CB  1 
ATOM   342  C CG  . ASN A 1 39  ? 10.710  6.685   -3.468  1.00 15.84 ? 40  ASN A CG  1 
ATOM   343  O OD1 . ASN A 1 39  ? 9.735   6.780   -2.708  1.00 14.23 ? 40  ASN A OD1 1 
ATOM   344  N ND2 . ASN A 1 39  ? 11.922  6.340   -3.037  1.00 20.73 ? 40  ASN A ND2 1 
ATOM   345  N N   . TRP A 1 40  ? 7.041   7.087   -4.438  1.00 8.47  ? 41  TRP A N   1 
ATOM   346  C CA  . TRP A 1 40  ? 5.977   7.915   -3.876  1.00 9.68  ? 41  TRP A CA  1 
ATOM   347  C C   . TRP A 1 40  ? 5.782   7.623   -2.394  1.00 8.60  ? 41  TRP A C   1 
ATOM   348  O O   . TRP A 1 40  ? 5.895   6.474   -1.956  1.00 9.75  ? 41  TRP A O   1 
ATOM   349  C CB  . TRP A 1 40  ? 4.643   7.665   -4.580  1.00 9.95  ? 41  TRP A CB  1 
ATOM   350  C CG  . TRP A 1 40  ? 4.548   8.060   -6.035  1.00 8.30  ? 41  TRP A CG  1 
ATOM   351  C CD1 . TRP A 1 40  ? 5.476   7.867   -7.015  1.00 9.38  ? 41  TRP A CD1 1 
ATOM   352  C CD2 . TRP A 1 40  ? 3.431   8.697   -6.662  1.00 8.06  ? 41  TRP A CD2 1 
ATOM   353  N NE1 . TRP A 1 40  ? 5.002   8.345   -8.216  1.00 9.45  ? 41  TRP A NE1 1 
ATOM   354  C CE2 . TRP A 1 40  ? 3.746   8.861   -8.022  1.00 8.32  ? 41  TRP A CE2 1 
ATOM   355  C CE3 . TRP A 1 40  ? 2.191   9.147   -6.196  1.00 10.69 ? 41  TRP A CE3 1 
ATOM   356  C CZ2 . TRP A 1 40  ? 2.862   9.458   -8.927  1.00 11.69 ? 41  TRP A CZ2 1 
ATOM   357  C CZ3 . TRP A 1 40  ? 1.317   9.746   -7.089  1.00 13.16 ? 41  TRP A CZ3 1 
ATOM   358  C CH2 . TRP A 1 40  ? 1.656   9.897   -8.437  1.00 13.07 ? 41  TRP A CH2 1 
ATOM   359  N N   . GLU A 1 41  ? 5.474   8.672   -1.628  1.00 8.21  ? 42  GLU A N   1 
ATOM   360  C CA  . GLU A 1 41  ? 5.133   8.528   -0.217  1.00 6.92  ? 42  GLU A CA  1 
ATOM   361  C C   . GLU A 1 41  ? 3.627   8.639   -0.110  1.00 9.98  ? 42  GLU A C   1 
ATOM   362  O O   . GLU A 1 41  ? 3.028   9.610   -0.581  1.00 11.28 ? 42  GLU A O   1 
ATOM   363  C CB  . GLU A 1 41  ? 5.855   9.589   0.620   1.00 10.01 ? 42  GLU A CB  1 
ATOM   364  C CG  . GLU A 1 41  ? 7.310   9.209   0.872   1.00 11.09 ? 42  GLU A CG  1 
ATOM   365  C CD  . GLU A 1 41  ? 8.233   10.372  1.233   1.00 22.54 ? 42  GLU A CD  1 
ATOM   366  O OE1 . GLU A 1 41  ? 7.795   11.545  1.258   1.00 20.98 ? 42  GLU A OE1 1 
ATOM   367  O OE2 . GLU A 1 41  ? 9.431   10.097  1.479   1.00 19.24 ? 42  GLU A OE2 1 
ATOM   368  N N   . CYS A 1 42  ? 3.017   7.611   0.467   1.00 9.13  ? 43  CYS A N   1 
ATOM   369  C CA  . CYS A 1 42  ? 1.572   7.500   0.497   1.00 10.24 ? 43  CYS A CA  1 
ATOM   370  C C   . CYS A 1 42  ? 1.068   7.260   1.909   1.00 8.67  ? 43  CYS A C   1 
ATOM   371  O O   . CYS A 1 42  ? 1.825   6.900   2.814   1.00 9.44  ? 43  CYS A O   1 
ATOM   372  C CB  . CYS A 1 42  ? 1.116   6.339   -0.394  1.00 8.36  ? 43  CYS A CB  1 
ATOM   373  S SG  . CYS A 1 42  ? 1.729   6.396   -2.085  1.00 12.18 ? 43  CYS A SG  1 
ATOM   374  N N   . ALA A 1 43  ? -0.229  7.461   2.100   1.00 9.04  ? 44  ALA A N   1 
ATOM   375  C CA  . ALA A 1 43  ? -0.843  7.163   3.385   1.00 10.01 ? 44  ALA A CA  1 
ATOM   376  C C   . ALA A 1 43  ? -2.245  6.661   3.140   1.00 10.60 ? 44  ALA A C   1 
ATOM   377  O O   . ALA A 1 43  ? -2.968  7.195   2.281   1.00 11.89 ? 44  ALA A O   1 
ATOM   378  C CB  . ALA A 1 43  ? -0.866  8.393   4.279   1.00 12.65 ? 44  ALA A CB  1 
ATOM   379  N N   . ILE A 1 44  ? -2.616  5.617   3.872   1.00 8.36  ? 45  ILE A N   1 
ATOM   380  C CA  . ILE A 1 44  ? -3.945  5.030   3.766   1.00 9.48  ? 45  ILE A CA  1 
ATOM   381  C C   . ILE A 1 44  ? -4.672  5.193   5.097   1.00 8.34  ? 45  ILE A C   1 
ATOM   382  O O   . ILE A 1 44  ? -4.179  4.770   6.151   1.00 9.43  ? 45  ILE A O   1 
ATOM   383  C CB  . ILE A 1 44  ? -3.854  3.529   3.424   1.00 8.51  ? 45  ILE A CB  1 
ATOM   384  C CG1 . ILE A 1 44  ? -3.229  3.334   2.041   1.00 10.19 ? 45  ILE A CG1 1 
ATOM   385  C CG2 . ILE A 1 44  ? -5.223  2.873   3.497   1.00 9.44  ? 45  ILE A CG2 1 
ATOM   386  C CD1 . ILE A 1 44  ? -2.854  1.894   1.777   1.00 11.02 ? 45  ILE A CD1 1 
ATOM   387  N N   . PRO A 1 45  ? -5.869  5.792   5.062   1.00 8.71  ? 46  PRO A N   1 
ATOM   388  C CA  . PRO A 1 45  ? -6.630  5.920   6.309   1.00 10.70 ? 46  PRO A CA  1 
ATOM   389  C C   . PRO A 1 45  ? -7.352  4.617   6.624   1.00 11.14 ? 46  PRO A C   1 
ATOM   390  O O   . PRO A 1 45  ? -7.811  3.924   5.710   1.00 11.29 ? 46  PRO A O   1 
ATOM   391  C CB  . PRO A 1 45  ? -7.645  7.011   5.967   1.00 9.41  ? 46  PRO A CB  1 
ATOM   392  C CG  . PRO A 1 45  ? -7.896  6.822   4.477   1.00 9.42  ? 46  PRO A CG  1 
ATOM   393  C CD  . PRO A 1 45  ? -6.527  6.450   3.921   1.00 8.45  ? 46  PRO A CD  1 
ATOM   394  N N   . GLY A 1 46  ? -7.451  4.271   7.903   1.00 10.85 ? 47  GLY A N   1 
ATOM   395  C CA  . GLY A 1 46  ? -8.298  3.160   8.290   1.00 12.30 ? 47  GLY A CA  1 
ATOM   396  C C   . GLY A 1 46  ? -9.744  3.481   7.979   1.00 13.15 ? 47  GLY A C   1 
ATOM   397  O O   . GLY A 1 46  ? -10.184 4.629   8.111   1.00 17.29 ? 47  GLY A O   1 
ATOM   398  N N   . ALA A 1 47  ? -10.490 2.472   7.548   1.00 16.60 ? 48  ALA A N   1 
ATOM   399  C CA  . ALA A 1 47  ? -11.914 2.662   7.287   1.00 19.87 ? 48  ALA A CA  1 
ATOM   400  C C   . ALA A 1 47  ? -12.689 2.884   8.585   1.00 23.08 ? 48  ALA A C   1 
ATOM   401  O O   . ALA A 1 47  ? -12.418 2.236   9.599   1.00 18.73 ? 48  ALA A O   1 
ATOM   402  C CB  . ALA A 1 47  ? -12.471 1.477   6.531   1.00 21.03 ? 48  ALA A CB  1 
ATOM   403  N N   . ALA A 1 48  ? -13.657 3.799   8.555   1.00 23.93 ? 49  ALA A N   1 
ATOM   404  C CA  . ALA A 1 48  ? -14.475 4.068   9.733   1.00 26.85 ? 49  ALA A CA  1 
ATOM   405  C C   . ALA A 1 48  ? -15.271 2.824   10.098  1.00 17.67 ? 49  ALA A C   1 
ATOM   406  O O   . ALA A 1 48  ? -15.560 1.999   9.237   1.00 21.86 ? 49  ALA A O   1 
ATOM   407  C CB  . ALA A 1 48  ? -15.406 5.244   9.485   1.00 27.92 ? 49  ALA A CB  1 
ATOM   408  N N   . GLY A 1 49  ? -15.601 2.679   11.375  1.00 18.82 ? 50  GLY A N   1 
ATOM   409  C CA  . GLY A 1 49  ? -16.389 1.543   11.817  1.00 21.35 ? 50  GLY A CA  1 
ATOM   410  C C   . GLY A 1 49  ? -15.652 0.219   11.873  1.00 25.98 ? 50  GLY A C   1 
ATOM   411  O O   . GLY A 1 49  ? -16.280 -0.816  12.096  1.00 18.93 ? 50  GLY A O   1 
ATOM   412  N N   . THR A 1 50  ? -14.333 0.250   11.657  1.00 20.81 ? 51  THR A N   1 
ATOM   413  C CA  . THR A 1 50  ? -13.486 -0.942  11.736  1.00 16.54 ? 51  THR A CA  1 
ATOM   414  C C   . THR A 1 50  ? -12.417 -0.738  12.806  1.00 12.69 ? 51  THR A C   1 
ATOM   415  O O   . THR A 1 50  ? -12.204 0.391   13.251  1.00 16.05 ? 51  THR A O   1 
ATOM   416  C CB  . THR A 1 50  ? -12.787 -1.236  10.368  1.00 21.72 ? 51  THR A CB  1 
ATOM   417  O OG1 . THR A 1 50  ? -11.682 -0.339  10.179  1.00 14.56 ? 51  THR A OG1 1 
ATOM   418  C CG2 . THR A 1 50  ? -13.760 -1.106  9.219   1.00 18.41 ? 51  THR A CG2 1 
ATOM   419  N N   . PRO A 1 51  ? -11.727 -1.826  13.220  1.00 15.16 ? 52  PRO A N   1 
ATOM   420  C CA  . PRO A 1 51  ? -10.610 -1.695  14.164  1.00 19.25 ? 52  PRO A CA  1 
ATOM   421  C C   . PRO A 1 51  ? -9.489  -0.796  13.642  1.00 14.18 ? 52  PRO A C   1 
ATOM   422  O O   . PRO A 1 51  ? -8.674  -0.311  14.431  1.00 15.48 ? 52  PRO A O   1 
ATOM   423  C CB  . PRO A 1 51  ? -10.099 -3.133  14.298  1.00 21.52 ? 52  PRO A CB  1 
ATOM   424  C CG  . PRO A 1 51  ? -11.263 -3.979  13.978  1.00 29.53 ? 52  PRO A CG  1 
ATOM   425  C CD  . PRO A 1 51  ? -12.054 -3.239  12.948  1.00 23.72 ? 52  PRO A CD  1 
ATOM   426  N N   . TRP A 1 52  ? -9.458  -0.555  12.328  1.00 14.78 ? 53  TRP A N   1 
ATOM   427  C CA  . TRP A 1 52  ? -8.435  0.311   11.737  1.00 13.10 ? 53  TRP A CA  1 
ATOM   428  C C   . TRP A 1 52  ? -8.768  1.795   11.806  1.00 13.45 ? 53  TRP A C   1 
ATOM   429  O O   . TRP A 1 52  ? -7.930  2.639   11.489  1.00 13.19 ? 53  TRP A O   1 
ATOM   430  C CB  . TRP A 1 52  ? -8.168  -0.090  10.275  1.00 11.40 ? 53  TRP A CB  1 
ATOM   431  C CG  . TRP A 1 52  ? -7.738  -1.515  10.196  1.00 8.91  ? 53  TRP A CG  1 
ATOM   432  C CD1 . TRP A 1 52  ? -8.538  -2.610  10.212  1.00 12.56 ? 53  TRP A CD1 1 
ATOM   433  C CD2 . TRP A 1 52  ? -6.390  -2.000  10.126  1.00 10.02 ? 53  TRP A CD2 1 
ATOM   434  N NE1 . TRP A 1 52  ? -7.777  -3.754  10.162  1.00 11.99 ? 53  TRP A NE1 1 
ATOM   435  C CE2 . TRP A 1 52  ? -6.457  -3.404  10.107  1.00 11.95 ? 53  TRP A CE2 1 
ATOM   436  C CE3 . TRP A 1 52  ? -5.139  -1.378  10.088  1.00 11.81 ? 53  TRP A CE3 1 
ATOM   437  C CZ2 . TRP A 1 52  ? -5.314  -4.201  10.061  1.00 12.08 ? 53  TRP A CZ2 1 
ATOM   438  C CZ3 . TRP A 1 52  ? -4.008  -2.175  10.027  1.00 11.52 ? 53  TRP A CZ3 1 
ATOM   439  C CH2 . TRP A 1 52  ? -4.105  -3.567  10.021  1.00 9.70  ? 53  TRP A CH2 1 
ATOM   440  N N   . ALA A 1 53  ? -9.987  2.114   12.238  1.00 13.63 ? 54  ALA A N   1 
ATOM   441  C CA  . ALA A 1 53  ? -10.449 3.497   12.239  1.00 12.75 ? 54  ALA A CA  1 
ATOM   442  C C   . ALA A 1 53  ? -9.551  4.419   13.045  1.00 12.17 ? 54  ALA A C   1 
ATOM   443  O O   . ALA A 1 53  ? -9.102  4.077   14.147  1.00 17.11 ? 54  ALA A O   1 
ATOM   444  C CB  . ALA A 1 53  ? -11.878 3.575   12.753  1.00 15.98 ? 54  ALA A CB  1 
ATOM   445  N N   . GLY A 1 54  ? -9.294  5.596   12.486  1.00 13.78 ? 55  GLY A N   1 
ATOM   446  C CA  . GLY A 1 54  ? -8.520  6.609   13.176  1.00 18.99 ? 55  GLY A CA  1 
ATOM   447  C C   . GLY A 1 54  ? -7.031  6.536   12.896  1.00 16.45 ? 55  GLY A C   1 
ATOM   448  O O   . GLY A 1 54  ? -6.287  7.462   13.223  1.00 19.46 ? 55  GLY A O   1 
ATOM   449  N N   . GLY A 1 55  ? -6.582  5.436   12.297  1.00 13.40 ? 56  GLY A N   1 
ATOM   450  C CA  . GLY A 1 55  ? -5.174  5.315   11.959  1.00 11.97 ? 56  GLY A CA  1 
ATOM   451  C C   . GLY A 1 55  ? -4.895  5.878   10.577  1.00 9.69  ? 56  GLY A C   1 
ATOM   452  O O   . GLY A 1 55  ? -5.794  5.919   9.735   1.00 12.07 ? 56  GLY A O   1 
ATOM   453  N N   . LEU A 1 56  ? -3.671  6.354   10.365  1.00 11.99 ? 57  LEU A N   1 
ATOM   454  C CA  . LEU A 1 56  ? -3.239  6.781   9.040   1.00 11.51 ? 57  LEU A CA  1 
ATOM   455  C C   . LEU A 1 56  ? -1.933  6.051   8.781   1.00 11.28 ? 57  LEU A C   1 
ATOM   456  O O   . LEU A 1 56  ? -0.916  6.302   9.447   1.00 14.30 ? 57  LEU A O   1 
ATOM   457  C CB  . LEU A 1 56  ? -3.049  8.296   8.991   1.00 11.67 ? 57  LEU A CB  1 
ATOM   458  C CG  . LEU A 1 56  ? -2.636  8.867   7.635   1.00 13.00 ? 57  LEU A CG  1 
ATOM   459  C CD1 . LEU A 1 56  ? -3.699  8.545   6.596   1.00 14.32 ? 57  LEU A CD1 1 
ATOM   460  C CD2 . LEU A 1 56  ? -2.397  10.382  7.728   1.00 18.20 ? 57  LEU A CD2 1 
ATOM   461  N N   . PHE A 1 57  ? -1.969  5.127   7.828   1.00 10.44 ? 58  PHE A N   1 
ATOM   462  C CA  . PHE A 1 57  ? -0.902  4.145   7.699   1.00 9.22  ? 58  PHE A CA  1 
ATOM   463  C C   . PHE A 1 57  ? -0.020  4.484   6.513   1.00 10.12 ? 58  PHE A C   1 
ATOM   464  O O   . PHE A 1 57  ? -0.469  4.477   5.368   1.00 10.68 ? 58  PHE A O   1 
ATOM   465  C CB  . PHE A 1 57  ? -1.533  2.757   7.585   1.00 8.91  ? 58  PHE A CB  1 
ATOM   466  C CG  . PHE A 1 57  ? -2.448  2.445   8.733   1.00 7.81  ? 58  PHE A CG  1 
ATOM   467  C CD1 . PHE A 1 57  ? -1.920  2.084   9.967   1.00 11.27 ? 58  PHE A CD1 1 
ATOM   468  C CD2 . PHE A 1 57  ? -3.822  2.572   8.606   1.00 9.14  ? 58  PHE A CD2 1 
ATOM   469  C CE1 . PHE A 1 57  ? -2.756  1.823   11.060  1.00 12.16 ? 58  PHE A CE1 1 
ATOM   470  C CE2 . PHE A 1 57  ? -4.668  2.322   9.698   1.00 11.28 ? 58  PHE A CE2 1 
ATOM   471  C CZ  . PHE A 1 57  ? -4.125  1.943   10.925  1.00 11.99 ? 58  PHE A CZ  1 
ATOM   472  N N   . LYS A 1 58  ? 1.237   4.809   6.805   1.00 8.29  ? 59  LYS A N   1 
ATOM   473  C CA  . LYS A 1 58  ? 2.145   5.322   5.789   1.00 8.28  ? 59  LYS A CA  1 
ATOM   474  C C   . LYS A 1 58  ? 2.790   4.197   5.003   1.00 9.04  ? 59  LYS A C   1 
ATOM   475  O O   . LYS A 1 58  ? 3.165   3.170   5.568   1.00 9.47  ? 59  LYS A O   1 
ATOM   476  C CB  . LYS A 1 58  ? 3.218   6.174   6.461   1.00 11.79 ? 59  LYS A CB  1 
ATOM   477  C CG  . LYS A 1 58  ? 2.607   7.336   7.260   1.00 14.56 ? 59  LYS A CG  1 
ATOM   478  C CD  . LYS A 1 58  ? 3.657   8.130   8.023   1.00 27.05 ? 59  LYS A CD  1 
ATOM   479  C CE  . LYS A 1 58  ? 3.001   9.281   8.795   1.00 44.39 ? 59  LYS A CE  1 
ATOM   480  N NZ  . LYS A 1 58  ? 3.999   10.207  9.412   1.00 48.91 ? 59  LYS A NZ  1 
ATOM   481  N N   . LEU A 1 59  ? 2.881   4.372   3.691   1.00 8.02  ? 60  LEU A N   1 
ATOM   482  C CA  A LEU A 1 59  ? 3.542   3.376   2.857   0.40 9.92  ? 60  LEU A CA  1 
ATOM   483  C CA  B LEU A 1 59  ? 3.555   3.382   2.873   0.60 9.91  ? 60  LEU A CA  1 
ATOM   484  C C   . LEU A 1 59  ? 4.217   4.004   1.658   1.00 8.12  ? 60  LEU A C   1 
ATOM   485  O O   . LEU A 1 59  ? 3.755   5.021   1.116   1.00 11.09 ? 60  LEU A O   1 
ATOM   486  C CB  A LEU A 1 59  ? 2.613   2.205   2.455   0.40 17.73 ? 60  LEU A CB  1 
ATOM   487  C CB  B LEU A 1 59  ? 2.601   2.265   2.459   0.60 17.76 ? 60  LEU A CB  1 
ATOM   488  C CG  A LEU A 1 59  ? 1.551   2.116   1.342   0.40 17.44 ? 60  LEU A CG  1 
ATOM   489  C CG  B LEU A 1 59  ? 1.696   2.567   1.276   0.60 16.21 ? 60  LEU A CG  1 
ATOM   490  C CD1 A LEU A 1 59  ? 2.043   2.449   -0.058  0.40 11.84 ? 60  LEU A CD1 1 
ATOM   491  C CD1 B LEU A 1 59  ? 1.227   1.286   0.607   0.60 22.38 ? 60  LEU A CD1 1 
ATOM   492  C CD2 A LEU A 1 59  ? 1.005   0.695   1.322   0.40 10.78 ? 60  LEU A CD2 1 
ATOM   493  C CD2 B LEU A 1 59  ? 0.538   3.410   1.714   0.60 12.82 ? 60  LEU A CD2 1 
ATOM   494  N N   . ARG A 1 60  ? 5.304   3.379   1.239   1.00 7.24  ? 61  ARG A N   1 
ATOM   495  C CA  . ARG A 1 60  ? 6.053   3.858   0.100   1.00 5.99  ? 61  ARG A CA  1 
ATOM   496  C C   . ARG A 1 60  ? 5.723   2.973   -1.091  1.00 8.16  ? 61  ARG A C   1 
ATOM   497  O O   . ARG A 1 60  ? 5.577   1.748   -0.953  1.00 9.12  ? 61  ARG A O   1 
ATOM   498  C CB  . ARG A 1 60  ? 7.554   3.791   0.408   1.00 9.65  ? 61  ARG A CB  1 
ATOM   499  C CG  . ARG A 1 60  ? 8.434   4.542   -0.597  1.00 10.78 ? 61  ARG A CG  1 
ATOM   500  C CD  . ARG A 1 60  ? 9.903   4.513   -0.177  1.00 11.14 ? 61  ARG A CD  1 
ATOM   501  N NE  . ARG A 1 60  ? 10.109  5.188   1.101   1.00 11.55 ? 61  ARG A NE  1 
ATOM   502  C CZ  . ARG A 1 60  ? 10.230  6.507   1.242   1.00 17.88 ? 61  ARG A CZ  1 
ATOM   503  N NH1 . ARG A 1 60  ? 10.162  7.305   0.184   1.00 17.74 ? 61  ARG A NH1 1 
ATOM   504  N NH2 . ARG A 1 60  ? 10.412  7.037   2.449   1.00 18.83 ? 61  ARG A NH2 1 
ATOM   505  N N   . MET A 1 61  ? 5.590   3.619   -2.245  1.00 6.87  ? 62  MET A N   1 
ATOM   506  C CA  A MET A 1 61  ? 5.329   2.935   -3.498  0.62 7.71  ? 62  MET A CA  1 
ATOM   507  C CA  B MET A 1 61  ? 5.333   2.919   -3.501  0.38 7.75  ? 62  MET A CA  1 
ATOM   508  C C   . MET A 1 61  ? 6.536   3.117   -4.411  1.00 8.50  ? 62  MET A C   1 
ATOM   509  O O   . MET A 1 61  ? 6.910   4.254   -4.740  1.00 11.09 ? 62  MET A O   1 
ATOM   510  C CB  A MET A 1 61  ? 4.068   3.508   -4.140  0.62 12.82 ? 62  MET A CB  1 
ATOM   511  C CB  B MET A 1 61  ? 4.058   3.435   -4.185  0.38 12.84 ? 62  MET A CB  1 
ATOM   512  C CG  A MET A 1 61  ? 3.406   2.561   -5.105  0.62 11.68 ? 62  MET A CG  1 
ATOM   513  C CG  B MET A 1 61  ? 2.762   2.908   -3.597  0.38 14.74 ? 62  MET A CG  1 
ATOM   514  S SD  A MET A 1 61  ? 1.789   3.153   -5.653  0.62 10.33 ? 62  MET A SD  1 
ATOM   515  S SD  B MET A 1 61  ? 1.304   3.484   -4.473  0.38 19.63 ? 62  MET A SD  1 
ATOM   516  C CE  A MET A 1 61  ? 0.879   3.125   -4.125  0.62 17.89 ? 62  MET A CE  1 
ATOM   517  C CE  B MET A 1 61  ? 1.690   2.907   -6.119  0.38 13.79 ? 62  MET A CE  1 
ATOM   518  N N   . LEU A 1 62  ? 7.158   2.006   -4.798  1.00 7.89  ? 63  LEU A N   1 
ATOM   519  C CA  . LEU A 1 62  ? 8.394   2.035   -5.573  1.00 10.57 ? 63  LEU A CA  1 
ATOM   520  C C   . LEU A 1 62  ? 8.182   1.405   -6.938  1.00 9.86  ? 63  LEU A C   1 
ATOM   521  O O   . LEU A 1 62  ? 7.827   0.225   -7.035  1.00 12.00 ? 63  LEU A O   1 
ATOM   522  C CB  . LEU A 1 62  ? 9.496   1.270   -4.830  1.00 12.92 ? 63  LEU A CB  1 
ATOM   523  C CG  . LEU A 1 62  ? 9.800   1.844   -3.446  1.00 21.86 ? 63  LEU A CG  1 
ATOM   524  C CD1 . LEU A 1 62  ? 10.644  0.892   -2.631  1.00 30.92 ? 63  LEU A CD1 1 
ATOM   525  C CD2 . LEU A 1 62  ? 10.505  3.164   -3.600  1.00 17.05 ? 63  LEU A CD2 1 
ATOM   526  N N   . PHE A 1 63  ? 8.431   2.189   -7.981  1.00 11.31 ? 64  PHE A N   1 
ATOM   527  C CA  . PHE A 1 63  ? 8.228   1.737   -9.358  1.00 8.43  ? 64  PHE A CA  1 
ATOM   528  C C   . PHE A 1 63  ? 9.532   1.329   -10.030 1.00 13.26 ? 64  PHE A C   1 
ATOM   529  O O   . PHE A 1 63  ? 10.543  2.033   -9.913  1.00 15.24 ? 64  PHE A O   1 
ATOM   530  C CB  . PHE A 1 63  ? 7.547   2.849   -10.158 1.00 8.28  ? 64  PHE A CB  1 
ATOM   531  C CG  . PHE A 1 63  ? 6.190   3.218   -9.625  1.00 11.36 ? 64  PHE A CG  1 
ATOM   532  C CD1 . PHE A 1 63  ? 6.054   4.217   -8.662  1.00 12.01 ? 64  PHE A CD1 1 
ATOM   533  C CD2 . PHE A 1 63  ? 5.047   2.559   -10.069 1.00 9.68  ? 64  PHE A CD2 1 
ATOM   534  C CE1 . PHE A 1 63  ? 4.807   4.555   -8.156  1.00 10.97 ? 64  PHE A CE1 1 
ATOM   535  C CE2 . PHE A 1 63  ? 3.792   2.900   -9.567  1.00 9.58  ? 64  PHE A CE2 1 
ATOM   536  C CZ  . PHE A 1 63  ? 3.673   3.898   -8.617  1.00 10.75 ? 64  PHE A CZ  1 
ATOM   537  N N   . LYS A 1 64  ? 9.507   0.186   -10.719 1.00 12.26 ? 65  LYS A N   1 
ATOM   538  C CA  . LYS A 1 64  ? 10.632  -0.235  -11.567 1.00 10.79 ? 65  LYS A CA  1 
ATOM   539  C C   . LYS A 1 64  ? 10.605  0.486   -12.907 1.00 12.15 ? 65  LYS A C   1 
ATOM   540  O O   . LYS A 1 64  ? 9.571   1.016   -13.316 1.00 15.27 ? 65  LYS A O   1 
ATOM   541  C CB  . LYS A 1 64  ? 10.617  -1.755  -11.794 1.00 15.61 ? 65  LYS A CB  1 
ATOM   542  C CG  . LYS A 1 64  ? 10.889  -2.560  -10.527 1.00 19.13 ? 65  LYS A CG  1 
ATOM   543  C CD  . LYS A 1 64  ? 11.103  -4.039  -10.812 1.00 24.49 ? 65  LYS A CD  1 
ATOM   544  C CE  . LYS A 1 64  ? 9.789   -4.743  -11.029 1.00 36.39 ? 65  LYS A CE  1 
ATOM   545  N NZ  . LYS A 1 64  ? 9.960   -6.217  -11.106 1.00 46.23 ? 65  LYS A NZ  1 
ATOM   546  N N   . ASP A 1 65  ? 11.746  0.495   -13.593 1.00 12.15 ? 66  ASP A N   1 
ATOM   547  C CA  . ASP A 1 65  ? 11.864  1.184   -14.874 1.00 12.64 ? 66  ASP A CA  1 
ATOM   548  C C   . ASP A 1 65  ? 10.919  0.639   -15.945 1.00 12.52 ? 66  ASP A C   1 
ATOM   549  O O   . ASP A 1 65  ? 10.537  1.368   -16.862 1.00 15.24 ? 66  ASP A O   1 
ATOM   550  C CB  . ASP A 1 65  ? 13.306  1.125   -15.386 1.00 15.22 ? 66  ASP A CB  1 
ATOM   551  C CG  . ASP A 1 65  ? 14.239  2.037   -14.623 1.00 40.48 ? 66  ASP A CG  1 
ATOM   552  O OD1 . ASP A 1 65  ? 13.756  2.813   -13.770 1.00 35.68 ? 66  ASP A OD1 1 
ATOM   553  O OD2 . ASP A 1 65  ? 15.458  1.986   -14.893 1.00 29.15 ? 66  ASP A OD2 1 
ATOM   554  N N   . ASP A 1 66  ? 10.535  -0.630  -15.824 1.00 13.25 ? 67  ASP A N   1 
ATOM   555  C CA  . ASP A 1 66  ? 9.611   -1.216  -16.795 1.00 15.81 ? 67  ASP A CA  1 
ATOM   556  C C   . ASP A 1 66  ? 8.130   -1.067  -16.443 1.00 15.92 ? 67  ASP A C   1 
ATOM   557  O O   . ASP A 1 66  ? 7.283   -1.633  -17.124 1.00 16.08 ? 67  ASP A O   1 
ATOM   558  C CB  . ASP A 1 66  ? 9.970   -2.687  -17.096 1.00 17.16 ? 67  ASP A CB  1 
ATOM   559  C CG  . ASP A 1 66  ? 9.709   -3.620  -15.924 1.00 22.58 ? 67  ASP A CG  1 
ATOM   560  O OD1 . ASP A 1 66  ? 9.337   -3.151  -14.829 1.00 25.27 ? 67  ASP A OD1 1 
ATOM   561  O OD2 . ASP A 1 66  ? 9.886   -4.847  -16.094 1.00 21.02 ? 67  ASP A OD2 1 
ATOM   562  N N   . TYR A 1 67  ? 7.808   -0.303  -15.398 1.00 10.81 ? 68  TYR A N   1 
ATOM   563  C CA  . TYR A 1 67  ? 6.400   -0.003  -15.111 1.00 10.41 ? 68  TYR A CA  1 
ATOM   564  C C   . TYR A 1 67  ? 5.779   0.650   -16.357 1.00 9.59  ? 68  TYR A C   1 
ATOM   565  O O   . TYR A 1 67  ? 6.419   1.475   -17.007 1.00 11.54 ? 68  TYR A O   1 
ATOM   566  C CB  . TYR A 1 67  ? 6.323   0.937   -13.888 1.00 12.91 ? 68  TYR A CB  1 
ATOM   567  C CG  . TYR A 1 67  ? 4.956   1.535   -13.604 1.00 7.10  ? 68  TYR A CG  1 
ATOM   568  C CD1 . TYR A 1 67  ? 3.982   0.819   -12.927 1.00 7.68  ? 68  TYR A CD1 1 
ATOM   569  C CD2 . TYR A 1 67  ? 4.652   2.823   -14.017 1.00 7.88  ? 68  TYR A CD2 1 
ATOM   570  C CE1 . TYR A 1 67  ? 2.733   1.376   -12.682 1.00 7.58  ? 68  TYR A CE1 1 
ATOM   571  C CE2 . TYR A 1 67  ? 3.422   3.377   -13.789 1.00 8.38  ? 68  TYR A CE2 1 
ATOM   572  C CZ  . TYR A 1 67  ? 2.462   2.656   -13.116 1.00 8.67  ? 68  TYR A CZ  1 
ATOM   573  O OH  . TYR A 1 67  ? 1.237   3.229   -12.885 1.00 12.36 ? 68  TYR A OH  1 
ATOM   574  N N   . PRO A 1 68  ? 4.517   0.316   -16.693 1.00 7.91  ? 69  PRO A N   1 
ATOM   575  C CA  . PRO A 1 68  ? 3.553   -0.515  -15.958 1.00 7.05  ? 69  PRO A CA  1 
ATOM   576  C C   . PRO A 1 68  ? 3.524   -1.998  -16.342 1.00 7.05  ? 69  PRO A C   1 
ATOM   577  O O   . PRO A 1 68  ? 2.523   -2.658  -16.030 1.00 8.17  ? 69  PRO A O   1 
ATOM   578  C CB  . PRO A 1 68  ? 2.222   0.158   -16.295 1.00 9.62  ? 69  PRO A CB  1 
ATOM   579  C CG  . PRO A 1 68  ? 2.415   0.573   -17.730 1.00 8.19  ? 69  PRO A CG  1 
ATOM   580  C CD  . PRO A 1 68  ? 3.865   1.020   -17.812 1.00 9.53  ? 69  PRO A CD  1 
ATOM   581  N N   . SER A 1 69  ? 4.568   -2.507  -16.986 1.00 8.60  ? 70  SER A N   1 
ATOM   582  C CA  . SER A 1 69  ? 4.696   -3.953  -17.176 1.00 10.02 ? 70  SER A CA  1 
ATOM   583  C C   . SER A 1 69  ? 4.636   -4.664  -15.825 1.00 9.17  ? 70  SER A C   1 
ATOM   584  O O   . SER A 1 69  ? 3.950   -5.684  -15.665 1.00 11.37 ? 70  SER A O   1 
ATOM   585  C CB  . SER A 1 69  ? 6.013   -4.284  -17.883 1.00 10.82 ? 70  SER A CB  1 
ATOM   586  O OG  . SER A 1 69  ? 6.111   -5.665  -18.190 1.00 9.46  ? 70  SER A OG  1 
ATOM   587  N N   . SER A 1 70  ? 5.360   -4.105  -14.857 1.00 10.62 ? 71  SER A N   1 
ATOM   588  C CA  . SER A 1 70  ? 5.430   -4.651  -13.502 1.00 10.59 ? 71  SER A CA  1 
ATOM   589  C C   . SER A 1 70  ? 4.663   -3.770  -12.530 1.00 9.33  ? 71  SER A C   1 
ATOM   590  O O   . SER A 1 70  ? 4.535   -2.561  -12.750 1.00 10.31 ? 71  SER A O   1 
ATOM   591  C CB  . SER A 1 70  ? 6.889   -4.690  -13.070 1.00 12.04 ? 71  SER A CB  1 
ATOM   592  O OG  . SER A 1 70  ? 7.465   -3.400  -13.187 1.00 16.45 ? 71  SER A OG  1 
ATOM   593  N N   . PRO A 1 71  ? 4.155   -4.365  -11.441 1.00 9.60  ? 72  PRO A N   1 
ATOM   594  C CA  . PRO A 1 71  ? 3.496   -3.592  -10.387 1.00 9.79  ? 72  PRO A CA  1 
ATOM   595  C C   . PRO A 1 71  ? 4.538   -2.870  -9.542  1.00 9.23  ? 72  PRO A C   1 
ATOM   596  O O   . PRO A 1 71  ? 5.697   -3.288  -9.499  1.00 9.64  ? 72  PRO A O   1 
ATOM   597  C CB  . PRO A 1 71  ? 2.827   -4.677  -9.531  1.00 9.60  ? 72  PRO A CB  1 
ATOM   598  C CG  . PRO A 1 71  ? 3.731   -5.876  -9.697  1.00 8.93  ? 72  PRO A CG  1 
ATOM   599  C CD  . PRO A 1 71  ? 4.166   -5.811  -11.146 1.00 10.47 ? 72  PRO A CD  1 
ATOM   600  N N   . PRO A 1 72  ? 4.130   -1.801  -8.850  1.00 7.96  ? 73  PRO A N   1 
ATOM   601  C CA  . PRO A 1 72  ? 5.078   -1.232  -7.890  1.00 11.27 ? 73  PRO A CA  1 
ATOM   602  C C   . PRO A 1 72  ? 5.230   -2.132  -6.670  1.00 8.58  ? 73  PRO A C   1 
ATOM   603  O O   . PRO A 1 72  ? 4.338   -2.948  -6.384  1.00 9.07  ? 73  PRO A O   1 
ATOM   604  C CB  . PRO A 1 72  ? 4.384   0.060   -7.462  1.00 13.55 ? 73  PRO A CB  1 
ATOM   605  C CG  . PRO A 1 72  ? 2.934   -0.275  -7.548  1.00 11.13 ? 73  PRO A CG  1 
ATOM   606  C CD  . PRO A 1 72  ? 2.836   -1.097  -8.826  1.00 11.83 ? 73  PRO A CD  1 
ATOM   607  N N   . LYS A 1 73  ? 6.363   -2.009  -5.980  1.00 9.28  ? 74  LYS A N   1 
ATOM   608  C CA  A LYS A 1 73  ? 6.511   -2.592  -4.658  0.38 8.59  ? 74  LYS A CA  1 
ATOM   609  C CA  B LYS A 1 73  ? 6.511   -2.596  -4.658  0.62 8.53  ? 74  LYS A CA  1 
ATOM   610  C C   . LYS A 1 73  ? 5.885   -1.618  -3.670  1.00 8.30  ? 74  LYS A C   1 
ATOM   611  O O   . LYS A 1 73  ? 6.167   -0.417  -3.715  1.00 10.13 ? 74  LYS A O   1 
ATOM   612  C CB  A LYS A 1 73  ? 7.989   -2.797  -4.328  0.38 9.45  ? 74  LYS A CB  1 
ATOM   613  C CB  B LYS A 1 73  ? 7.992   -2.842  -4.328  0.62 9.33  ? 74  LYS A CB  1 
ATOM   614  C CG  A LYS A 1 73  ? 8.245   -3.450  -2.980  0.38 13.30 ? 74  LYS A CG  1 
ATOM   615  C CG  B LYS A 1 73  ? 8.253   -3.292  -2.890  0.62 13.30 ? 74  LYS A CG  1 
ATOM   616  C CD  A LYS A 1 73  ? 9.736   -3.505  -2.707  0.38 17.42 ? 74  LYS A CD  1 
ATOM   617  C CD  B LYS A 1 73  ? 9.647   -3.912  -2.733  0.62 19.75 ? 74  LYS A CD  1 
ATOM   618  C CE  A LYS A 1 73  ? 10.045  -4.321  -1.475  0.38 16.54 ? 74  LYS A CE  1 
ATOM   619  C CE  B LYS A 1 73  ? 10.759  -2.936  -3.105  0.62 23.13 ? 74  LYS A CE  1 
ATOM   620  N NZ  A LYS A 1 73  ? 11.495  -4.232  -1.138  0.38 13.75 ? 74  LYS A NZ  1 
ATOM   621  N NZ  B LYS A 1 73  ? 12.123  -3.568  -3.069  0.62 26.54 ? 74  LYS A NZ  1 
ATOM   622  N N   . CYS A 1 74  ? 5.013   -2.135  -2.808  1.00 7.87  ? 75  CYS A N   1 
ATOM   623  C CA  . CYS A 1 74  ? 4.318   -1.324  -1.808  1.00 7.64  ? 75  CYS A CA  1 
ATOM   624  C C   . CYS A 1 74  ? 4.763   -1.773  -0.433  1.00 9.32  ? 75  CYS A C   1 
ATOM   625  O O   . CYS A 1 74  ? 4.639   -2.956  -0.084  1.00 11.22 ? 75  CYS A O   1 
ATOM   626  C CB  . CYS A 1 74  ? 2.807   -1.455  -1.957  1.00 6.85  ? 75  CYS A CB  1 
ATOM   627  S SG  . CYS A 1 74  ? 2.236   -0.875  -3.579  1.00 11.25 ? 75  CYS A SG  1 
ATOM   628  N N   A LYS A 1 75  ? 5.311   -0.838  0.336   0.37 6.33  ? 76  LYS A N   1 
ATOM   629  N N   B LYS A 1 75  ? 5.297   -0.838  0.350   0.63 6.25  ? 76  LYS A N   1 
ATOM   630  C CA  A LYS A 1 75  ? 5.913   -1.185  1.619   0.37 7.47  ? 76  LYS A CA  1 
ATOM   631  C CA  B LYS A 1 75  ? 5.947   -1.183  1.617   0.63 7.40  ? 76  LYS A CA  1 
ATOM   632  C C   A LYS A 1 75  ? 5.457   -0.236  2.712   0.37 8.66  ? 76  LYS A C   1 
ATOM   633  C C   B LYS A 1 75  ? 5.495   -0.241  2.729   0.63 8.64  ? 76  LYS A C   1 
ATOM   634  O O   A LYS A 1 75  ? 5.684   0.977   2.638   0.37 8.88  ? 76  LYS A O   1 
ATOM   635  O O   B LYS A 1 75  ? 5.751   0.969   2.680   0.63 8.87  ? 76  LYS A O   1 
ATOM   636  C CB  A LYS A 1 75  ? 7.437   -1.144  1.507   0.37 11.94 ? 76  LYS A CB  1 
ATOM   637  C CB  B LYS A 1 75  ? 7.469   -1.105  1.435   0.63 11.99 ? 76  LYS A CB  1 
ATOM   638  C CG  A LYS A 1 75  ? 8.187   -1.732  2.697   0.37 14.94 ? 76  LYS A CG  1 
ATOM   639  C CG  B LYS A 1 75  ? 8.323   -1.658  2.577   0.63 16.76 ? 76  LYS A CG  1 
ATOM   640  C CD  A LYS A 1 75  ? 9.683   -1.554  2.510   0.37 19.29 ? 76  LYS A CD  1 
ATOM   641  C CD  B LYS A 1 75  ? 9.755   -1.884  2.076   0.63 17.12 ? 76  LYS A CD  1 
ATOM   642  C CE  A LYS A 1 75  ? 10.084  -1.899  1.086   0.37 24.58 ? 76  LYS A CE  1 
ATOM   643  C CE  B LYS A 1 75  ? 10.759  -1.980  3.217   0.63 25.45 ? 76  LYS A CE  1 
ATOM   644  N NZ  A LYS A 1 75  ? 11.559  -1.890  0.855   0.37 32.92 ? 76  LYS A NZ  1 
ATOM   645  N NZ  B LYS A 1 75  ? 12.153  -2.043  2.686   0.63 24.29 ? 76  LYS A NZ  1 
ATOM   646  N N   . PHE A 1 76  ? 4.813   -0.788  3.728   1.00 7.77  ? 77  PHE A N   1 
ATOM   647  C CA  . PHE A 1 76  ? 4.455   0.003   4.895   1.00 8.20  ? 77  PHE A CA  1 
ATOM   648  C C   . PHE A 1 76  ? 5.722   0.423   5.644   1.00 9.02  ? 77  PHE A C   1 
ATOM   649  O O   . PHE A 1 76  ? 6.613   -0.394  5.884   1.00 10.81 ? 77  PHE A O   1 
ATOM   650  C CB  . PHE A 1 76  ? 3.511   -0.781  5.795   1.00 7.82  ? 77  PHE A CB  1 
ATOM   651  C CG  . PHE A 1 76  ? 2.090   -0.772  5.312   1.00 6.14  ? 77  PHE A CG  1 
ATOM   652  C CD1 . PHE A 1 76  ? 1.338   0.402   5.348   1.00 8.10  ? 77  PHE A CD1 1 
ATOM   653  C CD2 . PHE A 1 76  ? 1.496   -1.925  4.822   1.00 7.20  ? 77  PHE A CD2 1 
ATOM   654  C CE1 . PHE A 1 76  ? 0.028   0.429   4.901   1.00 7.36  ? 77  PHE A CE1 1 
ATOM   655  C CE2 . PHE A 1 76  ? 0.162   -1.897  4.370   1.00 6.86  ? 77  PHE A CE2 1 
ATOM   656  C CZ  . PHE A 1 76  ? -0.567  -0.724  4.419   1.00 7.94  ? 77  PHE A CZ  1 
ATOM   657  N N   . GLU A 1 77  ? 5.788   1.711   5.967   1.00 8.72  ? 78  GLU A N   1 
ATOM   658  C CA  A GLU A 1 77  ? 6.933   2.288   6.658   0.43 11.79 ? 78  GLU A CA  1 
ATOM   659  C CA  B GLU A 1 77  ? 6.941   2.322   6.622   0.57 11.75 ? 78  GLU A CA  1 
ATOM   660  C C   . GLU A 1 77  ? 6.404   3.166   7.785   1.00 14.85 ? 78  GLU A C   1 
ATOM   661  O O   . GLU A 1 77  ? 5.910   4.271   7.556   1.00 17.22 ? 78  GLU A O   1 
ATOM   662  C CB  A GLU A 1 77  ? 7.806   3.087   5.685   0.43 16.04 ? 78  GLU A CB  1 
ATOM   663  C CB  B GLU A 1 77  ? 7.662   3.210   5.594   0.57 15.98 ? 78  GLU A CB  1 
ATOM   664  C CG  A GLU A 1 77  ? 8.490   2.228   4.623   0.43 11.61 ? 78  GLU A CG  1 
ATOM   665  C CG  B GLU A 1 77  ? 8.993   3.817   6.026   0.57 20.91 ? 78  GLU A CG  1 
ATOM   666  C CD  A GLU A 1 77  ? 9.489   3.003   3.785   0.43 26.17 ? 78  GLU A CD  1 
ATOM   667  C CD  B GLU A 1 77  ? 9.784   4.406   4.855   0.57 29.74 ? 78  GLU A CD  1 
ATOM   668  O OE1 A GLU A 1 77  ? 9.462   4.252   3.829   0.43 29.34 ? 78  GLU A OE1 1 
ATOM   669  O OE1 B GLU A 1 77  ? 9.749   3.822   3.743   0.57 21.02 ? 78  GLU A OE1 1 
ATOM   670  O OE2 A GLU A 1 77  ? 10.298  2.360   3.079   0.43 26.22 ? 78  GLU A OE2 1 
ATOM   671  O OE2 B GLU A 1 77  ? 10.449  5.450   5.046   0.57 22.39 ? 78  GLU A OE2 1 
ATOM   672  N N   . PRO A 1 78  ? 6.476   2.659   9.027   1.00 11.65 ? 79  PRO A N   1 
ATOM   673  C CA  . PRO A 1 78  ? 7.067   1.397   9.488   1.00 13.15 ? 79  PRO A CA  1 
ATOM   674  C C   . PRO A 1 78  ? 6.200   0.170   9.192   1.00 11.95 ? 79  PRO A C   1 
ATOM   675  O O   . PRO A 1 78  ? 5.026   0.316   8.847   1.00 14.85 ? 79  PRO A O   1 
ATOM   676  C CB  . PRO A 1 78  ? 7.165   1.610   11.003  1.00 16.07 ? 79  PRO A CB  1 
ATOM   677  C CG  . PRO A 1 78  ? 6.023   2.501   11.314  1.00 15.87 ? 79  PRO A CG  1 
ATOM   678  C CD  . PRO A 1 78  ? 5.902   3.435   10.146  1.00 14.50 ? 79  PRO A CD  1 
ATOM   679  N N   A PRO A 1 79  ? 6.777   -1.036  9.309   1.00 13.80 ? 80  PRO A N   1 
ATOM   680  C CA  A PRO A 1 79  ? 5.989   -2.252  9.078   0.53 11.96 ? 80  PRO A CA  1 
ATOM   681  C CA  B PRO A 1 79  ? 5.990   -2.253  9.078   0.47 11.98 ? 80  PRO A CA  1 
ATOM   682  C C   A PRO A 1 79  ? 4.788   -2.364  10.020  0.53 13.11 ? 80  PRO A C   1 
ATOM   683  C C   B PRO A 1 79  ? 4.788   -2.365  10.020  0.47 13.13 ? 80  PRO A C   1 
ATOM   684  O O   A PRO A 1 79  ? 4.829   -1.864  11.149  0.53 17.29 ? 80  PRO A O   1 
ATOM   685  O O   B PRO A 1 79  ? 4.831   -1.866  11.149  0.47 17.28 ? 80  PRO A O   1 
ATOM   686  C CB  A PRO A 1 79  ? 6.996   -3.373  9.351   0.53 15.21 ? 80  PRO A CB  1 
ATOM   687  C CB  B PRO A 1 79  ? 6.996   -3.372  9.353   0.47 15.21 ? 80  PRO A CB  1 
ATOM   688  C CG  A PRO A 1 79  ? 8.321   -2.759  9.036   0.53 17.74 ? 80  PRO A CG  1 
ATOM   689  C CG  B PRO A 1 79  ? 8.321   -2.760  9.039   0.47 17.72 ? 80  PRO A CG  1 
ATOM   690  C CD  A PRO A 1 79  ? 8.209   -1.334  9.497   0.53 14.47 ? 80  PRO A CD  1 
ATOM   691  C CD  B PRO A 1 79  ? 8.208   -1.335  9.500   0.47 14.47 ? 80  PRO A CD  1 
ATOM   692  N N   . LEU A 1 80  ? 3.727   -3.010  9.548   1.00 10.61 ? 81  LEU A N   1 
ATOM   693  C CA  . LEU A 1 80  ? 2.482   -3.126  10.303  1.00 11.66 ? 81  LEU A CA  1 
ATOM   694  C C   . LEU A 1 80  ? 2.205   -4.559  10.723  1.00 11.28 ? 81  LEU A C   1 
ATOM   695  O O   . LEU A 1 80  ? 2.626   -5.513  10.059  1.00 13.16 ? 81  LEU A O   1 
ATOM   696  C CB  . LEU A 1 80  ? 1.296   -2.689  9.430   1.00 17.54 ? 81  LEU A CB  1 
ATOM   697  C CG  . LEU A 1 80  ? 1.159   -1.249  8.967   1.00 20.86 ? 81  LEU A CG  1 
ATOM   698  C CD1 . LEU A 1 80  ? -0.139  -1.106  8.180   1.00 16.82 ? 81  LEU A CD1 1 
ATOM   699  C CD2 . LEU A 1 80  ? 1.175   -0.329  10.161  1.00 26.32 ? 81  LEU A CD2 1 
ATOM   700  N N   . PHE A 1 81  ? 1.468   -4.702  11.820  1.00 9.37  ? 82  PHE A N   1 
ATOM   701  C CA  . PHE A 1 81  ? 0.879   -5.961  12.219  1.00 9.61  ? 82  PHE A CA  1 
ATOM   702  C C   . PHE A 1 81  ? -0.328  -6.255  11.331  1.00 12.23 ? 82  PHE A C   1 
ATOM   703  O O   . PHE A 1 81  ? -1.332  -5.538  11.392  1.00 11.59 ? 82  PHE A O   1 
ATOM   704  C CB  . PHE A 1 81  ? 0.457   -5.826  13.690  1.00 11.86 ? 82  PHE A CB  1 
ATOM   705  C CG  . PHE A 1 81  ? -0.265  -7.021  14.259  1.00 13.54 ? 82  PHE A CG  1 
ATOM   706  C CD1 . PHE A 1 81  ? -1.653  -7.069  14.270  1.00 11.11 ? 82  PHE A CD1 1 
ATOM   707  C CD2 . PHE A 1 81  ? 0.439   -8.065  14.843  1.00 13.86 ? 82  PHE A CD2 1 
ATOM   708  C CE1 . PHE A 1 81  ? -2.332  -8.151  14.825  1.00 13.13 ? 82  PHE A CE1 1 
ATOM   709  C CE2 . PHE A 1 81  ? -0.232  -9.156  15.404  1.00 13.67 ? 82  PHE A CE2 1 
ATOM   710  C CZ  . PHE A 1 81  ? -1.619  -9.196  15.388  1.00 15.80 ? 82  PHE A CZ  1 
ATOM   711  N N   . HIS A 1 82  ? -0.226  -7.293  10.496  1.00 9.08  ? 83  HIS A N   1 
ATOM   712  C CA  . HIS A 1 82  ? -1.300  -7.731  9.596   1.00 7.33  ? 83  HIS A CA  1 
ATOM   713  C C   . HIS A 1 82  ? -0.837  -9.057  8.979   1.00 8.10  ? 83  HIS A C   1 
ATOM   714  O O   . HIS A 1 82  ? 0.344   -9.192  8.639   1.00 8.25  ? 83  HIS A O   1 
ATOM   715  C CB  . HIS A 1 82  ? -1.554  -6.684  8.496   1.00 9.15  ? 83  HIS A CB  1 
ATOM   716  C CG  . HIS A 1 82  ? -2.700  -7.017  7.594   1.00 9.27  ? 83  HIS A CG  1 
ATOM   717  N ND1 . HIS A 1 82  ? -2.602  -7.951  6.576   1.00 8.30  ? 83  HIS A ND1 1 
ATOM   718  C CD2 . HIS A 1 82  ? -3.976  -6.569  7.563   1.00 8.59  ? 83  HIS A CD2 1 
ATOM   719  C CE1 . HIS A 1 82  ? -3.765  -8.046  5.955   1.00 10.11 ? 83  HIS A CE1 1 
ATOM   720  N NE2 . HIS A 1 82  ? -4.621  -7.223  6.545   1.00 8.88  ? 83  HIS A NE2 1 
ATOM   721  N N   A PRO A 1 83  ? -1.750  -10.033 8.825   1.00 8.32  ? 84  PRO A N   1 
ATOM   722  C CA  A PRO A 1 83  ? -1.337  -11.357 8.336   1.00 10.65 ? 84  PRO A CA  1 
ATOM   723  C C   A PRO A 1 83  ? -0.668  -11.342 6.960   1.00 10.50 ? 84  PRO A C   1 
ATOM   724  O O   A PRO A 1 83  ? 0.122   -12.244 6.668   1.00 11.07 ? 84  PRO A O   1 
ATOM   725  C CB  A PRO A 1 83  ? -2.658  -12.129 8.251   1.00 10.94 ? 84  PRO A CB  1 
ATOM   726  C CG  A PRO A 1 83  ? -3.543  -11.459 9.248   0.50 9.09  ? 84  PRO A CG  1 
ATOM   727  C CG  B PRO A 1 83  ? -3.543  -11.460 9.248   0.50 9.09  ? 84  PRO A CG  1 
ATOM   728  C CD  A PRO A 1 83  ? -3.187  -9.999  9.160   1.00 9.98  ? 84  PRO A CD  1 
ATOM   729  N N   . ASN A 1 84  ? -0.979  -10.348 6.131   1.00 8.68  ? 85  ASN A N   1 
ATOM   730  C CA  . ASN A 1 84  ? -0.481  -10.312 4.754   1.00 8.74  ? 85  ASN A CA  1 
ATOM   731  C C   . ASN A 1 84  ? 0.543   -9.219  4.498   1.00 8.69  ? 85  ASN A C   1 
ATOM   732  O O   . ASN A 1 84  ? 0.782   -8.842  3.344   1.00 10.84 ? 85  ASN A O   1 
ATOM   733  C CB  . ASN A 1 84  ? -1.637  -10.142 3.765   1.00 8.14  ? 85  ASN A CB  1 
ATOM   734  C CG  . ASN A 1 84  ? -2.710  -11.170 3.954   1.00 12.19 ? 85  ASN A CG  1 
ATOM   735  O OD1 . ASN A 1 84  ? -3.823  -10.842 4.361   1.00 12.17 ? 85  ASN A OD1 1 
ATOM   736  N ND2 . ASN A 1 84  ? -2.386  -12.425 3.670   1.00 12.22 ? 85  ASN A ND2 1 
ATOM   737  N N   . VAL A 1 85  ? 1.142   -8.697  5.563   1.00 6.08  ? 86  VAL A N   1 
ATOM   738  C CA  . VAL A 1 85  ? 2.257   -7.769  5.425   1.00 7.51  ? 86  VAL A CA  1 
ATOM   739  C C   . VAL A 1 85  ? 3.512   -8.428  5.971   1.00 6.93  ? 86  VAL A C   1 
ATOM   740  O O   . VAL A 1 85  ? 3.548   -8.831  7.135   1.00 9.32  ? 86  VAL A O   1 
ATOM   741  C CB  . VAL A 1 85  ? 1.967   -6.431  6.163   1.00 9.23  ? 86  VAL A CB  1 
ATOM   742  C CG1 . VAL A 1 85  ? 3.176   -5.494  6.114   1.00 9.79  ? 86  VAL A CG1 1 
ATOM   743  C CG2 . VAL A 1 85  ? 0.736   -5.754  5.556   1.00 8.45  ? 86  VAL A CG2 1 
ATOM   744  N N   . TYR A 1 86  ? 4.536   -8.558  5.133   1.00 7.60  ? 87  TYR A N   1 
ATOM   745  C CA  . TYR A 1 86  ? 5.812   -9.138  5.568   1.00 8.50  ? 87  TYR A CA  1 
ATOM   746  C C   . TYR A 1 86  ? 6.445   -8.290  6.675   1.00 10.42 ? 87  TYR A C   1 
ATOM   747  O O   . TYR A 1 86  ? 6.159   -7.097  6.783   1.00 10.05 ? 87  TYR A O   1 
ATOM   748  C CB  . TYR A 1 86  ? 6.773   -9.246  4.377   1.00 6.50  ? 87  TYR A CB  1 
ATOM   749  C CG  . TYR A 1 86  ? 6.370   -10.300 3.375   1.00 7.86  ? 87  TYR A CG  1 
ATOM   750  C CD1 . TYR A 1 86  ? 6.581   -11.645 3.639   1.00 11.48 ? 87  TYR A CD1 1 
ATOM   751  C CD2 . TYR A 1 86  ? 5.802   -9.947  2.162   1.00 9.50  ? 87  TYR A CD2 1 
ATOM   752  C CE1 . TYR A 1 86  ? 6.213   -12.613 2.723   1.00 10.06 ? 87  TYR A CE1 1 
ATOM   753  C CE2 . TYR A 1 86  ? 5.425   -10.906 1.237   1.00 9.89  ? 87  TYR A CE2 1 
ATOM   754  C CZ  . TYR A 1 86  ? 5.644   -12.236 1.525   1.00 10.03 ? 87  TYR A CZ  1 
ATOM   755  O OH  . TYR A 1 86  ? 5.281   -13.208 0.625   1.00 16.92 ? 87  TYR A OH  1 
ATOM   756  N N   A PRO A 1 87  ? 7.294   -8.911  7.512   0.49 9.60  ? 88  PRO A N   1 
ATOM   757  N N   B PRO A 1 87  ? 7.293   -8.911  7.512   0.51 9.59  ? 88  PRO A N   1 
ATOM   758  C CA  A PRO A 1 87  ? 8.030   -8.171  8.541   0.49 11.26 ? 88  PRO A CA  1 
ATOM   759  C CA  B PRO A 1 87  ? 8.029   -8.171  8.541   0.51 11.25 ? 88  PRO A CA  1 
ATOM   760  C C   A PRO A 1 87  ? 8.802   -6.976  7.984   0.49 10.51 ? 88  PRO A C   1 
ATOM   761  C C   B PRO A 1 87  ? 8.801   -6.976  7.984   0.51 10.50 ? 88  PRO A C   1 
ATOM   762  O O   A PRO A 1 87  ? 9.036   -6.017  8.716   0.49 14.60 ? 88  PRO A O   1 
ATOM   763  O O   B PRO A 1 87  ? 9.035   -6.017  8.716   0.51 14.60 ? 88  PRO A O   1 
ATOM   764  C CB  A PRO A 1 87  ? 9.001   -9.219  9.091   0.49 13.31 ? 88  PRO A CB  1 
ATOM   765  C CB  B PRO A 1 87  ? 9.000   -9.220  9.091   0.51 13.30 ? 88  PRO A CB  1 
ATOM   766  C CG  A PRO A 1 87  ? 8.280   -10.509 8.913   0.49 14.93 ? 88  PRO A CG  1 
ATOM   767  C CG  B PRO A 1 87  ? 8.279   -10.510 8.912   0.51 14.93 ? 88  PRO A CG  1 
ATOM   768  C CD  A PRO A 1 87  ? 7.502   -10.365 7.620   0.49 11.47 ? 88  PRO A CD  1 
ATOM   769  C CD  B PRO A 1 87  ? 7.500   -10.366 7.620   0.51 11.46 ? 88  PRO A CD  1 
ATOM   770  N N   . SER A 1 88  ? 9.188   -7.027  6.710   1.00 8.43  ? 89  SER A N   1 
ATOM   771  C CA  . SER A 1 88  ? 9.869   -5.905  6.066   1.00 9.22  ? 89  SER A CA  1 
ATOM   772  C C   . SER A 1 88  ? 8.957   -4.699  5.825   1.00 10.57 ? 89  SER A C   1 
ATOM   773  O O   . SER A 1 88  ? 9.439   -3.584  5.586   1.00 12.84 ? 89  SER A O   1 
ATOM   774  C CB  . SER A 1 88  ? 10.406  -6.346  4.722   1.00 11.01 ? 89  SER A CB  1 
ATOM   775  O OG  . SER A 1 88  ? 9.312   -6.626  3.855   1.00 9.95  ? 89  SER A OG  1 
ATOM   776  N N   . GLY A 1 89  ? 7.648   -4.933  5.870   1.00 8.45  ? 90  GLY A N   1 
ATOM   777  C CA  . GLY A 1 89  ? 6.672   -3.922  5.495   1.00 7.94  ? 90  GLY A CA  1 
ATOM   778  C C   . GLY A 1 89  ? 6.037   -4.154  4.136   1.00 10.38 ? 90  GLY A C   1 
ATOM   779  O O   . GLY A 1 89  ? 5.020   -3.553  3.813   1.00 8.41  ? 90  GLY A O   1 
ATOM   780  N N   A THR A 1 90  ? 6.633   -5.025  3.331   0.74 8.73  ? 91  THR A N   1 
ATOM   781  N N   B THR A 1 90  ? 6.640   -5.015  3.323   0.26 8.73  ? 91  THR A N   1 
ATOM   782  C CA  A THR A 1 90  ? 6.132   -5.254  1.984   0.74 5.12  ? 91  THR A CA  1 
ATOM   783  C CA  B THR A 1 90  ? 6.129   -5.233  1.974   0.26 5.30  ? 91  THR A CA  1 
ATOM   784  C C   A THR A 1 90  ? 4.760   -5.910  2.025   0.74 7.93  ? 91  THR A C   1 
ATOM   785  C C   B THR A 1 90  ? 4.772   -5.916  2.008   0.26 7.97  ? 91  THR A C   1 
ATOM   786  O O   A THR A 1 90  ? 4.516   -6.834  2.810   0.74 10.12 ? 91  THR A O   1 
ATOM   787  O O   B THR A 1 90  ? 4.549   -6.857  2.775   0.26 10.08 ? 91  THR A O   1 
ATOM   788  C CB  A THR A 1 90  ? 7.114   -6.118  1.191   0.74 8.42  ? 91  THR A CB  1 
ATOM   789  C CB  B THR A 1 90  ? 7.112   -6.031  1.099   0.26 8.56  ? 91  THR A CB  1 
ATOM   790  O OG1 A THR A 1 90  ? 8.358   -5.415  1.107   0.74 10.55 ? 91  THR A OG1 1 
ATOM   791  O OG1 B THR A 1 90  ? 7.412   -7.291  1.712   0.26 13.67 ? 91  THR A OG1 1 
ATOM   792  C CG2 A THR A 1 90  ? 6.605   -6.388  -0.213  0.74 7.65  ? 91  THR A CG2 1 
ATOM   793  C CG2 B THR A 1 90  ? 8.391   -5.244  0.933   0.26 10.84 ? 91  THR A CG2 1 
ATOM   794  N N   . VAL A 1 91  ? 3.859   -5.412  1.186   1.00 7.56  ? 92  VAL A N   1 
ATOM   795  C CA  . VAL A 1 91  ? 2.498   -5.922  1.118   1.00 8.29  ? 92  VAL A CA  1 
ATOM   796  C C   . VAL A 1 91  ? 2.385   -7.103  0.165   1.00 10.00 ? 92  VAL A C   1 
ATOM   797  O O   . VAL A 1 91  ? 2.887   -7.040  -0.960  1.00 11.06 ? 92  VAL A O   1 
ATOM   798  C CB  . VAL A 1 91  ? 1.567   -4.803  0.640   1.00 10.17 ? 92  VAL A CB  1 
ATOM   799  C CG1 . VAL A 1 91  ? 0.145   -5.319  0.447   1.00 12.26 ? 92  VAL A CG1 1 
ATOM   800  C CG2 . VAL A 1 91  ? 1.595   -3.648  1.638   1.00 9.38  ? 92  VAL A CG2 1 
ATOM   801  N N   . CYS A 1 92  ? 1.739   -8.179  0.624   1.00 7.97  ? 93  CYS A N   1 
ATOM   802  C CA  . CYS A 1 92  ? 1.491   -9.374  -0.184  1.00 10.03 ? 93  CYS A CA  1 
ATOM   803  C C   . CYS A 1 92  ? 0.038   -9.331  -0.674  1.00 14.44 ? 93  CYS A C   1 
ATOM   804  O O   . CYS A 1 92  ? -0.894  -9.473  0.123   1.00 12.82 ? 93  CYS A O   1 
ATOM   805  C CB  . CYS A 1 92  ? 1.731   -10.622 0.677   1.00 13.44 ? 93  CYS A CB  1 
ATOM   806  S SG  . CYS A 1 92  ? 1.560   -12.210 -0.176  1.00 22.55 ? 93  CYS A SG  1 
ATOM   807  N N   . LEU A 1 93  ? -0.157  -9.115  -1.975  1.00 11.31 ? 94  LEU A N   1 
ATOM   808  C CA  . LEU A 1 93  ? -1.502  -8.935  -2.538  1.00 9.11  ? 94  LEU A CA  1 
ATOM   809  C C   . LEU A 1 93  ? -1.401  -9.329  -4.001  1.00 10.41 ? 94  LEU A C   1 
ATOM   810  O O   . LEU A 1 93  ? -0.441  -8.948  -4.661  1.00 10.96 ? 94  LEU A O   1 
ATOM   811  C CB  . LEU A 1 93  ? -1.932  -7.473  -2.408  1.00 11.51 ? 94  LEU A CB  1 
ATOM   812  C CG  . LEU A 1 93  ? -3.325  -7.041  -2.863  1.00 14.70 ? 94  LEU A CG  1 
ATOM   813  C CD1 . LEU A 1 93  ? -4.366  -7.788  -2.053  1.00 15.35 ? 94  LEU A CD1 1 
ATOM   814  C CD2 . LEU A 1 93  ? -3.506  -5.538  -2.700  1.00 11.71 ? 94  LEU A CD2 1 
ATOM   815  N N   . SER A 1 94  ? -2.385  -10.079 -4.506  1.00 17.35 ? 95  SER A N   1 
ATOM   816  C CA  A SER A 1 94  ? -2.277  -10.663 -5.843  0.43 12.75 ? 95  SER A CA  1 
ATOM   817  C CA  B SER A 1 94  ? -2.297  -10.659 -5.844  0.57 12.72 ? 95  SER A CA  1 
ATOM   818  C C   . SER A 1 94  ? -2.175  -9.623  -6.959  1.00 9.77  ? 95  SER A C   1 
ATOM   819  O O   . SER A 1 94  ? -1.440  -9.831  -7.925  1.00 13.80 ? 95  SER A O   1 
ATOM   820  C CB  A SER A 1 94  ? -3.424  -11.639 -6.117  0.43 18.52 ? 95  SER A CB  1 
ATOM   821  C CB  B SER A 1 94  ? -3.483  -11.588 -6.106  0.57 18.44 ? 95  SER A CB  1 
ATOM   822  O OG  A SER A 1 94  ? -4.671  -10.978 -6.118  0.43 24.52 ? 95  SER A OG  1 
ATOM   823  O OG  B SER A 1 94  ? -3.449  -12.696 -5.221  0.57 24.29 ? 95  SER A OG  1 
ATOM   824  N N   . ILE A 1 95  ? -2.888  -8.504  -6.827  1.00 13.36 ? 96  ILE A N   1 
ATOM   825  C CA  . ILE A 1 95  ? -2.757  -7.458  -7.854  1.00 10.86 ? 96  ILE A CA  1 
ATOM   826  C C   . ILE A 1 95  ? -1.361  -6.825  -7.866  1.00 13.41 ? 96  ILE A C   1 
ATOM   827  O O   . ILE A 1 95  ? -1.016  -6.124  -8.821  1.00 14.74 ? 96  ILE A O   1 
ATOM   828  C CB  . ILE A 1 95  ? -3.825  -6.344  -7.760  1.00 14.37 ? 96  ILE A CB  1 
ATOM   829  C CG1 . ILE A 1 95  ? -3.762  -5.618  -6.415  1.00 12.71 ? 96  ILE A CG1 1 
ATOM   830  C CG2 . ILE A 1 95  ? -5.211  -6.899  -8.006  1.00 20.98 ? 96  ILE A CG2 1 
ATOM   831  C CD1 . ILE A 1 95  ? -4.536  -4.301  -6.397  1.00 18.98 ? 96  ILE A CD1 1 
ATOM   832  N N   . LEU A 1 96  ? -0.552  -7.075  -6.831  1.00 12.45 ? 97  LEU A N   1 
ATOM   833  C CA  . LEU A 1 96  ? 0.811   -6.527  -6.780  1.00 9.09  ? 97  LEU A CA  1 
ATOM   834  C C   . LEU A 1 96  ? 1.884   -7.523  -7.215  1.00 9.15  ? 97  LEU A C   1 
ATOM   835  O O   . LEU A 1 96  ? 3.077   -7.325  -6.971  1.00 13.00 ? 97  LEU A O   1 
ATOM   836  C CB  . LEU A 1 96  ? 1.135   -5.973  -5.391  1.00 9.77  ? 97  LEU A CB  1 
ATOM   837  C CG  . LEU A 1 96  ? 0.210   -4.854  -4.941  1.00 12.81 ? 97  LEU A CG  1 
ATOM   838  C CD1 . LEU A 1 96  ? 0.547   -4.434  -3.512  1.00 17.21 ? 97  LEU A CD1 1 
ATOM   839  C CD2 . LEU A 1 96  ? 0.327   -3.671  -5.883  1.00 16.90 ? 97  LEU A CD2 1 
ATOM   840  N N   . GLU A 1 97  ? 1.468   -8.591  -7.885  1.00 11.13 ? 98  GLU A N   1 
ATOM   841  C CA  A GLU A 1 97  ? 2.425   -9.537  -8.444  0.52 13.78 ? 98  GLU A CA  1 
ATOM   842  C CA  B GLU A 1 97  ? 2.422   -9.539  -8.440  0.48 13.80 ? 98  GLU A CA  1 
ATOM   843  C C   . GLU A 1 97  ? 2.178   -9.700  -9.936  1.00 12.50 ? 98  GLU A C   1 
ATOM   844  O O   . GLU A 1 97  ? 1.058   -9.998  -10.357 1.00 14.77 ? 98  GLU A O   1 
ATOM   845  C CB  A GLU A 1 97  ? 2.361   -10.880 -7.709  0.52 21.80 ? 98  GLU A CB  1 
ATOM   846  C CB  B GLU A 1 97  ? 2.354   -10.891 -7.722  0.48 21.77 ? 98  GLU A CB  1 
ATOM   847  C CG  A GLU A 1 97  ? 3.115   -10.879 -6.382  0.52 20.17 ? 98  GLU A CG  1 
ATOM   848  C CG  B GLU A 1 97  ? 3.433   -11.860 -8.190  0.48 17.15 ? 98  GLU A CG  1 
ATOM   849  C CD  A GLU A 1 97  ? 3.175   -12.249 -5.723  0.52 38.78 ? 98  GLU A CD  1 
ATOM   850  C CD  B GLU A 1 97  ? 3.715   -12.993 -7.220  0.48 36.87 ? 98  GLU A CD  1 
ATOM   851  O OE1 A GLU A 1 97  ? 3.616   -13.218 -6.381  0.52 41.68 ? 98  GLU A OE1 1 
ATOM   852  O OE1 B GLU A 1 97  ? 3.415   -12.847 -6.014  0.48 40.53 ? 98  GLU A OE1 1 
ATOM   853  O OE2 A GLU A 1 97  ? 2.790   -12.355 -4.538  0.52 35.94 ? 98  GLU A OE2 1 
ATOM   854  O OE2 B GLU A 1 97  ? 4.249   -14.033 -7.669  0.48 24.48 ? 98  GLU A OE2 1 
ATOM   855  N N   . GLU A 1 98  ? 3.235   -9.477  -10.711 1.00 14.35 ? 99  GLU A N   1 
ATOM   856  C CA  . GLU A 1 98  ? 3.206   -9.504  -12.167 1.00 16.53 ? 99  GLU A CA  1 
ATOM   857  C C   . GLU A 1 98  ? 2.676   -10.839 -12.674 1.00 23.45 ? 99  GLU A C   1 
ATOM   858  O O   . GLU A 1 98  ? 1.932   -10.888 -13.661 1.00 25.46 ? 99  GLU A O   1 
ATOM   859  C CB  . GLU A 1 98  ? 4.619   -9.250  -12.691 1.00 19.94 ? 99  GLU A CB  1 
ATOM   860  C CG  . GLU A 1 98  ? 4.754   -9.147  -14.207 1.00 19.50 ? 99  GLU A CG  1 
ATOM   861  C CD  . GLU A 1 98  ? 6.174   -8.810  -14.632 1.00 31.63 ? 99  GLU A CD  1 
ATOM   862  O OE1 . GLU A 1 98  ? 6.717   -7.792  -14.145 1.00 27.99 ? 99  GLU A OE1 1 
ATOM   863  O OE2 . GLU A 1 98  ? 6.751   -9.569  -15.442 1.00 30.82 ? 99  GLU A OE2 1 
ATOM   864  N N   . ASP A 1 99  ? 3.032   -11.915 -11.977 1.00 18.23 ? 100 ASP A N   1 
ATOM   865  C CA  . ASP A 1 99  ? 2.638   -13.258 -12.405 1.00 25.72 ? 100 ASP A CA  1 
ATOM   866  C C   . ASP A 1 99  ? 1.245   -13.662 -11.936 1.00 27.01 ? 100 ASP A C   1 
ATOM   867  O O   . ASP A 1 99  ? 0.743   -14.720 -12.324 1.00 28.48 ? 100 ASP A O   1 
ATOM   868  C CB  . ASP A 1 99  ? 3.661   -14.292 -11.929 1.00 31.63 ? 100 ASP A CB  1 
ATOM   869  C CG  . ASP A 1 99  ? 5.045   -14.049 -12.503 1.00 56.59 ? 100 ASP A CG  1 
ATOM   870  O OD1 . ASP A 1 99  ? 5.157   -13.823 -13.726 1.00 53.86 ? 100 ASP A OD1 1 
ATOM   871  O OD2 . ASP A 1 99  ? 6.021   -14.075 -11.722 1.00 61.85 ? 100 ASP A OD2 1 
ATOM   872  N N   . LYS A 1 100 ? 0.615   -12.831 -11.106 1.00 20.09 ? 101 LYS A N   1 
ATOM   873  C CA  . LYS A 1 100 ? -0.724  -13.129 -10.621 1.00 13.71 ? 101 LYS A CA  1 
ATOM   874  C C   . LYS A 1 100 ? -1.794  -12.211 -11.209 1.00 17.37 ? 101 LYS A C   1 
ATOM   875  O O   . LYS A 1 100 ? -2.197  -12.392 -12.366 1.00 23.60 ? 101 LYS A O   1 
ATOM   876  C CB  . LYS A 1 100 ? -0.775  -13.136 -9.088  1.00 16.83 ? 101 LYS A CB  1 
ATOM   877  C CG  . LYS A 1 100 ? 0.054   -14.260 -8.487  1.00 26.85 ? 101 LYS A CG  1 
ATOM   878  C CD  . LYS A 1 100 ? -0.077  -14.311 -6.975  1.00 33.08 ? 101 LYS A CD  1 
ATOM   879  C CE  . LYS A 1 100 ? 0.619   -15.538 -6.398  1.00 41.52 ? 101 LYS A CE  1 
ATOM   880  N NZ  . LYS A 1 100 ? 0.423   -15.641 -4.920  1.00 53.66 ? 101 LYS A NZ  1 
ATOM   881  N N   . ASP A 1 101 ? -2.251  -11.229 -10.439 1.00 14.81 ? 102 ASP A N   1 
ATOM   882  C CA  . ASP A 1 101 ? -3.380  -10.409 -10.875 1.00 15.15 ? 102 ASP A CA  1 
ATOM   883  C C   . ASP A 1 101 ? -3.031  -8.973  -11.299 1.00 9.50  ? 102 ASP A C   1 
ATOM   884  O O   . ASP A 1 101 ? -3.925  -8.179  -11.581 1.00 15.26 ? 102 ASP A O   1 
ATOM   885  C CB  . ASP A 1 101 ? -4.482  -10.394 -9.815  1.00 16.48 ? 102 ASP A CB  1 
ATOM   886  C CG  . ASP A 1 101 ? -5.136  -11.752 -9.634  1.00 28.35 ? 102 ASP A CG  1 
ATOM   887  O OD1 . ASP A 1 101 ? -5.051  -12.584 -10.559 1.00 26.15 ? 102 ASP A OD1 1 
ATOM   888  O OD2 . ASP A 1 101 ? -5.747  -11.980 -8.571  1.00 26.46 ? 102 ASP A OD2 1 
ATOM   889  N N   . TRP A 1 102 ? -1.747  -8.639  -11.356 1.00 9.64  ? 103 TRP A N   1 
ATOM   890  C CA  . TRP A 1 102 ? -1.371  -7.326  -11.884 1.00 9.02  ? 103 TRP A CA  1 
ATOM   891  C C   . TRP A 1 102 ? -1.795  -7.196  -13.345 1.00 11.43 ? 103 TRP A C   1 
ATOM   892  O O   . TRP A 1 102 ? -1.643  -8.135  -14.135 1.00 13.86 ? 103 TRP A O   1 
ATOM   893  C CB  . TRP A 1 102 ? 0.141   -7.086  -11.772 1.00 10.40 ? 103 TRP A CB  1 
ATOM   894  C CG  . TRP A 1 102 ? 0.589   -5.816  -12.473 1.00 9.68  ? 103 TRP A CG  1 
ATOM   895  C CD1 . TRP A 1 102 ? 1.312   -5.729  -13.634 1.00 8.51  ? 103 TRP A CD1 1 
ATOM   896  C CD2 . TRP A 1 102 ? 0.321   -4.462  -12.068 1.00 6.36  ? 103 TRP A CD2 1 
ATOM   897  N NE1 . TRP A 1 102 ? 1.509   -4.405  -13.978 1.00 9.70  ? 103 TRP A NE1 1 
ATOM   898  C CE2 . TRP A 1 102 ? 0.924   -3.611  -13.028 1.00 5.87  ? 103 TRP A CE2 1 
ATOM   899  C CE3 . TRP A 1 102 ? -0.368  -3.891  -10.991 1.00 7.77  ? 103 TRP A CE3 1 
ATOM   900  C CZ2 . TRP A 1 102 ? 0.850   -2.212  -12.939 1.00 8.10  ? 103 TRP A CZ2 1 
ATOM   901  C CZ3 . TRP A 1 102 ? -0.424  -2.508  -10.895 1.00 10.67 ? 103 TRP A CZ3 1 
ATOM   902  C CH2 . TRP A 1 102 ? 0.172   -1.684  -11.864 1.00 9.33  ? 103 TRP A CH2 1 
ATOM   903  N N   . ARG A 1 103 ? -2.360  -6.034  -13.670 1.00 9.35  ? 104 ARG A N   1 
ATOM   904  C CA  A ARG A 1 103 ? -2.639  -5.653  -15.050 0.40 8.71  ? 104 ARG A CA  1 
ATOM   905  C CA  B ARG A 1 103 ? -2.632  -5.651  -15.054 0.60 8.64  ? 104 ARG A CA  1 
ATOM   906  C C   . ARG A 1 103 ? -2.081  -4.251  -15.219 1.00 7.98  ? 104 ARG A C   1 
ATOM   907  O O   . ARG A 1 103 ? -2.249  -3.418  -14.339 1.00 9.71  ? 104 ARG A O   1 
ATOM   908  C CB  A ARG A 1 103 ? -4.149  -5.624  -15.303 0.40 11.20 ? 104 ARG A CB  1 
ATOM   909  C CB  B ARG A 1 103 ? -4.138  -5.618  -15.322 0.60 11.16 ? 104 ARG A CB  1 
ATOM   910  C CG  A ARG A 1 103 ? -4.825  -6.985  -15.437 0.40 17.79 ? 104 ARG A CG  1 
ATOM   911  C CG  B ARG A 1 103 ? -4.821  -6.966  -15.303 0.60 17.78 ? 104 ARG A CG  1 
ATOM   912  C CD  A ARG A 1 103 ? -6.294  -6.798  -15.827 0.40 22.67 ? 104 ARG A CD  1 
ATOM   913  C CD  B ARG A 1 103 ? -6.330  -6.802  -15.452 0.60 23.54 ? 104 ARG A CD  1 
ATOM   914  N NE  A ARG A 1 103 ? -6.983  -8.046  -16.156 0.40 21.17 ? 104 ARG A NE  1 
ATOM   915  N NE  B ARG A 1 103 ? -6.965  -6.308  -14.232 0.60 21.29 ? 104 ARG A NE  1 
ATOM   916  C CZ  A ARG A 1 103 ? -7.979  -8.139  -17.036 0.40 9.93  ? 104 ARG A CZ  1 
ATOM   917  C CZ  B ARG A 1 103 ? -7.410  -5.066  -14.051 0.60 19.01 ? 104 ARG A CZ  1 
ATOM   918  N NH1 A ARG A 1 103 ? -8.396  -7.064  -17.689 0.40 16.85 ? 104 ARG A NH1 1 
ATOM   919  N NH1 B ARG A 1 103 ? -7.307  -4.153  -15.011 0.60 17.83 ? 104 ARG A NH1 1 
ATOM   920  N NH2 A ARG A 1 103 ? -8.550  -9.304  -17.275 0.40 15.29 ? 104 ARG A NH2 1 
ATOM   921  N NH2 B ARG A 1 103 ? -7.975  -4.736  -12.897 0.60 24.57 ? 104 ARG A NH2 1 
ATOM   922  N N   . PRO A 1 104 ? -1.423  -3.976  -16.353 1.00 7.35  ? 105 PRO A N   1 
ATOM   923  C CA  . PRO A 1 104 ? -0.850  -2.638  -16.555 1.00 7.92  ? 105 PRO A CA  1 
ATOM   924  C C   . PRO A 1 104 ? -1.844  -1.490  -16.377 1.00 9.79  ? 105 PRO A C   1 
ATOM   925  O O   . PRO A 1 104 ? -1.426  -0.414  -15.955 1.00 11.07 ? 105 PRO A O   1 
ATOM   926  C CB  . PRO A 1 104 ? -0.314  -2.710  -17.986 1.00 8.88  ? 105 PRO A CB  1 
ATOM   927  C CG  . PRO A 1 104 ? 0.116   -4.137  -18.108 1.00 11.30 ? 105 PRO A CG  1 
ATOM   928  C CD  . PRO A 1 104 ? -0.950  -4.935  -17.358 1.00 9.20  ? 105 PRO A CD  1 
ATOM   929  N N   . ALA A 1 105 ? -3.127  -1.713  -16.649 1.00 10.87 ? 106 ALA A N   1 
ATOM   930  C CA  . ALA A 1 105 ? -4.124  -0.650  -16.539 1.00 12.58 ? 106 ALA A CA  1 
ATOM   931  C C   . ALA A 1 105 ? -4.451  -0.233  -15.113 1.00 9.67  ? 106 ALA A C   1 
ATOM   932  O O   . ALA A 1 105 ? -5.075  0.813   -14.909 1.00 12.24 ? 106 ALA A O   1 
ATOM   933  C CB  . ALA A 1 105 ? -5.404  -1.062  -17.258 1.00 13.02 ? 106 ALA A CB  1 
ATOM   934  N N   . ILE A 1 106 ? -4.057  -1.041  -14.127 1.00 9.09  ? 107 ILE A N   1 
ATOM   935  C CA  . ILE A 1 106 ? -4.403  -0.757  -12.736 1.00 9.18  ? 107 ILE A CA  1 
ATOM   936  C C   . ILE A 1 106 ? -3.760  0.567   -12.301 1.00 8.23  ? 107 ILE A C   1 
ATOM   937  O O   . ILE A 1 106 ? -2.576  0.817   -12.569 1.00 11.95 ? 107 ILE A O   1 
ATOM   938  C CB  . ILE A 1 106 ? -3.963  -1.922  -11.816 1.00 6.78  ? 107 ILE A CB  1 
ATOM   939  C CG1 . ILE A 1 106 ? -4.753  -3.190  -12.133 1.00 8.98  ? 107 ILE A CG1 1 
ATOM   940  C CG2 . ILE A 1 106 ? -4.115  -1.567  -10.349 1.00 8.05  ? 107 ILE A CG2 1 
ATOM   941  C CD1 . ILE A 1 106 ? -4.333  -4.408  -11.287 1.00 11.81 ? 107 ILE A CD1 1 
ATOM   942  N N   . THR A 1 107 ? -4.555  1.416   -11.651 1.00 10.43 ? 108 THR A N   1 
ATOM   943  C CA  . THR A 1 107 ? -4.132  2.760   -11.267 1.00 10.20 ? 108 THR A CA  1 
ATOM   944  C C   . THR A 1 107 ? -3.663  2.818   -9.828  1.00 10.89 ? 108 THR A C   1 
ATOM   945  O O   . THR A 1 107 ? -3.916  1.898   -9.042  1.00 9.56  ? 108 THR A O   1 
ATOM   946  C CB  . THR A 1 107 ? -5.284  3.749   -11.391 1.00 8.65  ? 108 THR A CB  1 
ATOM   947  O OG1 . THR A 1 107 ? -6.319  3.398   -10.468 1.00 10.49 ? 108 THR A OG1 1 
ATOM   948  C CG2 . THR A 1 107 ? -5.845  3.727   -12.815 1.00 14.27 ? 108 THR A CG2 1 
ATOM   949  N N   . ILE A 1 108 ? -2.968  3.903   -9.498  1.00 10.46 ? 109 ILE A N   1 
ATOM   950  C CA  . ILE A 1 108 ? -2.519  4.108   -8.122  1.00 9.26  ? 109 ILE A CA  1 
ATOM   951  C C   . ILE A 1 108 ? -3.706  4.130   -7.157  1.00 12.04 ? 109 ILE A C   1 
ATOM   952  O O   . ILE A 1 108 ? -3.640  3.527   -6.083  1.00 10.29 ? 109 ILE A O   1 
ATOM   953  C CB  . ILE A 1 108 ? -1.659  5.383   -7.984  1.00 9.91  ? 109 ILE A CB  1 
ATOM   954  C CG1 . ILE A 1 108 ? -0.315  5.168   -8.677  1.00 14.61 ? 109 ILE A CG1 1 
ATOM   955  C CG2 . ILE A 1 108 ? -1.453  5.745   -6.513  1.00 15.79 ? 109 ILE A CG2 1 
ATOM   956  C CD1 . ILE A 1 108 ? 0.635   6.368   -8.610  1.00 17.61 ? 109 ILE A CD1 1 
ATOM   957  N N   . LYS A 1 109 ? -4.799  4.796   -7.542  1.00 11.01 ? 110 LYS A N   1 
ATOM   958  C CA  . LYS A 1 109 ? -6.002  4.785   -6.723  1.00 10.46 ? 110 LYS A CA  1 
ATOM   959  C C   . LYS A 1 109 ? -6.507  3.365   -6.480  1.00 8.32  ? 110 LYS A C   1 
ATOM   960  O O   . LYS A 1 109 ? -6.848  3.013   -5.354  1.00 9.94  ? 110 LYS A O   1 
ATOM   961  C CB  . LYS A 1 109 ? -7.108  5.645   -7.349  1.00 16.80 ? 110 LYS A CB  1 
ATOM   962  C CG  . LYS A 1 109 ? -8.424  5.577   -6.600  1.00 17.20 ? 110 LYS A CG  1 
ATOM   963  C CD  . LYS A 1 109 ? -9.366  6.716   -6.982  1.00 22.40 ? 110 LYS A CD  1 
ATOM   964  C CE  . LYS A 1 109 ? -9.786  6.648   -8.424  1.00 30.46 ? 110 LYS A CE  1 
ATOM   965  N NZ  . LYS A 1 109 ? -11.081 7.369   -8.613  1.00 49.00 ? 110 LYS A NZ  1 
ATOM   966  N N   . GLN A 1 110 ? -6.546  2.543   -7.525  1.00 8.77  ? 111 GLN A N   1 
ATOM   967  C CA  . GLN A 1 110 ? -6.976  1.157   -7.354  1.00 8.57  ? 111 GLN A CA  1 
ATOM   968  C C   . GLN A 1 110 ? -6.045  0.352   -6.438  1.00 8.32  ? 111 GLN A C   1 
ATOM   969  O O   . GLN A 1 110 ? -6.514  -0.479  -5.656  1.00 10.03 ? 111 GLN A O   1 
ATOM   970  C CB  . GLN A 1 110 ? -7.154  0.475   -8.718  1.00 9.28  ? 111 GLN A CB  1 
ATOM   971  C CG  . GLN A 1 110 ? -8.405  0.961   -9.446  1.00 10.29 ? 111 GLN A CG  1 
ATOM   972  C CD  . GLN A 1 110 ? -8.474  0.470   -10.870 1.00 17.77 ? 111 GLN A CD  1 
ATOM   973  O OE1 . GLN A 1 110 ? -7.451  0.291   -11.524 1.00 13.73 ? 111 GLN A OE1 1 
ATOM   974  N NE2 . GLN A 1 110 ? -9.691  0.231   -11.358 1.00 32.67 ? 111 GLN A NE2 1 
ATOM   975  N N   . ILE A 1 111 ? -4.741  0.600   -6.529  1.00 8.06  ? 112 ILE A N   1 
ATOM   976  C CA  . ILE A 1 111 ? -3.781  -0.064  -5.652  1.00 7.29  ? 112 ILE A CA  1 
ATOM   977  C C   . ILE A 1 111 ? -4.021  0.327   -4.204  1.00 8.00  ? 112 ILE A C   1 
ATOM   978  O O   . ILE A 1 111 ? -4.113  -0.530  -3.333  1.00 9.32  ? 112 ILE A O   1 
ATOM   979  C CB  . ILE A 1 111 ? -2.334  0.289   -6.046  1.00 6.84  ? 112 ILE A CB  1 
ATOM   980  C CG1 . ILE A 1 111 ? -2.000  -0.326  -7.400  1.00 11.54 ? 112 ILE A CG1 1 
ATOM   981  C CG2 . ILE A 1 111 ? -1.354  -0.197  -4.967  1.00 10.44 ? 112 ILE A CG2 1 
ATOM   982  C CD1 . ILE A 1 111 ? -0.686  0.143   -7.965  1.00 10.00 ? 112 ILE A CD1 1 
ATOM   983  N N   . LEU A 1 112 ? -4.139  1.625   -3.948  1.00 7.52  ? 113 LEU A N   1 
ATOM   984  C CA  . LEU A 1 112 ? -4.307  2.066   -2.569  1.00 8.56  ? 113 LEU A CA  1 
ATOM   985  C C   . LEU A 1 112 ? -5.650  1.648   -1.972  1.00 8.78  ? 113 LEU A C   1 
ATOM   986  O O   . LEU A 1 112 ? -5.717  1.297   -0.789  1.00 8.40  ? 113 LEU A O   1 
ATOM   987  C CB  . LEU A 1 112 ? -4.072  3.569   -2.450  1.00 8.10  ? 113 LEU A CB  1 
ATOM   988  C CG  . LEU A 1 112 ? -2.642  4.009   -2.748  1.00 7.70  ? 113 LEU A CG  1 
ATOM   989  C CD1 . LEU A 1 112 ? -2.554  5.522   -2.792  1.00 11.53 ? 113 LEU A CD1 1 
ATOM   990  C CD2 . LEU A 1 112 ? -1.695  3.449   -1.673  1.00 9.34  ? 113 LEU A CD2 1 
ATOM   991  N N   . LEU A 1 113 ? -6.713  1.649   -2.779  1.00 10.16 ? 114 LEU A N   1 
ATOM   992  C CA  . LEU A 1 113 ? -7.991  1.137   -2.298  1.00 9.17  ? 114 LEU A CA  1 
ATOM   993  C C   . LEU A 1 113 ? -7.926  -0.372  -2.092  1.00 10.06 ? 114 LEU A C   1 
ATOM   994  O O   . LEU A 1 113 ? -8.550  -0.905  -1.158  1.00 11.75 ? 114 LEU A O   1 
ATOM   995  C CB  . LEU A 1 113 ? -9.116  1.492   -3.269  1.00 9.10  ? 114 LEU A CB  1 
ATOM   996  C CG  . LEU A 1 113 ? -9.532  2.961   -3.219  1.00 13.41 ? 114 LEU A CG  1 
ATOM   997  C CD1 . LEU A 1 113 ? -10.445 3.288   -4.380  1.00 18.40 ? 114 LEU A CD1 1 
ATOM   998  C CD2 . LEU A 1 113 ? -10.216 3.282   -1.898  1.00 16.54 ? 114 LEU A CD2 1 
ATOM   999  N N   . GLY A 1 114 ? -7.162  -1.056  -2.942  1.00 8.57  ? 115 GLY A N   1 
ATOM   1000 C CA  . GLY A 1 114 ? -6.967  -2.485  -2.794  1.00 10.06 ? 115 GLY A CA  1 
ATOM   1001 C C   . GLY A 1 114 ? -6.251  -2.827  -1.508  1.00 11.43 ? 115 GLY A C   1 
ATOM   1002 O O   . GLY A 1 114 ? -6.627  -3.790  -0.818  1.00 10.30 ? 115 GLY A O   1 
ATOM   1003 N N   . ILE A 1 115 ? -5.232  -2.037  -1.166  1.00 8.48  ? 116 ILE A N   1 
ATOM   1004 C CA  . ILE A 1 115 ? -4.512  -2.258  0.084   1.00 6.35  ? 116 ILE A CA  1 
ATOM   1005 C C   . ILE A 1 115 ? -5.390  -1.905  1.277   1.00 10.23 ? 116 ILE A C   1 
ATOM   1006 O O   . ILE A 1 115 ? -5.387  -2.616  2.285   1.00 8.78  ? 116 ILE A O   1 
ATOM   1007 C CB  . ILE A 1 115 ? -3.180  -1.465  0.111   1.00 6.90  ? 116 ILE A CB  1 
ATOM   1008 C CG1 . ILE A 1 115 ? -2.247  -1.995  -0.976  1.00 9.00  ? 116 ILE A CG1 1 
ATOM   1009 C CG2 . ILE A 1 115 ? -2.483  -1.632  1.458   1.00 9.68  ? 116 ILE A CG2 1 
ATOM   1010 C CD1 . ILE A 1 115 ? -0.992  -1.158  -1.195  1.00 8.02  ? 116 ILE A CD1 1 
ATOM   1011 N N   . GLN A 1 116 ? -6.173  -0.832  1.179   1.00 7.85  ? 117 GLN A N   1 
ATOM   1012 C CA  . GLN A 1 116 ? -7.080  -0.522  2.288   1.00 9.74  ? 117 GLN A CA  1 
ATOM   1013 C C   . GLN A 1 116 ? -8.055  -1.670  2.534   1.00 10.14 ? 117 GLN A C   1 
ATOM   1014 O O   . GLN A 1 116 ? -8.346  -2.020  3.683   1.00 9.81  ? 117 GLN A O   1 
ATOM   1015 C CB  . GLN A 1 116 ? -7.851  0.768   2.033   1.00 8.59  ? 117 GLN A CB  1 
ATOM   1016 C CG  . GLN A 1 116 ? -8.667  1.207   3.252   1.00 8.89  ? 117 GLN A CG  1 
ATOM   1017 C CD  . GLN A 1 116 ? -9.686  2.279   2.925   1.00 10.93 ? 117 GLN A CD  1 
ATOM   1018 O OE1 . GLN A 1 116 ? -10.389 2.187   1.914   1.00 13.58 ? 117 GLN A OE1 1 
ATOM   1019 N NE2 . GLN A 1 116 ? -9.767  3.307   3.774   1.00 11.68 ? 117 GLN A NE2 1 
ATOM   1020 N N   . GLU A 1 117 ? -8.568  -2.254  1.460   1.00 10.46 ? 118 GLU A N   1 
ATOM   1021 C CA  . GLU A 1 117 ? -9.482  -3.381  1.589   1.00 9.81  ? 118 GLU A CA  1 
ATOM   1022 C C   . GLU A 1 117 ? -8.793  -4.563  2.248   1.00 13.04 ? 118 GLU A C   1 
ATOM   1023 O O   . GLU A 1 117 ? -9.382  -5.245  3.095   1.00 14.11 ? 118 GLU A O   1 
ATOM   1024 C CB  . GLU A 1 117 ? -10.043 -3.767  0.218   1.00 14.11 ? 118 GLU A CB  1 
ATOM   1025 C CG  . GLU A 1 117 ? -10.972 -4.973  0.231   1.00 21.63 ? 118 GLU A CG  1 
ATOM   1026 C CD  . GLU A 1 117 ? -11.416 -5.375  -1.168  1.00 42.60 ? 118 GLU A CD  1 
ATOM   1027 O OE1 . GLU A 1 117 ? -10.552 -5.463  -2.072  1.00 44.28 ? 118 GLU A OE1 1 
ATOM   1028 O OE2 . GLU A 1 117 ? -12.630 -5.598  -1.364  1.00 61.96 ? 118 GLU A OE2 1 
ATOM   1029 N N   . LEU A 1 118 ? -7.539  -4.797  1.878   1.00 9.68  ? 119 LEU A N   1 
ATOM   1030 C CA  . LEU A 1 118 ? -6.772  -5.894  2.446   1.00 10.07 ? 119 LEU A CA  1 
ATOM   1031 C C   . LEU A 1 118 ? -6.598  -5.695  3.953   1.00 12.79 ? 119 LEU A C   1 
ATOM   1032 O O   . LEU A 1 118 ? -6.680  -6.664  4.708   1.00 11.14 ? 119 LEU A O   1 
ATOM   1033 C CB  . LEU A 1 118 ? -5.410  -6.000  1.749   1.00 9.68  ? 119 LEU A CB  1 
ATOM   1034 C CG  . LEU A 1 118 ? -4.410  -7.018  2.301   1.00 10.25 ? 119 LEU A CG  1 
ATOM   1035 C CD1 . LEU A 1 118 ? -4.921  -8.442  2.120   1.00 14.14 ? 119 LEU A CD1 1 
ATOM   1036 C CD2 . LEU A 1 118 ? -3.044  -6.837  1.634   1.00 11.63 ? 119 LEU A CD2 1 
ATOM   1037 N N   . LEU A 1 119 ? -6.366  -4.452  4.385   1.00 11.65 ? 120 LEU A N   1 
ATOM   1038 C CA  . LEU A 1 119 ? -6.129  -4.177  5.802   1.00 9.41  ? 120 LEU A CA  1 
ATOM   1039 C C   . LEU A 1 119 ? -7.287  -4.722  6.626   1.00 10.75 ? 120 LEU A C   1 
ATOM   1040 O O   . LEU A 1 119 ? -7.080  -5.413  7.628   1.00 12.38 ? 120 LEU A O   1 
ATOM   1041 C CB  . LEU A 1 119 ? -5.934  -2.682  6.071   1.00 11.52 ? 120 LEU A CB  1 
ATOM   1042 C CG  . LEU A 1 119 ? -4.625  -2.053  5.596   1.00 14.20 ? 120 LEU A CG  1 
ATOM   1043 C CD1 . LEU A 1 119 ? -4.598  -0.564  5.926   1.00 19.97 ? 120 LEU A CD1 1 
ATOM   1044 C CD2 . LEU A 1 119 ? -3.419  -2.765  6.198   1.00 13.47 ? 120 LEU A CD2 1 
ATOM   1045 N N   . ASN A 1 120 ? -8.508  -4.455  6.185   1.00 13.67 ? 121 ASN A N   1 
ATOM   1046 C CA  . ASN A 1 120 ? -9.653  -4.888  6.970   1.00 19.52 ? 121 ASN A CA  1 
ATOM   1047 C C   . ASN A 1 120 ? -10.130 -6.310  6.667   1.00 14.15 ? 121 ASN A C   1 
ATOM   1048 O O   . ASN A 1 120 ? -11.000 -6.839  7.369   1.00 19.68 ? 121 ASN A O   1 
ATOM   1049 C CB  . ASN A 1 120 ? -10.807 -3.893  6.839   1.00 30.73 ? 121 ASN A CB  1 
ATOM   1050 C CG  . ASN A 1 120 ? -11.895 -4.132  7.866   1.00 28.56 ? 121 ASN A CG  1 
ATOM   1051 O OD1 . ASN A 1 120 ? -11.614 -4.376  9.047   1.00 26.24 ? 121 ASN A OD1 1 
ATOM   1052 N ND2 . ASN A 1 120 ? -13.144 -4.109  7.415   1.00 37.34 ? 121 ASN A ND2 1 
ATOM   1053 N N   . GLU A 1 121 ? -9.562  -6.943  5.643   1.00 12.73 ? 122 GLU A N   1 
ATOM   1054 C CA  . GLU A 1 121 ? -9.945  -8.311  5.320   1.00 13.61 ? 122 GLU A CA  1 
ATOM   1055 C C   . GLU A 1 121 ? -8.759  -9.152  4.873   1.00 12.07 ? 122 GLU A C   1 
ATOM   1056 O O   . GLU A 1 121 ? -8.465  -9.264  3.679   1.00 13.67 ? 122 GLU A O   1 
ATOM   1057 C CB  . GLU A 1 121 ? -11.064 -8.344  4.279   1.00 17.93 ? 122 GLU A CB  1 
ATOM   1058 C CG  . GLU A 1 121 ? -11.610 -9.748  3.986   1.00 25.09 ? 122 GLU A CG  1 
ATOM   1059 C CD  . GLU A 1 121 ? -12.158 -10.480 5.217   1.00 39.84 ? 122 GLU A CD  1 
ATOM   1060 O OE1 . GLU A 1 121 ? -12.396 -9.850  6.275   1.00 30.69 ? 122 GLU A OE1 1 
ATOM   1061 O OE2 . GLU A 1 121 ? -12.354 -11.710 5.115   1.00 43.73 ? 122 GLU A OE2 1 
ATOM   1062 N N   . PRO A 1 122 ? -8.073  -9.753  5.843   1.00 12.75 ? 123 PRO A N   1 
ATOM   1063 C CA  . PRO A 1 122 ? -6.877  -10.538 5.529   1.00 13.51 ? 123 PRO A CA  1 
ATOM   1064 C C   . PRO A 1 122 ? -7.182  -11.753 4.656   1.00 16.53 ? 123 PRO A C   1 
ATOM   1065 O O   . PRO A 1 122 ? -8.306  -12.277 4.674   1.00 18.78 ? 123 PRO A O   1 
ATOM   1066 C CB  . PRO A 1 122 ? -6.384  -10.980 6.911   1.00 13.00 ? 123 PRO A CB  1 
ATOM   1067 C CG  . PRO A 1 122 ? -6.878  -9.926  7.839   1.00 14.16 ? 123 PRO A CG  1 
ATOM   1068 C CD  . PRO A 1 122 ? -8.257  -9.586  7.294   1.00 12.74 ? 123 PRO A CD  1 
ATOM   1069 N N   . ASN A 1 123 ? -6.192  -12.160 3.867   1.00 14.50 ? 124 ASN A N   1 
ATOM   1070 C CA  A ASN A 1 123 ? -6.285  -13.352 3.038   0.49 14.29 ? 124 ASN A CA  1 
ATOM   1071 C CA  B ASN A 1 123 ? -6.300  -13.359 3.040   0.51 14.29 ? 124 ASN A CA  1 
ATOM   1072 C C   . ASN A 1 123 ? -5.568  -14.506 3.727   1.00 16.04 ? 124 ASN A C   1 
ATOM   1073 O O   . ASN A 1 123 ? -4.340  -14.564 3.717   1.00 17.31 ? 124 ASN A O   1 
ATOM   1074 C CB  A ASN A 1 123 ? -5.661  -13.086 1.664   0.49 13.23 ? 124 ASN A CB  1 
ATOM   1075 C CB  B ASN A 1 123 ? -5.725  -13.103 1.642   0.51 13.21 ? 124 ASN A CB  1 
ATOM   1076 C CG  A ASN A 1 123 ? -6.498  -12.148 0.808   0.49 19.27 ? 124 ASN A CG  1 
ATOM   1077 C CG  B ASN A 1 123 ? -5.964  -14.263 0.679   0.51 15.56 ? 124 ASN A CG  1 
ATOM   1078 O OD1 A ASN A 1 123 ? -7.717  -12.302 0.708   0.49 25.84 ? 124 ASN A OD1 1 
ATOM   1079 O OD1 B ASN A 1 123 ? -6.309  -15.373 1.087   0.51 18.76 ? 124 ASN A OD1 1 
ATOM   1080 N ND2 A ASN A 1 123 ? -5.847  -11.173 0.179   0.49 14.68 ? 124 ASN A ND2 1 
ATOM   1081 N ND2 B ASN A 1 123 ? -5.762  -14.007 -0.610  0.51 30.44 ? 124 ASN A ND2 1 
ATOM   1082 N N   . ILE A 1 124 ? -6.332  -15.411 4.338   1.00 16.04 ? 125 ILE A N   1 
ATOM   1083 C CA  . ILE A 1 124 ? -5.749  -16.516 5.106   1.00 20.32 ? 125 ILE A CA  1 
ATOM   1084 C C   . ILE A 1 124 ? -4.917  -17.475 4.269   1.00 27.29 ? 125 ILE A C   1 
ATOM   1085 O O   . ILE A 1 124 ? -4.169  -18.282 4.820   1.00 30.05 ? 125 ILE A O   1 
ATOM   1086 C CB  . ILE A 1 124 ? -6.828  -17.351 5.842   1.00 31.08 ? 125 ILE A CB  1 
ATOM   1087 C CG1 . ILE A 1 124 ? -7.732  -18.071 4.832   1.00 37.36 ? 125 ILE A CG1 1 
ATOM   1088 C CG2 . ILE A 1 124 ? -7.619  -16.475 6.795   1.00 34.79 ? 125 ILE A CG2 1 
ATOM   1089 C CD1 . ILE A 1 124 ? -8.522  -19.226 5.426   1.00 52.27 ? 125 ILE A CD1 1 
ATOM   1090 N N   . GLN A 1 125 ? -5.045  -17.384 2.947   1.00 21.97 ? 126 GLN A N   1 
ATOM   1091 C CA  . GLN A 1 125 ? -4.310  -18.264 2.038   1.00 25.59 ? 126 GLN A CA  1 
ATOM   1092 C C   . GLN A 1 125 ? -2.869  -17.826 1.744   1.00 32.69 ? 126 GLN A C   1 
ATOM   1093 O O   . GLN A 1 125 ? -2.029  -18.669 1.431   1.00 43.95 ? 126 GLN A O   1 
ATOM   1094 C CB  . GLN A 1 125 ? -5.072  -18.426 0.722   1.00 35.80 ? 126 GLN A CB  1 
ATOM   1095 C CG  . GLN A 1 125 ? -6.453  -19.050 0.862   1.00 55.12 ? 126 GLN A CG  1 
ATOM   1096 C CD  . GLN A 1 125 ? -7.426  -18.523 -0.179  1.00 71.25 ? 126 GLN A CD  1 
ATOM   1097 O OE1 . GLN A 1 125 ? -7.376  -18.907 -1.350  1.00 65.53 ? 126 GLN A OE1 1 
ATOM   1098 N NE2 . GLN A 1 125 ? -8.315  -17.628 0.244   1.00 69.51 ? 126 GLN A NE2 1 
ATOM   1099 N N   . ASP A 1 126 ? -2.575  -16.529 1.815   1.00 27.09 ? 127 ASP A N   1 
ATOM   1100 C CA  . ASP A 1 126 ? -1.179  -16.097 1.662   1.00 30.54 ? 127 ASP A CA  1 
ATOM   1101 C C   . ASP A 1 126 ? -0.635  -15.363 2.882   1.00 16.36 ? 127 ASP A C   1 
ATOM   1102 O O   . ASP A 1 126 ? -0.442  -14.145 2.854   1.00 23.41 ? 127 ASP A O   1 
ATOM   1103 C CB  . ASP A 1 126 ? -0.905  -15.320 0.352   1.00 51.38 ? 127 ASP A CB  1 
ATOM   1104 C CG  . ASP A 1 126 ? -1.847  -14.148 0.138   1.00 43.55 ? 127 ASP A CG  1 
ATOM   1105 O OD1 . ASP A 1 126 ? -3.050  -14.293 0.415   1.00 60.85 ? 127 ASP A OD1 1 
ATOM   1106 O OD2 . ASP A 1 126 ? -1.390  -13.085 -0.337  1.00 51.58 ? 127 ASP A OD2 1 
ATOM   1107 N N   . PRO A 1 127 ? -0.374  -16.117 3.968   1.00 14.48 ? 128 PRO A N   1 
ATOM   1108 C CA  . PRO A 1 127 ? 0.235   -15.533 5.161   1.00 13.46 ? 128 PRO A CA  1 
ATOM   1109 C C   . PRO A 1 127 ? 1.622   -15.011 4.850   1.00 17.70 ? 128 PRO A C   1 
ATOM   1110 O O   . PRO A 1 127 ? 2.432   -15.702 4.214   1.00 16.95 ? 128 PRO A O   1 
ATOM   1111 C CB  . PRO A 1 127 ? 0.310   -16.717 6.138   1.00 23.33 ? 128 PRO A CB  1 
ATOM   1112 C CG  . PRO A 1 127 ? 0.278   -17.924 5.274   1.00 27.27 ? 128 PRO A CG  1 
ATOM   1113 C CD  . PRO A 1 127 ? -0.608  -17.562 4.127   1.00 27.32 ? 128 PRO A CD  1 
ATOM   1114 N N   . ALA A 1 128 ? 1.877   -13.779 5.271   1.00 10.47 ? 129 ALA A N   1 
ATOM   1115 C CA  . ALA A 1 128 ? 3.182   -13.149 5.052   1.00 8.88  ? 129 ALA A CA  1 
ATOM   1116 C C   . ALA A 1 128 ? 3.953   -12.947 6.348   1.00 10.03 ? 129 ALA A C   1 
ATOM   1117 O O   . ALA A 1 128 ? 5.185   -12.801 6.328   1.00 16.76 ? 129 ALA A O   1 
ATOM   1118 C CB  . ALA A 1 128 ? 3.011   -11.821 4.332   1.00 11.42 ? 129 ALA A CB  1 
ATOM   1119 N N   . GLN A 1 129 ? 3.251   -12.894 7.474   1.00 11.29 ? 130 GLN A N   1 
ATOM   1120 C CA  . GLN A 1 129 ? 3.959   -12.818 8.742   1.00 12.13 ? 130 GLN A CA  1 
ATOM   1121 C C   . GLN A 1 129 ? 3.347   -13.753 9.772   1.00 15.72 ? 130 GLN A C   1 
ATOM   1122 O O   . GLN A 1 129 ? 2.129   -13.831 9.927   1.00 20.29 ? 130 GLN A O   1 
ATOM   1123 C CB  . GLN A 1 129 ? 4.030   -11.388 9.260   1.00 20.29 ? 130 GLN A CB  1 
ATOM   1124 C CG  . GLN A 1 129 ? 2.714   -10.820 9.681   1.00 14.51 ? 130 GLN A CG  1 
ATOM   1125 C CD  . GLN A 1 129 ? 2.892   -9.611  10.581  1.00 20.09 ? 130 GLN A CD  1 
ATOM   1126 O OE1 . GLN A 1 129 ? 2.804   -9.718  11.805  1.00 27.98 ? 130 GLN A OE1 1 
ATOM   1127 N NE2 . GLN A 1 129 ? 3.148   -8.456  9.980   1.00 12.84 ? 130 GLN A NE2 1 
ATOM   1128 N N   . ALA A 1 130 ? 4.216   -14.465 10.474  1.00 14.82 ? 131 ALA A N   1 
ATOM   1129 C CA  . ALA A 1 130 ? 3.788   -15.512 11.387  1.00 14.03 ? 131 ALA A CA  1 
ATOM   1130 C C   . ALA A 1 130 ? 2.887   -15.036 12.525  1.00 14.09 ? 131 ALA A C   1 
ATOM   1131 O O   . ALA A 1 130 ? 1.829   -15.627 12.762  1.00 16.13 ? 131 ALA A O   1 
ATOM   1132 C CB  . ALA A 1 130 ? 5.004   -16.230 11.940  1.00 17.33 ? 131 ALA A CB  1 
ATOM   1133 N N   . GLU A 1 131 ? 3.297   -13.981 13.224  1.00 17.02 ? 132 GLU A N   1 
ATOM   1134 C CA  . GLU A 1 131 ? 2.578   -13.564 14.431  1.00 22.22 ? 132 GLU A CA  1 
ATOM   1135 C C   . GLU A 1 131 ? 1.140   -13.143 14.154  1.00 14.17 ? 132 GLU A C   1 
ATOM   1136 O O   . GLU A 1 131 ? 0.205   -13.695 14.735  1.00 14.17 ? 132 GLU A O   1 
ATOM   1137 C CB  . GLU A 1 131 ? 3.319   -12.443 15.163  1.00 25.21 ? 132 GLU A CB  1 
ATOM   1138 C CG  . GLU A 1 131 ? 2.989   -12.404 16.660  1.00 28.29 ? 132 GLU A CG  1 
ATOM   1139 C CD  . GLU A 1 131 ? 3.067   -11.013 17.269  1.00 49.20 ? 132 GLU A CD  1 
ATOM   1140 O OE1 . GLU A 1 131 ? 3.458   -10.057 16.564  1.00 37.79 ? 132 GLU A OE1 1 
ATOM   1141 O OE2 . GLU A 1 131 ? 2.724   -10.878 18.464  1.00 48.91 ? 132 GLU A OE2 1 
ATOM   1142 N N   . ALA A 1 132 ? 0.952   -12.170 13.265  1.00 15.06 ? 133 ALA A N   1 
ATOM   1143 C CA  . ALA A 1 132 ? -0.392  -11.682 12.984  1.00 13.36 ? 133 ALA A CA  1 
ATOM   1144 C C   . ALA A 1 132 ? -1.290  -12.773 12.416  1.00 14.76 ? 133 ALA A C   1 
ATOM   1145 O O   . ALA A 1 132 ? -2.476  -12.836 12.740  1.00 13.64 ? 133 ALA A O   1 
ATOM   1146 C CB  . ALA A 1 132 ? -0.346  -10.482 12.042  1.00 11.36 ? 133 ALA A CB  1 
ATOM   1147 N N   . TYR A 1 133 ? -0.736  -13.616 11.552  1.00 12.19 ? 134 TYR A N   1 
ATOM   1148 C CA  . TYR A 1 133 ? -1.499  -14.718 10.989  1.00 13.77 ? 134 TYR A CA  1 
ATOM   1149 C C   . TYR A 1 133 ? -1.949  -15.692 12.083  1.00 14.68 ? 134 TYR A C   1 
ATOM   1150 O O   . TYR A 1 133 ? -3.113  -16.079 12.132  1.00 14.67 ? 134 TYR A O   1 
ATOM   1151 C CB  . TYR A 1 133 ? -0.688  -15.442 9.918   1.00 16.89 ? 134 TYR A CB  1 
ATOM   1152 C CG  . TYR A 1 133 ? -1.353  -16.702 9.416   1.00 21.33 ? 134 TYR A CG  1 
ATOM   1153 C CD1 . TYR A 1 133 ? -2.358  -16.644 8.459   1.00 35.80 ? 134 TYR A CD1 1 
ATOM   1154 C CD2 . TYR A 1 133 ? -0.967  -17.950 9.890   1.00 29.78 ? 134 TYR A CD2 1 
ATOM   1155 C CE1 . TYR A 1 133 ? -2.967  -17.793 7.996   1.00 28.83 ? 134 TYR A CE1 1 
ATOM   1156 C CE2 . TYR A 1 133 ? -1.571  -19.100 9.431   1.00 41.19 ? 134 TYR A CE2 1 
ATOM   1157 C CZ  . TYR A 1 133 ? -2.571  -19.012 8.487   1.00 25.13 ? 134 TYR A CZ  1 
ATOM   1158 O OH  . TYR A 1 133 ? -3.179  -20.152 8.020   1.00 68.27 ? 134 TYR A OH  1 
ATOM   1159 N N   . THR A 1 134 ? -1.027  -16.068 12.963  1.00 15.24 ? 135 THR A N   1 
ATOM   1160 C CA  . THR A 1 134 ? -1.356  -17.002 14.039  1.00 16.16 ? 135 THR A CA  1 
ATOM   1161 C C   . THR A 1 134 ? -2.420  -16.440 14.979  1.00 17.66 ? 135 THR A C   1 
ATOM   1162 O O   . THR A 1 134 ? -3.353  -17.148 15.371  1.00 17.06 ? 135 THR A O   1 
ATOM   1163 C CB  . THR A 1 134 ? -0.098  -17.386 14.828  1.00 17.72 ? 135 THR A CB  1 
ATOM   1164 O OG1 . THR A 1 134 ? 0.824   -18.046 13.946  1.00 22.88 ? 135 THR A OG1 1 
ATOM   1165 C CG2 . THR A 1 134 ? -0.454  -18.308 15.983  1.00 24.92 ? 135 THR A CG2 1 
ATOM   1166 N N   . ILE A 1 135 ? -2.301  -15.164 15.332  1.00 11.81 ? 136 ILE A N   1 
ATOM   1167 C CA  . ILE A 1 135 ? -3.299  -14.561 16.216  1.00 11.37 ? 136 ILE A CA  1 
ATOM   1168 C C   . ILE A 1 135 ? -4.658  -14.451 15.520  1.00 14.54 ? 136 ILE A C   1 
ATOM   1169 O O   . ILE A 1 135 ? -5.699  -14.719 16.120  1.00 14.03 ? 136 ILE A O   1 
ATOM   1170 C CB  . ILE A 1 135 ? -2.830  -13.194 16.755  1.00 12.38 ? 136 ILE A CB  1 
ATOM   1171 C CG1 . ILE A 1 135 ? -1.562  -13.370 17.597  1.00 14.40 ? 136 ILE A CG1 1 
ATOM   1172 C CG2 . ILE A 1 135 ? -3.930  -12.534 17.609  1.00 15.10 ? 136 ILE A CG2 1 
ATOM   1173 C CD1 . ILE A 1 135 ? -0.900  -12.075 17.999  1.00 17.16 ? 136 ILE A CD1 1 
ATOM   1174 N N   . TYR A 1 136 ? -4.650  -14.086 14.241  1.00 12.49 ? 137 TYR A N   1 
ATOM   1175 C CA  . TYR A 1 136 ? -5.882  -14.002 13.470  1.00 14.75 ? 137 TYR A CA  1 
ATOM   1176 C C   . TYR A 1 136 ? -6.618  -15.335 13.498  1.00 16.35 ? 137 TYR A C   1 
ATOM   1177 O O   . TYR A 1 136 ? -7.840  -15.368 13.660  1.00 19.87 ? 137 TYR A O   1 
ATOM   1178 C CB  . TYR A 1 136 ? -5.565  -13.616 12.021  1.00 12.43 ? 137 TYR A CB  1 
ATOM   1179 C CG  . TYR A 1 136 ? -6.776  -13.260 11.197  1.00 11.36 ? 137 TYR A CG  1 
ATOM   1180 C CD1 . TYR A 1 136 ? -7.412  -12.039 11.359  1.00 13.32 ? 137 TYR A CD1 1 
ATOM   1181 C CD2 . TYR A 1 136 ? -7.281  -14.140 10.255  1.00 21.37 ? 137 TYR A CD2 1 
ATOM   1182 C CE1 . TYR A 1 136 ? -8.513  -11.701 10.605  1.00 17.45 ? 137 TYR A CE1 1 
ATOM   1183 C CE2 . TYR A 1 136 ? -8.385  -13.814 9.497   1.00 21.30 ? 137 TYR A CE2 1 
ATOM   1184 C CZ  . TYR A 1 136 ? -8.998  -12.596 9.679   1.00 17.94 ? 137 TYR A CZ  1 
ATOM   1185 O OH  . TYR A 1 136 ? -10.108 -12.257 8.928   1.00 24.81 ? 137 TYR A OH  1 
ATOM   1186 N N   . CYS A 1 137 ? -5.871  -16.425 13.344  1.00 16.61 ? 138 CYS A N   1 
ATOM   1187 C CA  . CYS A 1 137 ? -6.456  -17.764 13.326  1.00 19.84 ? 138 CYS A CA  1 
ATOM   1188 C C   . CYS A 1 137 ? -6.897  -18.250 14.700  1.00 19.34 ? 138 CYS A C   1 
ATOM   1189 O O   . CYS A 1 137 ? -7.906  -18.956 14.818  1.00 25.68 ? 138 CYS A O   1 
ATOM   1190 C CB  . CYS A 1 137 ? -5.468  -18.767 12.743  1.00 22.02 ? 138 CYS A CB  1 
ATOM   1191 S SG  . CYS A 1 137 ? -5.117  -18.505 10.993  1.00 26.17 ? 138 CYS A SG  1 
ATOM   1192 N N   . GLN A 1 138 ? -6.147  -17.880 15.736  1.00 17.38 ? 139 GLN A N   1 
ATOM   1193 C CA  . GLN A 1 138 ? -6.376  -18.444 17.072  1.00 18.18 ? 139 GLN A CA  1 
ATOM   1194 C C   . GLN A 1 138 ? -7.330  -17.644 17.956  1.00 20.65 ? 139 GLN A C   1 
ATOM   1195 O O   . GLN A 1 138 ? -8.024  -18.216 18.807  1.00 21.27 ? 139 GLN A O   1 
ATOM   1196 C CB  . GLN A 1 138 ? -5.048  -18.631 17.811  1.00 22.89 ? 139 GLN A CB  1 
ATOM   1197 C CG  . GLN A 1 138 ? -4.168  -19.740 17.248  1.00 21.39 ? 139 GLN A CG  1 
ATOM   1198 C CD  . GLN A 1 138 ? -2.851  -19.867 17.992  1.00 30.00 ? 139 GLN A CD  1 
ATOM   1199 O OE1 . GLN A 1 138 ? -2.504  -19.013 18.805  1.00 29.75 ? 139 GLN A OE1 1 
ATOM   1200 N NE2 . GLN A 1 138 ? -2.111  -20.932 17.712  1.00 32.64 ? 139 GLN A NE2 1 
ATOM   1201 N N   . ASN A 1 139 ? -7.351  -16.327 17.785  1.00 14.36 ? 140 ASN A N   1 
ATOM   1202 C CA  . ASN A 1 139 ? -8.154  -15.467 18.653  1.00 14.24 ? 140 ASN A CA  1 
ATOM   1203 C C   . ASN A 1 139 ? -8.484  -14.155 17.950  1.00 16.87 ? 140 ASN A C   1 
ATOM   1204 O O   . ASN A 1 139 ? -7.712  -13.189 18.023  1.00 16.81 ? 140 ASN A O   1 
ATOM   1205 C CB  . ASN A 1 139 ? -7.396  -15.191 19.962  1.00 15.24 ? 140 ASN A CB  1 
ATOM   1206 C CG  . ASN A 1 139 ? -8.266  -14.556 21.035  1.00 20.17 ? 140 ASN A CG  1 
ATOM   1207 O OD1 . ASN A 1 139 ? -9.222  -13.834 20.745  1.00 18.00 ? 140 ASN A OD1 1 
ATOM   1208 N ND2 . ASN A 1 139 ? -7.920  -14.812 22.294  1.00 17.23 ? 140 ASN A ND2 1 
ATOM   1209 N N   . ARG A 1 140 ? -9.630  -14.116 17.272  1.00 16.94 ? 141 ARG A N   1 
ATOM   1210 C CA  . ARG A 1 140 ? -10.039 -12.920 16.546  1.00 18.45 ? 141 ARG A CA  1 
ATOM   1211 C C   . ARG A 1 140 ? -10.220 -11.698 17.448  1.00 16.98 ? 141 ARG A C   1 
ATOM   1212 O O   . ARG A 1 140 ? -9.974  -10.567 17.025  1.00 20.61 ? 141 ARG A O   1 
ATOM   1213 C CB  . ARG A 1 140 ? -11.307 -13.196 15.731  1.00 21.03 ? 141 ARG A CB  1 
ATOM   1214 C CG  . ARG A 1 140 ? -11.568 -12.191 14.612  1.00 30.67 ? 141 ARG A CG  1 
ATOM   1215 C CD  . ARG A 1 140 ? -10.461 -12.243 13.553  1.00 28.91 ? 141 ARG A CD  1 
ATOM   1216 N NE  . ARG A 1 140 ? -10.178 -13.607 13.109  1.00 21.41 ? 141 ARG A NE  1 
ATOM   1217 C CZ  . ARG A 1 140 ? -10.872 -14.246 12.168  1.00 28.20 ? 141 ARG A CZ  1 
ATOM   1218 N NH1 . ARG A 1 140 ? -11.896 -13.645 11.572  1.00 30.42 ? 141 ARG A NH1 1 
ATOM   1219 N NH2 . ARG A 1 140 ? -10.549 -15.488 11.828  1.00 32.69 ? 141 ARG A NH2 1 
ATOM   1220 N N   . VAL A 1 141 ? -10.631 -11.916 18.700  1.00 19.25 ? 142 VAL A N   1 
ATOM   1221 C CA  . VAL A 1 141 ? -10.785 -10.812 19.643  1.00 17.69 ? 142 VAL A CA  1 
ATOM   1222 C C   . VAL A 1 141 ? -9.435  -10.178 19.990  1.00 13.19 ? 142 VAL A C   1 
ATOM   1223 O O   . VAL A 1 141 ? -9.296  -8.946  20.030  1.00 17.41 ? 142 VAL A O   1 
ATOM   1224 C CB  . VAL A 1 141 ? -11.493 -11.267 20.943  1.00 23.18 ? 142 VAL A CB  1 
ATOM   1225 C CG1 . VAL A 1 141 ? -11.547 -10.125 21.942  1.00 24.84 ? 142 VAL A CG1 1 
ATOM   1226 C CG2 . VAL A 1 141 ? -12.896 -11.783 20.635  1.00 32.50 ? 142 VAL A CG2 1 
ATOM   1227 N N   . GLU A 1 142 ? -8.435  -11.023 20.226  1.00 14.62 ? 143 GLU A N   1 
ATOM   1228 C CA  . GLU A 1 142 ? -7.095  -10.531 20.510  1.00 12.27 ? 143 GLU A CA  1 
ATOM   1229 C C   . GLU A 1 142 ? -6.514  -9.844  19.280  1.00 11.32 ? 143 GLU A C   1 
ATOM   1230 O O   . GLU A 1 142 ? -5.844  -8.813  19.388  1.00 13.49 ? 143 GLU A O   1 
ATOM   1231 C CB  . GLU A 1 142 ? -6.189  -11.677 20.956  1.00 13.85 ? 143 GLU A CB  1 
ATOM   1232 C CG  . GLU A 1 142 ? -4.734  -11.275 21.207  1.00 19.33 ? 143 GLU A CG  1 
ATOM   1233 C CD  . GLU A 1 142 ? -4.543  -10.373 22.419  1.00 25.29 ? 143 GLU A CD  1 
ATOM   1234 O OE1 . GLU A 1 142 ? -5.491  -10.222 23.223  1.00 22.22 ? 143 GLU A OE1 1 
ATOM   1235 O OE2 . GLU A 1 142 ? -3.430  -9.816  22.570  1.00 25.17 ? 143 GLU A OE2 1 
ATOM   1236 N N   . TYR A 1 143 ? -6.789  -10.414 18.113  1.00 13.68 ? 144 TYR A N   1 
ATOM   1237 C CA  . TYR A 1 143 ? -6.324  -9.811  16.873  1.00 13.20 ? 144 TYR A CA  1 
ATOM   1238 C C   . TYR A 1 143 ? -6.832  -8.374  16.751  1.00 12.47 ? 144 TYR A C   1 
ATOM   1239 O O   . TYR A 1 143 ? -6.045  -7.456  16.495  1.00 13.43 ? 144 TYR A O   1 
ATOM   1240 C CB  . TYR A 1 143 ? -6.773  -10.648 15.677  1.00 14.19 ? 144 TYR A CB  1 
ATOM   1241 C CG  . TYR A 1 143 ? -6.412  -10.019 14.360  1.00 12.54 ? 144 TYR A CG  1 
ATOM   1242 C CD1 . TYR A 1 143 ? -5.131  -10.134 13.849  1.00 15.48 ? 144 TYR A CD1 1 
ATOM   1243 C CD2 . TYR A 1 143 ? -7.348  -9.295  13.643  1.00 11.93 ? 144 TYR A CD2 1 
ATOM   1244 C CE1 . TYR A 1 143 ? -4.798  -9.550  12.644  1.00 12.98 ? 144 TYR A CE1 1 
ATOM   1245 C CE2 . TYR A 1 143 ? -7.020  -8.702  12.442  1.00 13.53 ? 144 TYR A CE2 1 
ATOM   1246 C CZ  . TYR A 1 143 ? -5.746  -8.836  11.956  1.00 14.16 ? 144 TYR A CZ  1 
ATOM   1247 O OH  . TYR A 1 143 ? -5.433  -8.236  10.767  1.00 12.86 ? 144 TYR A OH  1 
ATOM   1248 N N   . GLU A 1 144 ? -8.133  -8.175  16.944  1.00 15.41 ? 145 GLU A N   1 
ATOM   1249 C CA  . GLU A 1 144 ? -8.700  -6.840  16.793  1.00 16.57 ? 145 GLU A CA  1 
ATOM   1250 C C   . GLU A 1 144 ? -8.208  -5.890  17.869  1.00 14.47 ? 145 GLU A C   1 
ATOM   1251 O O   . GLU A 1 144 ? -8.062  -4.690  17.638  1.00 16.35 ? 145 GLU A O   1 
ATOM   1252 C CB  . GLU A 1 144 ? -10.225 -6.898  16.760  1.00 17.15 ? 145 GLU A CB  1 
ATOM   1253 C CG  . GLU A 1 144 ? -10.755 -7.656  15.566  1.00 24.40 ? 145 GLU A CG  1 
ATOM   1254 C CD  . GLU A 1 144 ? -12.232 -7.434  15.344  1.00 52.81 ? 145 GLU A CD  1 
ATOM   1255 O OE1 . GLU A 1 144 ? -12.922 -7.013  16.298  1.00 46.67 ? 145 GLU A OE1 1 
ATOM   1256 O OE2 . GLU A 1 144 ? -12.697 -7.682  14.210  1.00 47.32 ? 145 GLU A OE2 1 
ATOM   1257 N N   . LYS A 1 145 ? -7.944  -6.427  19.056  1.00 13.69 ? 146 LYS A N   1 
ATOM   1258 C CA  . LYS A 1 145 ? -7.344  -5.632  20.115  1.00 17.97 ? 146 LYS A CA  1 
ATOM   1259 C C   . LYS A 1 145 ? -5.989  -5.076  19.677  1.00 13.41 ? 146 LYS A C   1 
ATOM   1260 O O   . LYS A 1 145 ? -5.689  -3.893  19.877  1.00 15.16 ? 146 LYS A O   1 
ATOM   1261 C CB  . LYS A 1 145 ? -7.195  -6.489  21.368  1.00 18.05 ? 146 LYS A CB  1 
ATOM   1262 C CG  . LYS A 1 145 ? -6.601  -5.756  22.553  1.00 24.03 ? 146 LYS A CG  1 
ATOM   1263 C CD  . LYS A 1 145 ? -6.611  -6.652  23.778  1.00 23.58 ? 146 LYS A CD  1 
ATOM   1264 C CE  . LYS A 1 145 ? -5.774  -6.075  24.887  1.00 28.63 ? 146 LYS A CE  1 
ATOM   1265 N NZ  . LYS A 1 145 ? -5.763  -6.998  26.062  1.00 26.02 ? 146 LYS A NZ  1 
ATOM   1266 N N   . ARG A 1 146 ? -5.178  -5.935  19.062  1.00 13.87 ? 147 ARG A N   1 
ATOM   1267 C CA  . ARG A 1 146 ? -3.877  -5.526  18.552  1.00 15.70 ? 147 ARG A CA  1 
ATOM   1268 C C   . ARG A 1 146 ? -4.025  -4.511  17.420  1.00 8.89  ? 147 ARG A C   1 
ATOM   1269 O O   . ARG A 1 146 ? -3.246  -3.562  17.335  1.00 12.19 ? 147 ARG A O   1 
ATOM   1270 C CB  . ARG A 1 146 ? -3.077  -6.745  18.069  1.00 17.39 ? 147 ARG A CB  1 
ATOM   1271 C CG  . ARG A 1 146 ? -2.612  -7.684  19.185  1.00 19.12 ? 147 ARG A CG  1 
ATOM   1272 C CD  . ARG A 1 146 ? -1.423  -7.099  19.943  1.00 22.74 ? 147 ARG A CD  1 
ATOM   1273 N NE  . ARG A 1 146 ? -0.242  -6.908  19.096  1.00 21.97 ? 147 ARG A NE  1 
ATOM   1274 C CZ  . ARG A 1 146 ? 0.641   -7.868  18.810  1.00 25.27 ? 147 ARG A CZ  1 
ATOM   1275 N NH1 . ARG A 1 146 ? 0.482   -9.095  19.288  1.00 23.56 ? 147 ARG A NH1 1 
ATOM   1276 N NH2 . ARG A 1 146 ? 1.686   -7.605  18.042  1.00 21.66 ? 147 ARG A NH2 1 
ATOM   1277 N N   . VAL A 1 147 ? -5.014  -4.718  16.556  1.00 12.75 ? 148 VAL A N   1 
ATOM   1278 C CA  . VAL A 1 147 ? -5.254  -3.774  15.467  1.00 15.46 ? 148 VAL A CA  1 
ATOM   1279 C C   . VAL A 1 147 ? -5.655  -2.382  15.985  1.00 14.90 ? 148 VAL A C   1 
ATOM   1280 O O   . VAL A 1 147 ? -5.154  -1.372  15.496  1.00 13.32 ? 148 VAL A O   1 
ATOM   1281 C CB  . VAL A 1 147 ? -6.277  -4.310  14.466  1.00 12.32 ? 148 VAL A CB  1 
ATOM   1282 C CG1 . VAL A 1 147 ? -6.611  -3.244  13.434  1.00 12.56 ? 148 VAL A CG1 1 
ATOM   1283 C CG2 . VAL A 1 147 ? -5.715  -5.546  13.750  1.00 16.78 ? 148 VAL A CG2 1 
ATOM   1284 N N   A ARG A 1 148 ? -6.539  -2.338  16.979  0.49 14.76 ? 149 ARG A N   1 
ATOM   1285 N N   B ARG A 1 148 ? -6.530  -2.327  16.988  0.51 14.78 ? 149 ARG A N   1 
ATOM   1286 C CA  A ARG A 1 148 ? -6.973  -1.054  17.531  0.49 14.41 ? 149 ARG A CA  1 
ATOM   1287 C CA  B ARG A 1 148 ? -6.948  -1.033  17.535  0.51 14.35 ? 149 ARG A CA  1 
ATOM   1288 C C   A ARG A 1 148 ? -5.840  -0.300  18.223  0.49 13.14 ? 149 ARG A C   1 
ATOM   1289 C C   B ARG A 1 148 ? -5.803  -0.292  18.197  0.51 13.25 ? 149 ARG A C   1 
ATOM   1290 O O   A ARG A 1 148 ? -5.760  0.922   18.120  0.49 14.62 ? 149 ARG A O   1 
ATOM   1291 O O   B ARG A 1 148 ? -5.678  0.925   18.057  0.51 14.50 ? 149 ARG A O   1 
ATOM   1292 C CB  A ARG A 1 148 ? -8.167  -1.229  18.481  0.49 12.27 ? 149 ARG A CB  1 
ATOM   1293 C CB  B ARG A 1 148 ? -8.106  -1.190  18.525  0.51 12.26 ? 149 ARG A CB  1 
ATOM   1294 C CG  A ARG A 1 148 ? -9.437  -1.752  17.812  0.49 16.77 ? 149 ARG A CG  1 
ATOM   1295 C CG  B ARG A 1 148 ? -9.408  -1.558  17.859  0.51 17.14 ? 149 ARG A CG  1 
ATOM   1296 C CD  A ARG A 1 148 ? -10.636 -1.668  18.756  0.49 20.99 ? 149 ARG A CD  1 
ATOM   1297 C CD  B ARG A 1 148 ? -10.588 -1.501  18.812  0.51 20.72 ? 149 ARG A CD  1 
ATOM   1298 N NE  A ARG A 1 148 ? -10.362 -2.319  20.031  0.49 21.68 ? 149 ARG A NE  1 
ATOM   1299 N NE  B ARG A 1 148 ? -11.641 -2.384  18.326  0.51 22.59 ? 149 ARG A NE  1 
ATOM   1300 C CZ  A ARG A 1 148 ? -10.634 -3.594  20.296  0.49 14.73 ? 149 ARG A CZ  1 
ATOM   1301 C CZ  B ARG A 1 148 ? -11.787 -3.645  18.716  0.51 23.73 ? 149 ARG A CZ  1 
ATOM   1302 N NH1 A ARG A 1 148 ? -11.206 -4.364  19.377  0.49 30.21 ? 149 ARG A NH1 1 
ATOM   1303 N NH1 B ARG A 1 148 ? -10.963 -4.160  19.622  0.51 27.04 ? 149 ARG A NH1 1 
ATOM   1304 N NH2 A ARG A 1 148 ? -10.345 -4.098  21.485  0.49 29.39 ? 149 ARG A NH2 1 
ATOM   1305 N NH2 B ARG A 1 148 ? -12.764 -4.387  18.215  0.51 35.13 ? 149 ARG A NH2 1 
ATOM   1306 N N   . ALA A 1 149 ? -4.962  -1.024  18.921  1.00 12.15 ? 150 ALA A N   1 
ATOM   1307 C CA  . ALA A 1 149 ? -3.797  -0.413  19.552  1.00 17.15 ? 150 ALA A CA  1 
ATOM   1308 C C   . ALA A 1 149 ? -2.883  0.191   18.487  1.00 13.52 ? 150 ALA A C   1 
ATOM   1309 O O   . ALA A 1 149 ? -2.353  1.294   18.641  1.00 15.66 ? 150 ALA A O   1 
ATOM   1310 C CB  . ALA A 1 149 ? -3.036  -1.443  20.370  1.00 16.30 ? 150 ALA A CB  1 
ATOM   1311 N N   . GLN A 1 150 ? -2.708  -0.548  17.398  1.00 15.59 ? 151 GLN A N   1 
ATOM   1312 C CA  . GLN A 1 150 ? -1.895  -0.077  16.294  1.00 16.04 ? 151 GLN A CA  1 
ATOM   1313 C C   . GLN A 1 150 ? -2.506  1.142   15.620  1.00 12.38 ? 151 GLN A C   1 
ATOM   1314 O O   . GLN A 1 150 ? -1.781  2.053   15.225  1.00 13.44 ? 151 GLN A O   1 
ATOM   1315 C CB  . GLN A 1 150 ? -1.711  -1.203  15.286  1.00 13.21 ? 151 GLN A CB  1 
ATOM   1316 C CG  . GLN A 1 150 ? -0.894  -0.822  14.067  1.00 13.66 ? 151 GLN A CG  1 
ATOM   1317 C CD  . GLN A 1 150 ? -0.556  -2.036  13.254  1.00 11.47 ? 151 GLN A CD  1 
ATOM   1318 O OE1 . GLN A 1 150 ? 0.605   -2.451  13.209  1.00 14.14 ? 151 GLN A OE1 1 
ATOM   1319 N NE2 . GLN A 1 150 ? -1.566  -2.641  12.636  1.00 12.43 ? 151 GLN A NE2 1 
ATOM   1320 N N   . ALA A 1 151 ? -3.831  1.163   15.497  1.00 12.36 ? 152 ALA A N   1 
ATOM   1321 C CA  . ALA A 1 151 ? -4.501  2.295   14.863  1.00 11.81 ? 152 ALA A CA  1 
ATOM   1322 C C   . ALA A 1 151 ? -4.320  3.540   15.722  1.00 16.49 ? 152 ALA A C   1 
ATOM   1323 O O   . ALA A 1 151 ? -4.106  4.641   15.211  1.00 16.46 ? 152 ALA A O   1 
ATOM   1324 C CB  . ALA A 1 151 ? -5.972  1.995   14.647  1.00 12.45 ? 152 ALA A CB  1 
ATOM   1325 N N   . LYS A 1 152 ? -4.432  3.365   17.034  1.00 15.39 ? 153 LYS A N   1 
ATOM   1326 C CA  . LYS A 1 152 ? -4.193  4.474   17.950  1.00 17.84 ? 153 LYS A CA  1 
ATOM   1327 C C   . LYS A 1 152 ? -2.761  4.988   17.844  1.00 16.44 ? 153 LYS A C   1 
ATOM   1328 O O   . LYS A 1 152 ? -2.522  6.198   17.836  1.00 20.52 ? 153 LYS A O   1 
ATOM   1329 C CB  . LYS A 1 152 ? -4.510  4.055   19.386  1.00 19.40 ? 153 LYS A CB  1 
ATOM   1330 C CG  . LYS A 1 152 ? -4.244  5.143   20.404  1.00 28.99 ? 153 LYS A CG  1 
ATOM   1331 C CD  . LYS A 1 152 ? -5.128  4.962   21.625  1.00 39.83 ? 153 LYS A CD  1 
ATOM   1332 C CE  . LYS A 1 152 ? -5.323  6.282   22.356  1.00 45.78 ? 153 LYS A CE  1 
ATOM   1333 N NZ  . LYS A 1 152 ? -6.462  6.211   23.311  1.00 60.30 ? 153 LYS A NZ  1 
ATOM   1334 N N   . LYS A 1 153 ? -1.809  4.065   17.745  1.00 15.24 ? 154 LYS A N   1 
ATOM   1335 C CA  . LYS A 1 153 ? -0.410  4.425   17.610  1.00 16.24 ? 154 LYS A CA  1 
ATOM   1336 C C   . LYS A 1 153 ? -0.158  5.281   16.371  1.00 17.54 ? 154 LYS A C   1 
ATOM   1337 O O   . LYS A 1 153 ? 0.704   6.164   16.375  1.00 22.73 ? 154 LYS A O   1 
ATOM   1338 C CB  . LYS A 1 153 ? 0.445   3.159   17.556  1.00 22.84 ? 154 LYS A CB  1 
ATOM   1339 C CG  . LYS A 1 153 ? 1.929   3.431   17.407  1.00 24.77 ? 154 LYS A CG  1 
ATOM   1340 C CD  . LYS A 1 153 ? 2.741   2.141   17.440  1.00 24.19 ? 154 LYS A CD  1 
ATOM   1341 C CE  . LYS A 1 153 ? 4.226   2.426   17.260  1.00 35.95 ? 154 LYS A CE  1 
ATOM   1342 N NZ  . LYS A 1 153 ? 5.068   1.230   17.536  1.00 38.55 ? 154 LYS A NZ  1 
ATOM   1343 N N   . PHE A 1 154 ? -0.923  5.029   15.311  1.00 18.25 ? 155 PHE A N   1 
ATOM   1344 C CA  . PHE A 1 154 ? -0.728  5.750   14.059  1.00 19.02 ? 155 PHE A CA  1 
ATOM   1345 C C   . PHE A 1 154 ? -1.817  6.791   13.769  1.00 19.38 ? 155 PHE A C   1 
ATOM   1346 O O   . PHE A 1 154 ? -2.069  7.142   12.623  1.00 19.44 ? 155 PHE A O   1 
ATOM   1347 C CB  . PHE A 1 154 ? -0.555  4.759   12.896  1.00 12.52 ? 155 PHE A CB  1 
ATOM   1348 C CG  . PHE A 1 154 ? 0.694   3.925   13.007  1.00 14.21 ? 155 PHE A CG  1 
ATOM   1349 C CD1 . PHE A 1 154 ? 1.940   4.537   13.031  1.00 23.61 ? 155 PHE A CD1 1 
ATOM   1350 C CD2 . PHE A 1 154 ? 0.623   2.544   13.110  1.00 21.30 ? 155 PHE A CD2 1 
ATOM   1351 C CE1 . PHE A 1 154 ? 3.099   3.784   13.150  1.00 22.64 ? 155 PHE A CE1 1 
ATOM   1352 C CE2 . PHE A 1 154 ? 1.778   1.781   13.226  1.00 21.86 ? 155 PHE A CE2 1 
ATOM   1353 C CZ  . PHE A 1 154 ? 3.018   2.405   13.243  1.00 24.57 ? 155 PHE A CZ  1 
ATOM   1354 N N   . ALA A 1 155 ? -2.448  7.305   14.815  1.00 16.74 ? 156 ALA A N   1 
ATOM   1355 C CA  . ALA A 1 155 ? -3.369  8.427   14.658  1.00 20.11 ? 156 ALA A CA  1 
ATOM   1356 C C   . ALA A 1 155 ? -2.601  9.674   14.245  1.00 31.26 ? 156 ALA A C   1 
ATOM   1357 O O   . ALA A 1 155 ? -1.539  9.960   14.796  1.00 35.10 ? 156 ALA A O   1 
ATOM   1358 C CB  . ALA A 1 155 ? -4.105  8.682   15.952  1.00 22.12 ? 156 ALA A CB  1 
ATOM   1359 N N   . PRO A 1 156 ? -3.136  10.424  13.271  1.00 24.89 ? 157 PRO A N   1 
ATOM   1360 C CA  . PRO A 1 156 ? -2.499  11.675  12.842  1.00 32.64 ? 157 PRO A CA  1 
ATOM   1361 C C   . PRO A 1 156 ? -2.942  12.875  13.672  1.00 40.97 ? 157 PRO A C   1 
ATOM   1362 O O   . PRO A 1 156 ? -3.241  12.719  14.856  1.00 34.87 ? 157 PRO A O   1 
ATOM   1363 C CB  . PRO A 1 156 ? -2.991  11.829  11.403  1.00 37.37 ? 157 PRO A CB  1 
ATOM   1364 C CG  . PRO A 1 156 ? -4.322  11.194  11.403  1.00 25.57 ? 157 PRO A CG  1 
ATOM   1365 C CD  . PRO A 1 156 ? -4.262  10.051  12.397  1.00 20.94 ? 157 PRO A CD  1 
HETATM 1366 C CAA . 5VK B 2 .   ? 3.906   13.223  2.114   1.00 30.16 ? 201 5VK A CAA 1 
HETATM 1367 C CAL . 5VK B 2 .   ? 3.697   14.604  2.662   1.00 35.28 ? 201 5VK A CAL 1 
HETATM 1368 O OAO . 5VK B 2 .   ? 3.225   14.495  4.018   1.00 49.84 ? 201 5VK A OAO 1 
HETATM 1369 C CAP . 5VK B 2 .   ? 1.830   14.380  4.162   1.00 30.71 ? 201 5VK A CAP 1 
HETATM 1370 O OAB . 5VK B 2 .   ? 1.109   14.377  3.189   1.00 42.94 ? 201 5VK A OAB 1 
HETATM 1371 C CAM . 5VK B 2 .   ? 1.261   13.897  5.546   1.00 32.30 ? 201 5VK A CAM 1 
HETATM 1372 C CAN . 5VK B 2 .   ? 0.873   12.420  5.485   1.00 31.41 ? 201 5VK A CAN 1 
HETATM 1373 C CAQ . 5VK B 2 .   ? 2.116   11.466  5.213   1.00 21.70 ? 201 5VK A CAQ 1 
HETATM 1374 C CAK . 5VK B 2 .   ? 3.206   11.484  6.057   1.00 25.32 ? 201 5VK A CAK 1 
HETATM 1375 C CAS . 5VK B 2 .   ? 4.308   10.629  5.820   1.00 20.82 ? 201 5VK A CAS 1 
HETATM 1376 O OAD . 5VK B 2 .   ? 5.412   10.671  6.703   1.00 27.74 ? 201 5VK A OAD 1 
HETATM 1377 C CAI . 5VK B 2 .   ? 2.114   10.595  4.101   1.00 23.90 ? 201 5VK A CAI 1 
HETATM 1378 C CAJ . 5VK B 2 .   ? 3.185   9.772   3.865   1.00 19.34 ? 201 5VK A CAJ 1 
HETATM 1379 C CAU . 5VK B 2 .   ? 4.309   9.780   4.711   1.00 21.48 ? 201 5VK A CAU 1 
HETATM 1380 C CAT . 5VK B 2 .   ? 5.412   8.812   4.388   1.00 22.58 ? 201 5VK A CAT 1 
HETATM 1381 C CAH . 5VK B 2 .   ? 5.019   7.679   3.749   1.00 19.81 ? 201 5VK A CAH 1 
HETATM 1382 C CAF . 5VK B 2 .   ? 5.966   6.687   3.408   1.00 19.02 ? 201 5VK A CAF 1 
HETATM 1383 C CAE . 5VK B 2 .   ? 7.306   6.842   3.726   1.00 21.12 ? 201 5VK A CAE 1 
HETATM 1384 C CAG . 5VK B 2 .   ? 7.710   7.963   4.364   1.00 24.39 ? 201 5VK A CAG 1 
HETATM 1385 C CAR . 5VK B 2 .   ? 6.769   8.965   4.710   1.00 23.14 ? 201 5VK A CAR 1 
HETATM 1386 O OAC . 5VK B 2 .   ? 7.255   10.099  5.376   1.00 24.20 ? 201 5VK A OAC 1 
HETATM 1387 O O   . HOH C 3 .   ? 16.559  9.916   -7.117  1.00 38.24 ? 301 HOH A O   1 
HETATM 1388 O O   . HOH C 3 .   ? 12.168  -5.877  0.254   1.00 20.10 ? 302 HOH A O   1 
HETATM 1389 O O   . HOH C 3 .   ? -5.189  -21.234 8.038   1.00 49.28 ? 303 HOH A O   1 
HETATM 1390 O O   . HOH C 3 .   ? -8.950  -2.677  22.680  1.00 40.08 ? 304 HOH A O   1 
HETATM 1391 O O   . HOH C 3 .   ? -2.835  12.202  -18.701 1.00 38.26 ? 305 HOH A O   1 
HETATM 1392 O O   . HOH C 3 .   ? -6.336  -8.153  -12.063 1.00 26.73 ? 306 HOH A O   1 
HETATM 1393 O O   . HOH C 3 .   ? 5.535   -12.091 -10.328 1.00 28.88 ? 307 HOH A O   1 
HETATM 1394 O O   . HOH C 3 .   ? -6.241  -6.901  -18.981 1.00 32.76 ? 308 HOH A O   1 
HETATM 1395 O O   . HOH C 3 .   ? -5.486  -8.797  -5.137  1.00 19.76 ? 309 HOH A O   1 
HETATM 1396 O O   . HOH C 3 .   ? -10.179 6.412   9.908   1.00 22.42 ? 310 HOH A O   1 
HETATM 1397 O O   . HOH C 3 .   ? -2.958  -7.396  23.208  1.00 34.43 ? 311 HOH A O   1 
HETATM 1398 O O   . HOH C 3 .   ? -3.058  -11.210 0.137   1.00 16.93 ? 312 HOH A O   1 
HETATM 1399 O O   . HOH C 3 .   ? 12.933  0.169   0.142   1.00 37.89 ? 313 HOH A O   1 
HETATM 1400 O O   . HOH C 3 .   ? -13.416 -6.129  9.660   1.00 43.21 ? 314 HOH A O   1 
HETATM 1401 O O   . HOH C 3 .   ? -11.803 17.272  -8.772  1.00 32.70 ? 315 HOH A O   1 
HETATM 1402 O O   . HOH C 3 .   ? 9.095   -7.765  -12.994 1.00 41.49 ? 316 HOH A O   1 
HETATM 1403 O O   . HOH C 3 .   ? -6.045  -15.638 -2.615  1.00 51.95 ? 317 HOH A O   1 
HETATM 1404 O O   . HOH C 3 .   ? 8.105   0.886   -18.935 1.00 19.61 ? 318 HOH A O   1 
HETATM 1405 O O   . HOH C 3 .   ? 4.546   -5.641  -5.589  1.00 15.25 ? 319 HOH A O   1 
HETATM 1406 O O   . HOH C 3 .   ? -7.612  -7.052  9.616   1.00 14.61 ? 320 HOH A O   1 
HETATM 1407 O O   . HOH C 3 .   ? -10.211 -13.161 6.260   1.00 34.53 ? 321 HOH A O   1 
HETATM 1408 O O   . HOH C 3 .   ? -11.404 -9.984  9.261   1.00 43.21 ? 322 HOH A O   1 
HETATM 1409 O O   . HOH C 3 .   ? 11.964  15.093  -12.510 1.00 31.09 ? 323 HOH A O   1 
HETATM 1410 O O   . HOH C 3 .   ? -11.097 -7.066  20.466  1.00 27.38 ? 324 HOH A O   1 
HETATM 1411 O O   . HOH C 3 .   ? -7.884  2.490   17.965  1.00 24.59 ? 325 HOH A O   1 
HETATM 1412 O O   . HOH C 3 .   ? 13.354  10.196  -4.049  1.00 21.59 ? 326 HOH A O   1 
HETATM 1413 O O   . HOH C 3 .   ? 7.920   -6.590  -16.492 1.00 16.58 ? 327 HOH A O   1 
HETATM 1414 O O   . HOH C 3 .   ? 8.188   -15.581 -11.463 1.00 43.80 ? 328 HOH A O   1 
HETATM 1415 O O   . HOH C 3 .   ? -9.476  1.916   15.656  1.00 19.08 ? 329 HOH A O   1 
HETATM 1416 O O   . HOH C 3 .   ? -0.593  2.006   -11.240 1.00 13.38 ? 330 HOH A O   1 
HETATM 1417 O O   . HOH C 3 .   ? 8.197   10.539  -20.800 1.00 33.07 ? 331 HOH A O   1 
HETATM 1418 O O   . HOH C 3 .   ? 9.229   -0.779  6.257   1.00 25.78 ? 332 HOH A O   1 
HETATM 1419 O O   . HOH C 3 .   ? 2.191   -7.036  -17.163 1.00 12.71 ? 333 HOH A O   1 
HETATM 1420 O O   . HOH C 3 .   ? -1.580  2.184   21.051  1.00 21.27 ? 334 HOH A O   1 
HETATM 1421 O O   . HOH C 3 .   ? -5.231  2.992   -16.481 1.00 22.82 ? 335 HOH A O   1 
HETATM 1422 O O   . HOH C 3 .   ? -5.229  16.979  -12.303 1.00 25.78 ? 336 HOH A O   1 
HETATM 1423 O O   . HOH C 3 .   ? -10.353 -1.182  5.285   1.00 27.68 ? 337 HOH A O   1 
HETATM 1424 O O   . HOH C 3 .   ? 11.546  11.613  0.744   1.00 36.55 ? 338 HOH A O   1 
HETATM 1425 O O   . HOH C 3 .   ? 11.791  -5.764  -17.784 1.00 25.64 ? 339 HOH A O   1 
HETATM 1426 O O   . HOH C 3 .   ? -10.700 -8.472  12.551  1.00 33.20 ? 340 HOH A O   1 
HETATM 1427 O O   . HOH C 3 .   ? -8.126  -1.730  -14.098 1.00 34.86 ? 341 HOH A O   1 
HETATM 1428 O O   . HOH C 3 .   ? 2.396   -9.918  -3.404  1.00 32.78 ? 342 HOH A O   1 
HETATM 1429 O O   . HOH C 3 .   ? -4.069  -1.003  13.031  1.00 13.23 ? 343 HOH A O   1 
HETATM 1430 O O   . HOH C 3 .   ? 4.793   -15.530 1.962   1.00 26.47 ? 344 HOH A O   1 
HETATM 1431 O O   . HOH C 3 .   ? -8.129  -10.568 23.815  1.00 23.40 ? 345 HOH A O   1 
HETATM 1432 O O   . HOH C 3 .   ? -5.600  13.508  1.786   1.00 36.22 ? 346 HOH A O   1 
HETATM 1433 O O   . HOH C 3 .   ? 0.309   13.768  -5.946  1.00 20.38 ? 347 HOH A O   1 
HETATM 1434 O O   . HOH C 3 .   ? -0.743  -3.581  18.422  1.00 20.44 ? 348 HOH A O   1 
HETATM 1435 O O   . HOH C 3 .   ? 2.361   -17.962 2.683   1.00 40.88 ? 349 HOH A O   1 
HETATM 1436 O O   . HOH C 3 .   ? -8.743  4.513   -11.054 1.00 24.99 ? 350 HOH A O   1 
HETATM 1437 O O   . HOH C 3 .   ? -13.598 -11.257 8.293   1.00 45.95 ? 351 HOH A O   1 
HETATM 1438 O O   . HOH C 3 .   ? -4.471  11.522  -16.167 1.00 24.47 ? 352 HOH A O   1 
HETATM 1439 O O   . HOH C 3 .   ? -10.920 0.216   0.088   1.00 18.45 ? 353 HOH A O   1 
HETATM 1440 O O   . HOH C 3 .   ? -6.476  -2.240  21.917  1.00 22.81 ? 354 HOH A O   1 
HETATM 1441 O O   . HOH C 3 .   ? 5.163   -6.108  9.137   1.00 21.33 ? 355 HOH A O   1 
HETATM 1442 O O   . HOH C 3 .   ? 1.216   15.100  -14.044 1.00 22.80 ? 356 HOH A O   1 
HETATM 1443 O O   . HOH C 3 .   ? -1.995  -19.896 21.352  1.00 34.40 ? 357 HOH A O   1 
HETATM 1444 O O   . HOH C 3 .   ? -7.759  0.496   -14.412 1.00 24.10 ? 358 HOH A O   1 
HETATM 1445 O O   . HOH C 3 .   ? -15.000 -12.452 5.162   1.00 37.98 ? 359 HOH A O   1 
HETATM 1446 O O   . HOH C 3 .   ? -7.854  -6.002  -1.896  1.00 14.87 ? 360 HOH A O   1 
HETATM 1447 O O   . HOH C 3 .   ? -7.041  -9.952  -7.237  1.00 25.15 ? 361 HOH A O   1 
HETATM 1448 O O   . HOH C 3 .   ? -9.207  -9.455  1.033   1.00 25.63 ? 362 HOH A O   1 
HETATM 1449 O O   . HOH C 3 .   ? 2.128   11.797  -19.479 1.00 26.77 ? 363 HOH A O   1 
HETATM 1450 O O   . HOH C 3 .   ? 6.583   -1.041  13.112  1.00 40.10 ? 364 HOH A O   1 
HETATM 1451 O O   . HOH C 3 .   ? 4.905   -10.855 -3.591  1.00 44.03 ? 365 HOH A O   1 
HETATM 1452 O O   . HOH C 3 .   ? 12.678  21.007  -4.965  1.00 23.01 ? 366 HOH A O   1 
HETATM 1453 O O   . HOH C 3 .   ? -12.019 -4.727  3.748   1.00 34.47 ? 367 HOH A O   1 
HETATM 1454 O O   . HOH C 3 .   ? 3.413   4.930   -20.835 1.00 27.64 ? 368 HOH A O   1 
HETATM 1455 O O   . HOH C 3 .   ? 2.010   15.827  -6.511  1.00 24.87 ? 369 HOH A O   1 
HETATM 1456 O O   . HOH C 3 .   ? 11.219  19.935  -0.470  1.00 19.70 ? 370 HOH A O   1 
HETATM 1457 O O   . HOH C 3 .   ? 2.606   -1.716  14.995  1.00 30.91 ? 371 HOH A O   1 
HETATM 1458 O O   . HOH C 3 .   ? 4.333   -12.686 -1.937  1.00 47.89 ? 372 HOH A O   1 
HETATM 1459 O O   . HOH C 3 .   ? -12.724 3.396   0.994   1.00 26.25 ? 373 HOH A O   1 
HETATM 1460 O O   . HOH C 3 .   ? -9.024  -1.652  -5.954  1.00 21.28 ? 374 HOH A O   1 
HETATM 1461 O O   . HOH C 3 .   ? 3.061   2.203   8.249   1.00 12.96 ? 375 HOH A O   1 
HETATM 1462 O O   . HOH C 3 .   ? 7.729   -13.614 7.168   1.00 15.23 ? 376 HOH A O   1 
HETATM 1463 O O   . HOH C 3 .   ? 8.008   15.724  -2.778  1.00 29.81 ? 377 HOH A O   1 
HETATM 1464 O O   . HOH C 3 .   ? 10.850  11.638  -12.101 1.00 22.29 ? 378 HOH A O   1 
HETATM 1465 O O   . HOH C 3 .   ? -14.499 4.526   5.967   1.00 42.37 ? 379 HOH A O   1 
HETATM 1466 O O   . HOH C 3 .   ? -7.693  9.422   14.689  1.00 41.86 ? 380 HOH A O   1 
HETATM 1467 O O   . HOH C 3 .   ? 13.226  2.522   -10.646 1.00 26.54 ? 381 HOH A O   1 
HETATM 1468 O O   . HOH C 3 .   ? 7.179   -1.369  -11.097 1.00 12.92 ? 382 HOH A O   1 
HETATM 1469 O O   . HOH C 3 .   ? 6.866   13.258  -0.790  1.00 24.27 ? 383 HOH A O   1 
HETATM 1470 O O   . HOH C 3 .   ? -8.081  -21.041 18.932  1.00 29.70 ? 384 HOH A O   1 
HETATM 1471 O O   . HOH C 3 .   ? 0.400   8.345   10.902  1.00 39.50 ? 385 HOH A O   1 
HETATM 1472 O O   . HOH C 3 .   ? 20.552  16.530  -1.670  1.00 35.09 ? 386 HOH A O   1 
HETATM 1473 O O   . HOH C 3 .   ? -8.182  14.013  1.578   1.00 27.40 ? 387 HOH A O   1 
HETATM 1474 O O   . HOH C 3 .   ? -12.966 -7.057  19.187  1.00 41.44 ? 388 HOH A O   1 
HETATM 1475 O O   . HOH C 3 .   ? -12.312 -12.844 2.502   1.00 40.24 ? 389 HOH A O   1 
HETATM 1476 O O   . HOH C 3 .   ? 14.224  8.385   -10.640 1.00 35.35 ? 390 HOH A O   1 
HETATM 1477 O O   . HOH C 3 .   ? 10.807  1.335   -20.568 1.00 28.97 ? 391 HOH A O   1 
HETATM 1478 O O   . HOH C 3 .   ? -12.030 7.443   1.962   1.00 20.17 ? 392 HOH A O   1 
HETATM 1479 O O   . HOH C 3 .   ? -11.283 6.366   6.128   1.00 23.07 ? 393 HOH A O   1 
HETATM 1480 O O   . HOH C 3 .   ? -9.896  -17.841 20.937  1.00 33.36 ? 394 HOH A O   1 
HETATM 1481 O O   . HOH C 3 .   ? 11.847  13.391  -1.162  1.00 20.90 ? 395 HOH A O   1 
HETATM 1482 O O   . HOH C 3 .   ? -9.134  11.267  -12.140 1.00 30.95 ? 396 HOH A O   1 
HETATM 1483 O O   . HOH C 3 .   ? 7.455   -7.840  -11.372 1.00 34.89 ? 397 HOH A O   1 
HETATM 1484 O O   . HOH C 3 .   ? 8.632   -5.813  11.556  1.00 31.87 ? 398 HOH A O   1 
HETATM 1485 O O   . HOH C 3 .   ? -9.197  -15.248 4.057   1.00 34.62 ? 399 HOH A O   1 
HETATM 1486 O O   . HOH C 3 .   ? -14.174 1.273   15.168  1.00 40.31 ? 400 HOH A O   1 
HETATM 1487 O O   . HOH C 3 .   ? 6.980   -14.327 9.632   1.00 21.80 ? 401 HOH A O   1 
HETATM 1488 O O   . HOH C 3 .   ? -9.458  16.467  -5.624  1.00 34.76 ? 402 HOH A O   1 
HETATM 1489 O O   . HOH C 3 .   ? 6.718   6.924   8.384   1.00 39.89 ? 403 HOH A O   1 
HETATM 1490 O O   . HOH C 3 .   ? 10.706  3.775   -21.884 1.00 26.14 ? 404 HOH A O   1 
HETATM 1491 O O   . HOH C 3 .   ? 6.915   12.408  -16.964 1.00 33.75 ? 405 HOH A O   1 
HETATM 1492 O O   . HOH C 3 .   ? -13.785 9.954   -1.077  1.00 25.47 ? 406 HOH A O   1 
HETATM 1493 O O   . HOH C 3 .   ? -4.418  -11.335 -2.851  1.00 26.24 ? 407 HOH A O   1 
HETATM 1494 O O   . HOH C 3 .   ? 5.901   -9.117  -9.601  1.00 22.11 ? 408 HOH A O   1 
HETATM 1495 O O   . HOH C 3 .   ? -9.304  -0.138  7.029   1.00 29.09 ? 409 HOH A O   1 
HETATM 1496 O O   . HOH C 3 .   ? -11.745 5.449   3.707   1.00 20.82 ? 410 HOH A O   1 
HETATM 1497 O O   . HOH C 3 .   ? -6.018  11.864  15.112  1.00 32.73 ? 411 HOH A O   1 
HETATM 1498 O O   . HOH C 3 .   ? -9.182  -13.054 24.289  1.00 28.97 ? 412 HOH A O   1 
HETATM 1499 O O   . HOH C 3 .   ? 9.122   14.124  1.786   1.00 36.78 ? 413 HOH A O   1 
HETATM 1500 O O   . HOH C 3 .   ? 9.974   10.763  4.430   1.00 39.48 ? 414 HOH A O   1 
HETATM 1501 O O   . HOH C 3 .   ? 2.115   4.192   9.561   1.00 22.86 ? 415 HOH A O   1 
HETATM 1502 O O   . HOH C 3 .   ? 11.932  3.237   -7.208  1.00 30.73 ? 416 HOH A O   1 
HETATM 1503 O O   . HOH C 3 .   ? -0.147  3.042   -19.678 1.00 18.61 ? 417 HOH A O   1 
HETATM 1504 O O   . HOH C 3 .   ? -4.094  -3.806  -18.512 1.00 18.59 ? 418 HOH A O   1 
HETATM 1505 O O   . HOH C 3 .   ? 5.839   -12.528 12.754  1.00 29.17 ? 419 HOH A O   1 
HETATM 1506 O O   . HOH C 3 .   ? 6.657   1.659   15.055  1.00 41.17 ? 420 HOH A O   1 
HETATM 1507 O O   . HOH C 3 .   ? -13.055 -14.357 8.916   1.00 46.44 ? 421 HOH A O   1 
HETATM 1508 O O   . HOH C 3 .   ? -11.716 -1.043  -9.567  1.00 38.34 ? 422 HOH A O   1 
HETATM 1509 O O   . HOH C 3 .   ? 4.341   -5.052  -2.699  1.00 17.28 ? 423 HOH A O   1 
HETATM 1510 O O   . HOH C 3 .   ? 14.313  6.083   -4.827  1.00 36.66 ? 424 HOH A O   1 
HETATM 1511 O O   . HOH C 3 .   ? 10.927  18.101  -11.498 1.00 34.82 ? 425 HOH A O   1 
HETATM 1512 O O   . HOH C 3 .   ? -1.435  15.219  4.565   1.00 45.00 ? 426 HOH A O   1 
HETATM 1513 O O   . HOH C 3 .   ? 14.188  6.098   -7.317  1.00 34.84 ? 427 HOH A O   1 
HETATM 1514 O O   . HOH C 3 .   ? -9.738  -5.960  10.896  1.00 26.17 ? 428 HOH A O   1 
HETATM 1515 O O   . HOH C 3 .   ? -8.558  15.482  -0.178  1.00 45.03 ? 429 HOH A O   1 
HETATM 1516 O O   . HOH C 3 .   ? 4.864   -9.039  -2.144  1.00 33.33 ? 430 HOH A O   1 
HETATM 1517 O O   . HOH C 3 .   ? -7.238  5.288   16.251  1.00 41.01 ? 431 HOH A O   1 
HETATM 1518 O O   . HOH C 3 .   ? -4.694  6.928   -9.769  1.00 27.29 ? 432 HOH A O   1 
HETATM 1519 O O   . HOH C 3 .   ? 2.339   -4.763  17.102  1.00 46.80 ? 433 HOH A O   1 
HETATM 1520 O O   . HOH C 3 .   ? -8.741  -7.721  26.105  1.00 38.53 ? 434 HOH A O   1 
HETATM 1521 O O   . HOH C 3 .   ? -10.782 9.096   5.350   1.00 25.42 ? 435 HOH A O   1 
HETATM 1522 O O   . HOH C 3 .   ? 13.671  6.273   -22.066 1.00 38.45 ? 436 HOH A O   1 
HETATM 1523 O O   . HOH C 3 .   ? -6.196  -13.770 -4.332  1.00 40.00 ? 437 HOH A O   1 
HETATM 1524 O O   . HOH C 3 .   ? 12.794  -2.512  -14.888 1.00 28.46 ? 438 HOH A O   1 
HETATM 1525 O O   . HOH C 3 .   ? -0.078  16.686  -12.187 1.00 32.14 ? 439 HOH A O   1 
HETATM 1526 O O   . HOH C 3 .   ? -10.140 -8.182  10.060  1.00 29.55 ? 440 HOH A O   1 
HETATM 1527 O O   . HOH C 3 .   ? 13.251  5.999   -0.222  1.00 29.31 ? 441 HOH A O   1 
HETATM 1528 O O   . HOH C 3 .   ? -7.537  -8.673  -0.779  1.00 21.55 ? 442 HOH A O   1 
HETATM 1529 O O   . HOH C 3 .   ? -11.481 -6.676  22.987  1.00 36.10 ? 443 HOH A O   1 
HETATM 1530 O O   . HOH C 3 .   ? 7.980   16.000  -5.823  1.00 38.19 ? 444 HOH A O   1 
HETATM 1531 O O   . HOH C 3 .   ? -6.759  -4.375  -18.254 1.00 22.55 ? 445 HOH A O   1 
HETATM 1532 O O   . HOH C 3 .   ? -5.191  -14.881 -7.322  1.00 42.07 ? 446 HOH A O   1 
HETATM 1533 O O   . HOH C 3 .   ? -8.546  -21.717 16.333  1.00 46.72 ? 447 HOH A O   1 
HETATM 1534 O O   . HOH C 3 .   ? 14.286  -0.878  -12.162 1.00 34.01 ? 448 HOH A O   1 
HETATM 1535 O O   . HOH C 3 .   ? -10.638 14.282  -4.894  1.00 32.14 ? 449 HOH A O   1 
HETATM 1536 O O   . HOH C 3 .   ? 9.384   -8.704  -17.194 1.00 39.70 ? 450 HOH A O   1 
HETATM 1537 O O   . HOH C 3 .   ? -8.250  -7.446  -11.047 1.00 47.16 ? 451 HOH A O   1 
HETATM 1538 O O   . HOH C 3 .   ? -6.776  -10.031 -2.778  1.00 33.87 ? 452 HOH A O   1 
HETATM 1539 O O   . HOH C 3 .   ? 11.588  9.146   4.710   1.00 41.73 ? 453 HOH A O   1 
HETATM 1540 O O   . HOH C 3 .   ? -12.321 -15.116 19.062  1.00 39.42 ? 454 HOH A O   1 
HETATM 1541 O O   . HOH C 3 .   ? 13.741  6.530   1.990   1.00 46.23 ? 455 HOH A O   1 
HETATM 1542 O O   . HOH C 3 .   ? 2.911   -16.810 -9.174  1.00 50.94 ? 456 HOH A O   1 
HETATM 1543 O O   . HOH C 3 .   ? 12.861  9.348   -0.383  1.00 44.93 ? 457 HOH A O   1 
HETATM 1544 O O   . HOH C 3 .   ? 0.583   -1.108  18.336  1.00 32.03 ? 458 HOH A O   1 
HETATM 1545 O O   . HOH C 3 .   ? -6.060  0.645   21.796  1.00 26.16 ? 459 HOH A O   1 
HETATM 1546 O O   . HOH C 3 .   ? -11.569 -8.524  0.286   1.00 32.29 ? 460 HOH A O   1 
HETATM 1547 O O   . HOH C 3 .   ? -10.563 -2.249  -3.763  1.00 34.08 ? 461 HOH A O   1 
HETATM 1548 O O   . HOH C 3 .   ? -9.525  5.842   17.213  1.00 48.36 ? 462 HOH A O   1 
HETATM 1549 O O   . HOH C 3 .   ? 0.054   13.493  -18.057 1.00 27.10 ? 463 HOH A O   1 
HETATM 1550 O O   . HOH C 3 .   ? -0.751  -4.029  21.254  1.00 25.41 ? 464 HOH A O   1 
HETATM 1551 O O   . HOH C 3 .   ? 14.863  13.673  -0.581  1.00 43.22 ? 465 HOH A O   1 
HETATM 1552 O O   . HOH C 3 .   ? -6.529  13.117  -15.454 1.00 25.59 ? 466 HOH A O   1 
HETATM 1553 O O   . HOH C 3 .   ? -12.103 -1.310  2.035   1.00 35.35 ? 467 HOH A O   1 
HETATM 1554 O O   . HOH C 3 .   ? 13.668  21.640  -9.195  1.00 46.03 ? 468 HOH A O   1 
HETATM 1555 O O   . HOH C 3 .   ? -11.310 3.406   -10.213 1.00 33.76 ? 469 HOH A O   1 
HETATM 1556 O O   . HOH C 3 .   ? -0.750  4.844   21.254  1.00 27.32 ? 470 HOH A O   1 
HETATM 1557 O O   . HOH C 3 .   ? 13.058  -0.575  -18.872 1.00 35.51 ? 471 HOH A O   1 
HETATM 1558 O O   . HOH C 3 .   ? -13.905 2.328   3.293   1.00 37.31 ? 472 HOH A O   1 
HETATM 1559 O O   . HOH C 3 .   ? 6.545   12.347  -19.261 1.00 42.26 ? 473 HOH A O   1 
HETATM 1560 O O   . HOH C 3 .   ? -1.220  15.113  -3.788  1.00 24.53 ? 474 HOH A O   1 
HETATM 1561 O O   . HOH C 3 .   ? -10.667 15.339  -1.494  1.00 38.45 ? 475 HOH A O   1 
HETATM 1562 O O   . HOH C 3 .   ? 0.429   11.178  10.305  1.00 51.94 ? 476 HOH A O   1 
HETATM 1563 O O   . HOH C 3 .   ? -10.972 -2.449  -13.740 1.00 41.99 ? 477 HOH A O   1 
HETATM 1564 O O   . HOH C 3 .   ? 3.689   15.110  -13.306 1.00 34.52 ? 478 HOH A O   1 
HETATM 1565 O O   . HOH C 3 .   ? -3.073  -4.940  22.483  1.00 35.36 ? 479 HOH A O   1 
HETATM 1566 O O   . HOH C 3 .   ? 13.609  -2.264  -17.490 1.00 45.67 ? 480 HOH A O   1 
HETATM 1567 O O   . HOH C 3 .   ? 0.602   0.395   20.955  1.00 35.17 ? 481 HOH A O   1 
HETATM 1568 O O   . HOH C 3 .   ? -11.650 -13.808 23.822  1.00 43.33 ? 482 HOH A O   1 
HETATM 1569 O O   . HOH C 3 .   ? -14.562 -13.912 14.441  1.00 36.86 ? 483 HOH A O   1 
HETATM 1570 O O   . HOH C 3 .   ? -11.920 1.555   16.990  1.00 34.68 ? 484 HOH A O   1 
HETATM 1571 O O   . HOH C 3 .   ? 8.646   17.825  -7.055  1.00 36.50 ? 485 HOH A O   1 
HETATM 1572 O O   . HOH C 3 .   ? 6.732   -9.596  12.209  1.00 41.76 ? 486 HOH A O   1 
HETATM 1573 O O   . HOH C 3 .   ? 9.820   15.468  -0.963  1.00 35.82 ? 487 HOH A O   1 
HETATM 1574 O O   . HOH C 3 .   ? 13.485  3.864   -22.175 1.00 47.93 ? 488 HOH A O   1 
HETATM 1575 O O   . HOH C 3 .   ? -6.716  17.164  -0.247  1.00 48.70 ? 489 HOH A O   1 
HETATM 1576 O O   . HOH C 3 .   ? -12.553 -1.772  4.215   1.00 40.86 ? 490 HOH A O   1 
HETATM 1577 O O   . HOH C 3 .   ? -7.189  7.274   -11.075 1.00 35.32 ? 491 HOH A O   1 
HETATM 1578 O O   . HOH C 3 .   ? 6.324   -6.674  11.843  1.00 44.59 ? 492 HOH A O   1 
HETATM 1579 O O   . HOH C 3 .   ? -11.575 18.115  -6.388  1.00 33.95 ? 493 HOH A O   1 
HETATM 1580 O O   . HOH C 3 .   ? 12.654  -4.101  -19.042 1.00 46.53 ? 494 HOH A O   1 
HETATM 1581 O O   . HOH C 3 .   ? -2.941  18.303  -12.178 1.00 39.54 ? 495 HOH A O   1 
HETATM 1582 O O   . HOH C 3 .   ? 10.217  13.336  -14.207 1.00 35.78 ? 496 HOH A O   1 
HETATM 1583 O O   . HOH C 3 .   ? -5.878  -15.508 -13.384 1.00 39.65 ? 497 HOH A O   1 
HETATM 1584 O O   . HOH C 3 .   ? 13.065  8.051   -23.719 1.00 43.72 ? 498 HOH A O   1 
HETATM 1585 O O   . HOH C 3 .   ? -10.758 -15.688 6.608   1.00 42.05 ? 499 HOH A O   1 
HETATM 1586 O O   . HOH C 3 .   ? -4.153  -2.992  23.728  1.00 23.12 ? 500 HOH A O   1 
HETATM 1587 O O   . HOH C 3 .   ? -7.972  14.876  4.629   1.00 38.17 ? 501 HOH A O   1 
HETATM 1588 O O   . HOH C 3 .   ? 0.776   -16.369 19.527  1.00 46.96 ? 502 HOH A O   1 
HETATM 1589 O O   . HOH C 3 .   ? -12.806 7.730   10.141  1.00 39.08 ? 503 HOH A O   1 
HETATM 1590 O O   . HOH C 3 .   ? -10.940 2.684   -8.022  1.00 38.70 ? 504 HOH A O   1 
HETATM 1591 O O   . HOH C 3 .   ? 7.031   18.646  -5.252  1.00 43.22 ? 505 HOH A O   1 
HETATM 1592 O O   . HOH C 3 .   ? -6.831  -6.203  -4.457  1.00 22.66 ? 506 HOH A O   1 
HETATM 1593 O O   . HOH C 3 .   ? 4.306   13.366  -19.562 1.00 35.64 ? 507 HOH A O   1 
HETATM 1594 O O   . HOH C 3 .   ? -3.552  3.292   24.861  1.00 43.90 ? 508 HOH A O   1 
HETATM 1595 O O   . HOH C 3 .   ? 8.304   -13.077 11.433  1.00 41.42 ? 509 HOH A O   1 
HETATM 1596 O O   . HOH C 3 .   ? -3.842  -6.679  -18.963 1.00 21.09 ? 510 HOH A O   1 
HETATM 1597 O O   . HOH C 3 .   ? -15.933 -13.982 9.756   1.00 27.60 ? 511 HOH A O   1 
HETATM 1598 O O   . HOH C 3 .   ? 19.998  18.170  -0.003  1.00 36.07 ? 512 HOH A O   1 
HETATM 1599 O O   . HOH C 3 .   ? -10.259 -8.578  24.390  1.00 29.57 ? 513 HOH A O   1 
HETATM 1600 O O   . HOH C 3 .   ? 4.364   -5.105  15.457  1.00 43.51 ? 514 HOH A O   1 
HETATM 1601 O O   . HOH C 3 .   ? -14.381 8.515   3.172   1.00 35.38 ? 515 HOH A O   1 
HETATM 1602 O O   . HOH C 3 .   ? -2.545  13.472  5.671   1.00 32.21 ? 516 HOH A O   1 
HETATM 1603 O O   . HOH C 3 .   ? 14.427  23.095  -5.372  1.00 41.81 ? 517 HOH A O   1 
HETATM 1604 O O   . HOH C 3 .   ? 10.758  -7.569  12.589  1.00 53.05 ? 518 HOH A O   1 
HETATM 1605 O O   . HOH C 3 .   ? -3.487  1.440   23.008  1.00 27.78 ? 519 HOH A O   1 
HETATM 1606 O O   . HOH C 3 .   ? -7.398  15.565  -15.920 1.00 46.11 ? 520 HOH A O   1 
HETATM 1607 O O   . HOH C 3 .   ? -9.897  10.646  6.820   1.00 32.92 ? 521 HOH A O   1 
HETATM 1608 O O   . HOH C 3 .   ? -6.399  17.760  -14.610 1.00 35.33 ? 522 HOH A O   1 
HETATM 1609 O O   . HOH C 3 .   ? -8.654  11.581  -14.742 1.00 31.03 ? 523 HOH A O   1 
HETATM 1610 O O   . HOH C 3 .   ? -8.306  -5.057  -6.134  1.00 36.60 ? 524 HOH A O   1 
HETATM 1611 O O   . HOH C 3 .   ? -11.001 0.370   -6.866  1.00 27.71 ? 525 HOH A O   1 
HETATM 1612 O O   . HOH C 3 .   ? -16.617 -13.374 12.473  1.00 33.15 ? 526 HOH A O   1 
HETATM 1613 O O   . HOH C 3 .   ? -12.905 5.773   -0.125  1.00 35.05 ? 527 HOH A O   1 
HETATM 1614 O O   . HOH C 3 .   ? 2.516   5.007   20.734  1.00 46.86 ? 528 HOH A O   1 
HETATM 1615 O O   . HOH C 3 .   ? -13.301 5.972   -2.954  1.00 39.74 ? 529 HOH A O   1 
HETATM 1616 O O   . HOH C 3 .   ? 9.339   -3.541  12.929  1.00 42.83 ? 530 HOH A O   1 
HETATM 1617 O O   . HOH C 3 .   ? -7.932  7.531   17.851  1.00 52.17 ? 531 HOH A O   1 
HETATM 1618 O O   . HOH C 3 .   ? -6.777  7.167   -14.065 1.00 30.90 ? 532 HOH A O   1 
HETATM 1619 O O   . HOH C 3 .   ? -0.227  13.180  9.339   1.00 46.25 ? 533 HOH A O   1 
HETATM 1620 O O   . HOH C 3 .   ? 6.030   14.890  -15.135 1.00 39.08 ? 534 HOH A O   1 
HETATM 1621 O O   . HOH C 3 .   ? 15.537  21.764  -11.737 1.00 48.42 ? 535 HOH A O   1 
HETATM 1622 O O   . HOH C 3 .   ? -15.638 -13.902 20.206  1.00 47.51 ? 536 HOH A O   1 
HETATM 1623 O O   . HOH C 3 .   ? -1.909  14.116  8.101   1.00 31.19 ? 537 HOH A O   1 
HETATM 1624 O O   . HOH C 3 .   ? -15.908 5.835   2.264   1.00 34.97 ? 538 HOH A O   1 
HETATM 1625 O O   . HOH C 3 .   ? -16.871 -10.751 20.896  1.00 53.39 ? 539 HOH A O   1 
# 
loop_
_pdbx_poly_seq_scheme.asym_id 
_pdbx_poly_seq_scheme.entity_id 
_pdbx_poly_seq_scheme.seq_id 
_pdbx_poly_seq_scheme.mon_id 
_pdbx_poly_seq_scheme.ndb_seq_num 
_pdbx_poly_seq_scheme.pdb_seq_num 
_pdbx_poly_seq_scheme.auth_seq_num 
_pdbx_poly_seq_scheme.pdb_mon_id 
_pdbx_poly_seq_scheme.auth_mon_id 
_pdbx_poly_seq_scheme.pdb_strand_id 
_pdbx_poly_seq_scheme.pdb_ins_code 
_pdbx_poly_seq_scheme.hetero 
A 1 1   SER 1   2   2   SER SER A . n 
A 1 2   GLY 2   3   3   GLY GLY A . n 
A 1 3   ILE 3   4   4   ILE ILE A . n 
A 1 4   ALA 4   5   5   ALA ALA A . n 
A 1 5   LEU 5   6   6   LEU LEU A . n 
A 1 6   SER 6   7   7   SER SER A . n 
A 1 7   ARG 7   8   8   ARG ARG A . n 
A 1 8   LEU 8   9   9   LEU LEU A . n 
A 1 9   ALA 9   10  10  ALA ALA A . n 
A 1 10  GLN 10  11  11  GLN GLN A . n 
A 1 11  GLU 11  12  12  GLU GLU A . n 
A 1 12  ARG 12  13  13  ARG ARG A . n 
A 1 13  LYS 13  14  14  LYS LYS A . n 
A 1 14  ALA 14  15  15  ALA ALA A . n 
A 1 15  TRP 15  16  16  TRP TRP A . n 
A 1 16  ARG 16  17  17  ARG ARG A . n 
A 1 17  LYS 17  18  18  LYS LYS A . n 
A 1 18  ASP 18  19  19  ASP ASP A . n 
A 1 19  HIS 19  20  20  HIS HIS A . n 
A 1 20  PRO 20  21  21  PRO PRO A . n 
A 1 21  PHE 21  22  22  PHE PHE A . n 
A 1 22  GLY 22  23  23  GLY GLY A . n 
A 1 23  PHE 23  24  24  PHE PHE A . n 
A 1 24  VAL 24  25  25  VAL VAL A . n 
A 1 25  ALA 25  26  26  ALA ALA A . n 
A 1 26  VAL 26  27  27  VAL VAL A . n 
A 1 27  PRO 27  28  28  PRO PRO A . n 
A 1 28  THR 28  29  29  THR THR A . n 
A 1 29  LYS 29  30  30  LYS LYS A . n 
A 1 30  ASN 30  31  31  ASN ASN A . n 
A 1 31  PRO 31  32  32  PRO PRO A . n 
A 1 32  ASP 32  33  33  ASP ASP A . n 
A 1 33  GLY 33  34  34  GLY GLY A . n 
A 1 34  THR 34  35  35  THR THR A . n 
A 1 35  MET 35  36  36  MET MET A . n 
A 1 36  ASN 36  37  37  ASN ASN A . n 
A 1 37  LEU 37  38  38  LEU LEU A . n 
A 1 38  MET 38  39  39  MET MET A . n 
A 1 39  ASN 39  40  40  ASN ASN A . n 
A 1 40  TRP 40  41  41  TRP TRP A . n 
A 1 41  GLU 41  42  42  GLU GLU A . n 
A 1 42  CYS 42  43  43  CYS CYS A . n 
A 1 43  ALA 43  44  44  ALA ALA A . n 
A 1 44  ILE 44  45  45  ILE ILE A . n 
A 1 45  PRO 45  46  46  PRO PRO A . n 
A 1 46  GLY 46  47  47  GLY GLY A . n 
A 1 47  ALA 47  48  48  ALA ALA A . n 
A 1 48  ALA 48  49  49  ALA ALA A . n 
A 1 49  GLY 49  50  50  GLY GLY A . n 
A 1 50  THR 50  51  51  THR THR A . n 
A 1 51  PRO 51  52  52  PRO PRO A . n 
A 1 52  TRP 52  53  53  TRP TRP A . n 
A 1 53  ALA 53  54  54  ALA ALA A . n 
A 1 54  GLY 54  55  55  GLY GLY A . n 
A 1 55  GLY 55  56  56  GLY GLY A . n 
A 1 56  LEU 56  57  57  LEU LEU A . n 
A 1 57  PHE 57  58  58  PHE PHE A . n 
A 1 58  LYS 58  59  59  LYS LYS A . n 
A 1 59  LEU 59  60  60  LEU LEU A . n 
A 1 60  ARG 60  61  61  ARG ARG A . n 
A 1 61  MET 61  62  62  MET MET A . n 
A 1 62  LEU 62  63  63  LEU LEU A . n 
A 1 63  PHE 63  64  64  PHE PHE A . n 
A 1 64  LYS 64  65  65  LYS LYS A . n 
A 1 65  ASP 65  66  66  ASP ASP A . n 
A 1 66  ASP 66  67  67  ASP ASP A . n 
A 1 67  TYR 67  68  68  TYR TYR A . n 
A 1 68  PRO 68  69  69  PRO PRO A . n 
A 1 69  SER 69  70  70  SER SER A . n 
A 1 70  SER 70  71  71  SER SER A . n 
A 1 71  PRO 71  72  72  PRO PRO A . n 
A 1 72  PRO 72  73  73  PRO PRO A . n 
A 1 73  LYS 73  74  74  LYS LYS A . n 
A 1 74  CYS 74  75  75  CYS CYS A . n 
A 1 75  LYS 75  76  76  LYS LYS A . n 
A 1 76  PHE 76  77  77  PHE PHE A . n 
A 1 77  GLU 77  78  78  GLU GLU A . n 
A 1 78  PRO 78  79  79  PRO PRO A . n 
A 1 79  PRO 79  80  80  PRO PRO A . n 
A 1 80  LEU 80  81  81  LEU LEU A . n 
A 1 81  PHE 81  82  82  PHE PHE A . n 
A 1 82  HIS 82  83  83  HIS HIS A . n 
A 1 83  PRO 83  84  84  PRO PRO A . n 
A 1 84  ASN 84  85  85  ASN ASN A . n 
A 1 85  VAL 85  86  86  VAL VAL A . n 
A 1 86  TYR 86  87  87  TYR TYR A . n 
A 1 87  PRO 87  88  88  PRO PRO A . n 
A 1 88  SER 88  89  89  SER SER A . n 
A 1 89  GLY 89  90  90  GLY GLY A . n 
A 1 90  THR 90  91  91  THR THR A . n 
A 1 91  VAL 91  92  92  VAL VAL A . n 
A 1 92  CYS 92  93  93  CYS CYS A . n 
A 1 93  LEU 93  94  94  LEU LEU A . n 
A 1 94  SER 94  95  95  SER SER A . n 
A 1 95  ILE 95  96  96  ILE ILE A . n 
A 1 96  LEU 96  97  97  LEU LEU A . n 
A 1 97  GLU 97  98  98  GLU GLU A . n 
A 1 98  GLU 98  99  99  GLU GLU A . n 
A 1 99  ASP 99  100 100 ASP ASP A . n 
A 1 100 LYS 100 101 101 LYS LYS A . n 
A 1 101 ASP 101 102 102 ASP ASP A . n 
A 1 102 TRP 102 103 103 TRP TRP A . n 
A 1 103 ARG 103 104 104 ARG ARG A . n 
A 1 104 PRO 104 105 105 PRO PRO A . n 
A 1 105 ALA 105 106 106 ALA ALA A . n 
A 1 106 ILE 106 107 107 ILE ILE A . n 
A 1 107 THR 107 108 108 THR THR A . n 
A 1 108 ILE 108 109 109 ILE ILE A . n 
A 1 109 LYS 109 110 110 LYS LYS A . n 
A 1 110 GLN 110 111 111 GLN GLN A . n 
A 1 111 ILE 111 112 112 ILE ILE A . n 
A 1 112 LEU 112 113 113 LEU LEU A . n 
A 1 113 LEU 113 114 114 LEU LEU A . n 
A 1 114 GLY 114 115 115 GLY GLY A . n 
A 1 115 ILE 115 116 116 ILE ILE A . n 
A 1 116 GLN 116 117 117 GLN GLN A . n 
A 1 117 GLU 117 118 118 GLU GLU A . n 
A 1 118 LEU 118 119 119 LEU LEU A . n 
A 1 119 LEU 119 120 120 LEU LEU A . n 
A 1 120 ASN 120 121 121 ASN ASN A . n 
A 1 121 GLU 121 122 122 GLU GLU A . n 
A 1 122 PRO 122 123 123 PRO PRO A . n 
A 1 123 ASN 123 124 124 ASN ASN A . n 
A 1 124 ILE 124 125 125 ILE ILE A . n 
A 1 125 GLN 125 126 126 GLN GLN A . n 
A 1 126 ASP 126 127 127 ASP ASP A . n 
A 1 127 PRO 127 128 128 PRO PRO A . n 
A 1 128 ALA 128 129 129 ALA ALA A . n 
A 1 129 GLN 129 130 130 GLN GLN A . n 
A 1 130 ALA 130 131 131 ALA ALA A . n 
A 1 131 GLU 131 132 132 GLU GLU A . n 
A 1 132 ALA 132 133 133 ALA ALA A . n 
A 1 133 TYR 133 134 134 TYR TYR A . n 
A 1 134 THR 134 135 135 THR THR A . n 
A 1 135 ILE 135 136 136 ILE ILE A . n 
A 1 136 TYR 136 137 137 TYR TYR A . n 
A 1 137 CYS 137 138 138 CYS CYS A . n 
A 1 138 GLN 138 139 139 GLN GLN A . n 
A 1 139 ASN 139 140 140 ASN ASN A . n 
A 1 140 ARG 140 141 141 ARG ARG A . n 
A 1 141 VAL 141 142 142 VAL VAL A . n 
A 1 142 GLU 142 143 143 GLU GLU A . n 
A 1 143 TYR 143 144 144 TYR TYR A . n 
A 1 144 GLU 144 145 145 GLU GLU A . n 
A 1 145 LYS 145 146 146 LYS LYS A . n 
A 1 146 ARG 146 147 147 ARG ARG A . n 
A 1 147 VAL 147 148 148 VAL VAL A . n 
A 1 148 ARG 148 149 149 ARG ARG A . n 
A 1 149 ALA 149 150 150 ALA ALA A . n 
A 1 150 GLN 150 151 151 GLN GLN A . n 
A 1 151 ALA 151 152 152 ALA ALA A . n 
A 1 152 LYS 152 153 153 LYS LYS A . n 
A 1 153 LYS 153 154 154 LYS LYS A . n 
A 1 154 PHE 154 155 155 PHE PHE A . n 
A 1 155 ALA 155 156 156 ALA ALA A . n 
A 1 156 PRO 156 157 157 PRO PRO A . n 
A 1 157 SER 157 158 ?   ?   ?   A . n 
# 
loop_
_pdbx_nonpoly_scheme.asym_id 
_pdbx_nonpoly_scheme.entity_id 
_pdbx_nonpoly_scheme.mon_id 
_pdbx_nonpoly_scheme.ndb_seq_num 
_pdbx_nonpoly_scheme.pdb_seq_num 
_pdbx_nonpoly_scheme.auth_seq_num 
_pdbx_nonpoly_scheme.pdb_mon_id 
_pdbx_nonpoly_scheme.auth_mon_id 
_pdbx_nonpoly_scheme.pdb_strand_id 
_pdbx_nonpoly_scheme.pdb_ins_code 
B 2 5VK 1   201 1   5VK DRG A . 
C 3 HOH 1   301 204 HOH HOH A . 
C 3 HOH 2   302 43  HOH HOH A . 
C 3 HOH 3   303 238 HOH HOH A . 
C 3 HOH 4   304 137 HOH HOH A . 
C 3 HOH 5   305 156 HOH HOH A . 
C 3 HOH 6   306 65  HOH HOH A . 
C 3 HOH 7   307 74  HOH HOH A . 
C 3 HOH 8   308 30  HOH HOH A . 
C 3 HOH 9   309 22  HOH HOH A . 
C 3 HOH 10  310 29  HOH HOH A . 
C 3 HOH 11  311 92  HOH HOH A . 
C 3 HOH 12  312 9   HOH HOH A . 
C 3 HOH 13  313 187 HOH HOH A . 
C 3 HOH 14  314 278 HOH HOH A . 
C 3 HOH 15  315 132 HOH HOH A . 
C 3 HOH 16  316 207 HOH HOH A . 
C 3 HOH 17  317 251 HOH HOH A . 
C 3 HOH 18  318 52  HOH HOH A . 
C 3 HOH 19  319 14  HOH HOH A . 
C 3 HOH 20  320 7   HOH HOH A . 
C 3 HOH 21  321 130 HOH HOH A . 
C 3 HOH 22  322 158 HOH HOH A . 
C 3 HOH 23  323 88  HOH HOH A . 
C 3 HOH 24  324 46  HOH HOH A . 
C 3 HOH 25  325 57  HOH HOH A . 
C 3 HOH 26  326 20  HOH HOH A . 
C 3 HOH 27  327 3   HOH HOH A . 
C 3 HOH 28  328 262 HOH HOH A . 
C 3 HOH 29  329 15  HOH HOH A . 
C 3 HOH 30  330 2   HOH HOH A . 
C 3 HOH 31  331 131 HOH HOH A . 
C 3 HOH 32  332 54  HOH HOH A . 
C 3 HOH 33  333 1   HOH HOH A . 
C 3 HOH 34  334 39  HOH HOH A . 
C 3 HOH 35  335 33  HOH HOH A . 
C 3 HOH 36  336 28  HOH HOH A . 
C 3 HOH 37  337 134 HOH HOH A . 
C 3 HOH 38  338 103 HOH HOH A . 
C 3 HOH 39  339 110 HOH HOH A . 
C 3 HOH 40  340 91  HOH HOH A . 
C 3 HOH 41  341 161 HOH HOH A . 
C 3 HOH 42  342 136 HOH HOH A . 
C 3 HOH 43  343 4   HOH HOH A . 
C 3 HOH 44  344 69  HOH HOH A . 
C 3 HOH 45  345 31  HOH HOH A . 
C 3 HOH 46  346 125 HOH HOH A . 
C 3 HOH 47  347 61  HOH HOH A . 
C 3 HOH 48  348 23  HOH HOH A . 
C 3 HOH 49  349 154 HOH HOH A . 
C 3 HOH 50  350 64  HOH HOH A . 
C 3 HOH 51  351 215 HOH HOH A . 
C 3 HOH 52  352 37  HOH HOH A . 
C 3 HOH 53  353 17  HOH HOH A . 
C 3 HOH 54  354 41  HOH HOH A . 
C 3 HOH 55  355 80  HOH HOH A . 
C 3 HOH 56  356 26  HOH HOH A . 
C 3 HOH 57  357 67  HOH HOH A . 
C 3 HOH 58  358 59  HOH HOH A . 
C 3 HOH 59  359 195 HOH HOH A . 
C 3 HOH 60  360 6   HOH HOH A . 
C 3 HOH 61  361 25  HOH HOH A . 
C 3 HOH 62  362 34  HOH HOH A . 
C 3 HOH 63  363 98  HOH HOH A . 
C 3 HOH 64  364 121 HOH HOH A . 
C 3 HOH 65  365 189 HOH HOH A . 
C 3 HOH 66  366 63  HOH HOH A . 
C 3 HOH 67  367 218 HOH HOH A . 
C 3 HOH 68  368 73  HOH HOH A . 
C 3 HOH 69  369 35  HOH HOH A . 
C 3 HOH 70  370 36  HOH HOH A . 
C 3 HOH 71  371 144 HOH HOH A . 
C 3 HOH 72  372 124 HOH HOH A . 
C 3 HOH 73  373 68  HOH HOH A . 
C 3 HOH 74  374 19  HOH HOH A . 
C 3 HOH 75  375 8   HOH HOH A . 
C 3 HOH 76  376 13  HOH HOH A . 
C 3 HOH 77  377 142 HOH HOH A . 
C 3 HOH 78  378 70  HOH HOH A . 
C 3 HOH 79  379 205 HOH HOH A . 
C 3 HOH 80  380 133 HOH HOH A . 
C 3 HOH 81  381 81  HOH HOH A . 
C 3 HOH 82  382 5   HOH HOH A . 
C 3 HOH 83  383 71  HOH HOH A . 
C 3 HOH 84  384 62  HOH HOH A . 
C 3 HOH 85  385 248 HOH HOH A . 
C 3 HOH 86  386 118 HOH HOH A . 
C 3 HOH 87  387 40  HOH HOH A . 
C 3 HOH 88  388 178 HOH HOH A . 
C 3 HOH 89  389 90  HOH HOH A . 
C 3 HOH 90  390 249 HOH HOH A . 
C 3 HOH 91  391 115 HOH HOH A . 
C 3 HOH 92  392 16  HOH HOH A . 
C 3 HOH 93  393 42  HOH HOH A . 
C 3 HOH 94  394 111 HOH HOH A . 
C 3 HOH 95  395 12  HOH HOH A . 
C 3 HOH 96  396 287 HOH HOH A . 
C 3 HOH 97  397 203 HOH HOH A . 
C 3 HOH 98  398 86  HOH HOH A . 
C 3 HOH 99  399 102 HOH HOH A . 
C 3 HOH 100 400 117 HOH HOH A . 
C 3 HOH 101 401 27  HOH HOH A . 
C 3 HOH 102 402 147 HOH HOH A . 
C 3 HOH 103 403 219 HOH HOH A . 
C 3 HOH 104 404 38  HOH HOH A . 
C 3 HOH 105 405 76  HOH HOH A . 
C 3 HOH 106 406 47  HOH HOH A . 
C 3 HOH 107 407 77  HOH HOH A . 
C 3 HOH 108 408 18  HOH HOH A . 
C 3 HOH 109 409 254 HOH HOH A . 
C 3 HOH 110 410 24  HOH HOH A . 
C 3 HOH 111 411 217 HOH HOH A . 
C 3 HOH 112 412 84  HOH HOH A . 
C 3 HOH 113 413 75  HOH HOH A . 
C 3 HOH 114 414 247 HOH HOH A . 
C 3 HOH 115 415 45  HOH HOH A . 
C 3 HOH 116 416 107 HOH HOH A . 
C 3 HOH 117 417 21  HOH HOH A . 
C 3 HOH 118 418 10  HOH HOH A . 
C 3 HOH 119 419 82  HOH HOH A . 
C 3 HOH 120 420 211 HOH HOH A . 
C 3 HOH 121 421 250 HOH HOH A . 
C 3 HOH 122 422 180 HOH HOH A . 
C 3 HOH 123 423 11  HOH HOH A . 
C 3 HOH 124 424 213 HOH HOH A . 
C 3 HOH 125 425 120 HOH HOH A . 
C 3 HOH 126 426 232 HOH HOH A . 
C 3 HOH 127 427 96  HOH HOH A . 
C 3 HOH 128 428 114 HOH HOH A . 
C 3 HOH 129 429 141 HOH HOH A . 
C 3 HOH 130 430 97  HOH HOH A . 
C 3 HOH 131 431 159 HOH HOH A . 
C 3 HOH 132 432 78  HOH HOH A . 
C 3 HOH 133 433 128 HOH HOH A . 
C 3 HOH 134 434 190 HOH HOH A . 
C 3 HOH 135 435 55  HOH HOH A . 
C 3 HOH 136 436 221 HOH HOH A . 
C 3 HOH 137 437 186 HOH HOH A . 
C 3 HOH 138 438 216 HOH HOH A . 
C 3 HOH 139 439 242 HOH HOH A . 
C 3 HOH 140 440 143 HOH HOH A . 
C 3 HOH 141 441 191 HOH HOH A . 
C 3 HOH 142 442 56  HOH HOH A . 
C 3 HOH 143 443 181 HOH HOH A . 
C 3 HOH 144 444 113 HOH HOH A . 
C 3 HOH 145 445 53  HOH HOH A . 
C 3 HOH 146 446 227 HOH HOH A . 
C 3 HOH 147 447 210 HOH HOH A . 
C 3 HOH 148 448 60  HOH HOH A . 
C 3 HOH 149 449 272 HOH HOH A . 
C 3 HOH 150 450 206 HOH HOH A . 
C 3 HOH 151 451 264 HOH HOH A . 
C 3 HOH 152 452 119 HOH HOH A . 
C 3 HOH 153 453 246 HOH HOH A . 
C 3 HOH 154 454 270 HOH HOH A . 
C 3 HOH 155 455 202 HOH HOH A . 
C 3 HOH 156 456 271 HOH HOH A . 
C 3 HOH 157 457 176 HOH HOH A . 
C 3 HOH 158 458 83  HOH HOH A . 
C 3 HOH 159 459 72  HOH HOH A . 
C 3 HOH 160 460 79  HOH HOH A . 
C 3 HOH 161 461 127 HOH HOH A . 
C 3 HOH 162 462 208 HOH HOH A . 
C 3 HOH 163 463 50  HOH HOH A . 
C 3 HOH 164 464 32  HOH HOH A . 
C 3 HOH 165 465 173 HOH HOH A . 
C 3 HOH 166 466 51  HOH HOH A . 
C 3 HOH 167 467 166 HOH HOH A . 
C 3 HOH 168 468 273 HOH HOH A . 
C 3 HOH 169 469 146 HOH HOH A . 
C 3 HOH 170 470 87  HOH HOH A . 
C 3 HOH 171 471 185 HOH HOH A . 
C 3 HOH 172 472 182 HOH HOH A . 
C 3 HOH 173 473 171 HOH HOH A . 
C 3 HOH 174 474 48  HOH HOH A . 
C 3 HOH 175 475 167 HOH HOH A . 
C 3 HOH 176 476 256 HOH HOH A . 
C 3 HOH 177 477 168 HOH HOH A . 
C 3 HOH 178 478 116 HOH HOH A . 
C 3 HOH 179 479 157 HOH HOH A . 
C 3 HOH 180 480 209 HOH HOH A . 
C 3 HOH 181 481 150 HOH HOH A . 
C 3 HOH 182 482 172 HOH HOH A . 
C 3 HOH 183 483 239 HOH HOH A . 
C 3 HOH 184 484 99  HOH HOH A . 
C 3 HOH 185 485 126 HOH HOH A . 
C 3 HOH 186 486 197 HOH HOH A . 
C 3 HOH 187 487 162 HOH HOH A . 
C 3 HOH 188 488 222 HOH HOH A . 
C 3 HOH 189 489 223 HOH HOH A . 
C 3 HOH 190 490 235 HOH HOH A . 
C 3 HOH 191 491 148 HOH HOH A . 
C 3 HOH 192 492 153 HOH HOH A . 
C 3 HOH 193 493 94  HOH HOH A . 
C 3 HOH 194 494 263 HOH HOH A . 
C 3 HOH 195 495 152 HOH HOH A . 
C 3 HOH 196 496 138 HOH HOH A . 
C 3 HOH 197 497 169 HOH HOH A . 
C 3 HOH 198 498 220 HOH HOH A . 
C 3 HOH 199 499 200 HOH HOH A . 
C 3 HOH 200 500 44  HOH HOH A . 
C 3 HOH 201 501 106 HOH HOH A . 
C 3 HOH 202 502 160 HOH HOH A . 
C 3 HOH 203 503 95  HOH HOH A . 
C 3 HOH 204 504 135 HOH HOH A . 
C 3 HOH 205 505 269 HOH HOH A . 
C 3 HOH 206 506 49  HOH HOH A . 
C 3 HOH 207 507 255 HOH HOH A . 
C 3 HOH 208 508 252 HOH HOH A . 
C 3 HOH 209 509 175 HOH HOH A . 
C 3 HOH 210 510 85  HOH HOH A . 
C 3 HOH 211 511 105 HOH HOH A . 
C 3 HOH 212 512 123 HOH HOH A . 
C 3 HOH 213 513 129 HOH HOH A . 
C 3 HOH 214 514 259 HOH HOH A . 
C 3 HOH 215 515 236 HOH HOH A . 
C 3 HOH 216 516 58  HOH HOH A . 
C 3 HOH 217 517 234 HOH HOH A . 
C 3 HOH 218 518 279 HOH HOH A . 
C 3 HOH 219 519 104 HOH HOH A . 
C 3 HOH 220 520 179 HOH HOH A . 
C 3 HOH 221 521 140 HOH HOH A . 
C 3 HOH 222 522 109 HOH HOH A . 
C 3 HOH 223 523 66  HOH HOH A . 
C 3 HOH 224 524 112 HOH HOH A . 
C 3 HOH 225 525 100 HOH HOH A . 
C 3 HOH 226 526 177 HOH HOH A . 
C 3 HOH 227 527 151 HOH HOH A . 
C 3 HOH 228 528 285 HOH HOH A . 
C 3 HOH 229 529 260 HOH HOH A . 
C 3 HOH 230 530 174 HOH HOH A . 
C 3 HOH 231 531 212 HOH HOH A . 
C 3 HOH 232 532 89  HOH HOH A . 
C 3 HOH 233 533 164 HOH HOH A . 
C 3 HOH 234 534 145 HOH HOH A . 
C 3 HOH 235 535 277 HOH HOH A . 
C 3 HOH 236 536 265 HOH HOH A . 
C 3 HOH 237 537 122 HOH HOH A . 
C 3 HOH 238 538 258 HOH HOH A . 
C 3 HOH 239 539 266 HOH HOH A . 
# 
_pdbx_struct_assembly.id                   1 
_pdbx_struct_assembly.details              author_and_software_defined_assembly 
_pdbx_struct_assembly.method_details       PISA 
_pdbx_struct_assembly.oligomeric_details   monomeric 
_pdbx_struct_assembly.oligomeric_count     1 
# 
_pdbx_struct_assembly_gen.assembly_id       1 
_pdbx_struct_assembly_gen.oper_expression   1 
_pdbx_struct_assembly_gen.asym_id_list      A,B,C 
# 
_pdbx_struct_oper_list.id                   1 
_pdbx_struct_oper_list.type                 'identity operation' 
_pdbx_struct_oper_list.name                 1_555 
_pdbx_struct_oper_list.symmetry_operation   x,y,z 
_pdbx_struct_oper_list.matrix[1][1]         1.0000000000 
_pdbx_struct_oper_list.matrix[1][2]         0.0000000000 
_pdbx_struct_oper_list.matrix[1][3]         0.0000000000 
_pdbx_struct_oper_list.vector[1]            0.0000000000 
_pdbx_struct_oper_list.matrix[2][1]         0.0000000000 
_pdbx_struct_oper_list.matrix[2][2]         1.0000000000 
_pdbx_struct_oper_list.matrix[2][3]         0.0000000000 
_pdbx_struct_oper_list.vector[2]            0.0000000000 
_pdbx_struct_oper_list.matrix[3][1]         0.0000000000 
_pdbx_struct_oper_list.matrix[3][2]         0.0000000000 
_pdbx_struct_oper_list.matrix[3][3]         1.0000000000 
_pdbx_struct_oper_list.vector[3]            0.0000000000 
# 
loop_
_pdbx_audit_revision_history.ordinal 
_pdbx_audit_revision_history.data_content_type 
_pdbx_audit_revision_history.major_revision 
_pdbx_audit_revision_history.minor_revision 
_pdbx_audit_revision_history.revision_date 
1 'Structure model' 1 0 2016-04-27 
2 'Structure model' 1 1 2016-05-04 
3 'Structure model' 1 2 2023-09-27 
# 
_pdbx_audit_revision_details.ordinal             1 
_pdbx_audit_revision_details.revision_ordinal    1 
_pdbx_audit_revision_details.data_content_type   'Structure model' 
_pdbx_audit_revision_details.provider            repository 
_pdbx_audit_revision_details.type                'Initial release' 
_pdbx_audit_revision_details.description         ? 
_pdbx_audit_revision_details.details             ? 
# 
loop_
_pdbx_audit_revision_group.ordinal 
_pdbx_audit_revision_group.revision_ordinal 
_pdbx_audit_revision_group.data_content_type 
_pdbx_audit_revision_group.group 
1 2 'Structure model' 'Database references'    
2 3 'Structure model' 'Data collection'        
3 3 'Structure model' 'Database references'    
4 3 'Structure model' 'Derived calculations'   
5 3 'Structure model' 'Refinement description' 
# 
loop_
_pdbx_audit_revision_category.ordinal 
_pdbx_audit_revision_category.revision_ordinal 
_pdbx_audit_revision_category.data_content_type 
_pdbx_audit_revision_category.category 
1 3 'Structure model' chem_comp_atom                
2 3 'Structure model' chem_comp_bond                
3 3 'Structure model' citation                      
4 3 'Structure model' database_2                    
5 3 'Structure model' pdbx_initial_refinement_model 
6 3 'Structure model' pdbx_struct_oper_list         
# 
loop_
_pdbx_audit_revision_item.ordinal 
_pdbx_audit_revision_item.revision_ordinal 
_pdbx_audit_revision_item.data_content_type 
_pdbx_audit_revision_item.item 
1 3 'Structure model' '_citation.journal_id_CSD'                  
2 3 'Structure model' '_database_2.pdbx_DOI'                      
3 3 'Structure model' '_database_2.pdbx_database_accession'       
4 3 'Structure model' '_pdbx_struct_oper_list.symmetry_operation' 
# 
loop_
_software.citation_id 
_software.classification 
_software.compiler_name 
_software.compiler_version 
_software.contact_author 
_software.contact_author_email 
_software.date 
_software.description 
_software.dependencies 
_software.hardware 
_software.language 
_software.location 
_software.mods 
_software.name 
_software.os 
_software.os_version 
_software.type 
_software.version 
_software.pdbx_ordinal 
? refinement       ? ? ? ? ? ? ? ? ? ? ? PHENIX   ? ? ? 1.8.2_1309 1 
? 'data reduction' ? ? ? ? ? ? ? ? ? ? ? HKL-3000 ? ? ? .          2 
? 'data scaling'   ? ? ? ? ? ? ? ? ? ? ? HKL-3000 ? ? ? .          3 
? phasing          ? ? ? ? ? ? ? ? ? ? ? PHASER   ? ? ? .          4 
# 
_pdbx_validate_symm_contact.id                1 
_pdbx_validate_symm_contact.PDB_model_num     1 
_pdbx_validate_symm_contact.auth_atom_id_1    O 
_pdbx_validate_symm_contact.auth_asym_id_1    A 
_pdbx_validate_symm_contact.auth_comp_id_1    HOH 
_pdbx_validate_symm_contact.auth_seq_id_1     308 
_pdbx_validate_symm_contact.PDB_ins_code_1    ? 
_pdbx_validate_symm_contact.label_alt_id_1    ? 
_pdbx_validate_symm_contact.site_symmetry_1   1_555 
_pdbx_validate_symm_contact.auth_atom_id_2    O 
_pdbx_validate_symm_contact.auth_asym_id_2    A 
_pdbx_validate_symm_contact.auth_comp_id_2    HOH 
_pdbx_validate_symm_contact.auth_seq_id_2     319 
_pdbx_validate_symm_contact.PDB_ins_code_2    ? 
_pdbx_validate_symm_contact.label_alt_id_2    ? 
_pdbx_validate_symm_contact.site_symmetry_2   2_544 
_pdbx_validate_symm_contact.dist              2.10 
# 
_pdbx_validate_rmsd_angle.id                         1 
_pdbx_validate_rmsd_angle.PDB_model_num              1 
_pdbx_validate_rmsd_angle.auth_atom_id_1             CA 
_pdbx_validate_rmsd_angle.auth_asym_id_1             A 
_pdbx_validate_rmsd_angle.auth_comp_id_1             LEU 
_pdbx_validate_rmsd_angle.auth_seq_id_1              60 
_pdbx_validate_rmsd_angle.PDB_ins_code_1             ? 
_pdbx_validate_rmsd_angle.label_alt_id_1             A 
_pdbx_validate_rmsd_angle.auth_atom_id_2             CB 
_pdbx_validate_rmsd_angle.auth_asym_id_2             A 
_pdbx_validate_rmsd_angle.auth_comp_id_2             LEU 
_pdbx_validate_rmsd_angle.auth_seq_id_2              60 
_pdbx_validate_rmsd_angle.PDB_ins_code_2             ? 
_pdbx_validate_rmsd_angle.label_alt_id_2             A 
_pdbx_validate_rmsd_angle.auth_atom_id_3             CG 
_pdbx_validate_rmsd_angle.auth_asym_id_3             A 
_pdbx_validate_rmsd_angle.auth_comp_id_3             LEU 
_pdbx_validate_rmsd_angle.auth_seq_id_3              60 
_pdbx_validate_rmsd_angle.PDB_ins_code_3             ? 
_pdbx_validate_rmsd_angle.label_alt_id_3             A 
_pdbx_validate_rmsd_angle.angle_value                130.18 
_pdbx_validate_rmsd_angle.angle_target_value         115.30 
_pdbx_validate_rmsd_angle.angle_deviation            14.88 
_pdbx_validate_rmsd_angle.angle_standard_deviation   2.30 
_pdbx_validate_rmsd_angle.linker_flag                N 
# 
loop_
_pdbx_validate_torsion.id 
_pdbx_validate_torsion.PDB_model_num 
_pdbx_validate_torsion.auth_comp_id 
_pdbx_validate_torsion.auth_asym_id 
_pdbx_validate_torsion.auth_seq_id 
_pdbx_validate_torsion.PDB_ins_code 
_pdbx_validate_torsion.label_alt_id 
_pdbx_validate_torsion.phi 
_pdbx_validate_torsion.psi 
1 1 HIS A 83  ? ? -172.03 140.09  
2 1 LYS A 101 ? ? -109.58 -102.47 
3 1 ASP A 127 ? ? -119.66 72.97   
# 
loop_
_pdbx_distant_solvent_atoms.id 
_pdbx_distant_solvent_atoms.PDB_model_num 
_pdbx_distant_solvent_atoms.auth_atom_id 
_pdbx_distant_solvent_atoms.label_alt_id 
_pdbx_distant_solvent_atoms.auth_asym_id 
_pdbx_distant_solvent_atoms.auth_comp_id 
_pdbx_distant_solvent_atoms.auth_seq_id 
_pdbx_distant_solvent_atoms.PDB_ins_code 
_pdbx_distant_solvent_atoms.neighbor_macromolecule_distance 
_pdbx_distant_solvent_atoms.neighbor_ligand_distance 
1 1 O ? A HOH 538 ? 6.62 . 
2 1 O ? A HOH 539 ? 6.72 . 
# 
_pdbx_unobs_or_zero_occ_residues.id               1 
_pdbx_unobs_or_zero_occ_residues.PDB_model_num    1 
_pdbx_unobs_or_zero_occ_residues.polymer_flag     Y 
_pdbx_unobs_or_zero_occ_residues.occupancy_flag   1 
_pdbx_unobs_or_zero_occ_residues.auth_asym_id     A 
_pdbx_unobs_or_zero_occ_residues.auth_comp_id     SER 
_pdbx_unobs_or_zero_occ_residues.auth_seq_id      158 
_pdbx_unobs_or_zero_occ_residues.PDB_ins_code     ? 
_pdbx_unobs_or_zero_occ_residues.label_asym_id    A 
_pdbx_unobs_or_zero_occ_residues.label_comp_id    SER 
_pdbx_unobs_or_zero_occ_residues.label_seq_id     157 
# 
loop_
_chem_comp_atom.comp_id 
_chem_comp_atom.atom_id 
_chem_comp_atom.type_symbol 
_chem_comp_atom.pdbx_aromatic_flag 
_chem_comp_atom.pdbx_stereo_config 
_chem_comp_atom.pdbx_ordinal 
5VK CAA  C N N 1   
5VK CAL  C N N 2   
5VK OAO  O N N 3   
5VK CAP  C N N 4   
5VK OAB  O N N 5   
5VK CAM  C N N 6   
5VK CAN  C N N 7   
5VK CAQ  C Y N 8   
5VK CAK  C Y N 9   
5VK CAS  C Y N 10  
5VK OAD  O N N 11  
5VK CAI  C Y N 12  
5VK CAJ  C Y N 13  
5VK CAU  C Y N 14  
5VK CAT  C Y N 15  
5VK CAH  C Y N 16  
5VK CAF  C Y N 17  
5VK CAE  C Y N 18  
5VK CAG  C Y N 19  
5VK CAR  C Y N 20  
5VK OAC  O N N 21  
5VK H1   H N N 22  
5VK H2   H N N 23  
5VK H3   H N N 24  
5VK H4   H N N 25  
5VK H5   H N N 26  
5VK H6   H N N 27  
5VK H7   H N N 28  
5VK H8   H N N 29  
5VK H9   H N N 30  
5VK H10  H N N 31  
5VK H11  H N N 32  
5VK H12  H N N 33  
5VK H13  H N N 34  
5VK H14  H N N 35  
5VK H15  H N N 36  
5VK H16  H N N 37  
5VK H17  H N N 38  
5VK H18  H N N 39  
ALA N    N N N 40  
ALA CA   C N S 41  
ALA C    C N N 42  
ALA O    O N N 43  
ALA CB   C N N 44  
ALA OXT  O N N 45  
ALA H    H N N 46  
ALA H2   H N N 47  
ALA HA   H N N 48  
ALA HB1  H N N 49  
ALA HB2  H N N 50  
ALA HB3  H N N 51  
ALA HXT  H N N 52  
ARG N    N N N 53  
ARG CA   C N S 54  
ARG C    C N N 55  
ARG O    O N N 56  
ARG CB   C N N 57  
ARG CG   C N N 58  
ARG CD   C N N 59  
ARG NE   N N N 60  
ARG CZ   C N N 61  
ARG NH1  N N N 62  
ARG NH2  N N N 63  
ARG OXT  O N N 64  
ARG H    H N N 65  
ARG H2   H N N 66  
ARG HA   H N N 67  
ARG HB2  H N N 68  
ARG HB3  H N N 69  
ARG HG2  H N N 70  
ARG HG3  H N N 71  
ARG HD2  H N N 72  
ARG HD3  H N N 73  
ARG HE   H N N 74  
ARG HH11 H N N 75  
ARG HH12 H N N 76  
ARG HH21 H N N 77  
ARG HH22 H N N 78  
ARG HXT  H N N 79  
ASN N    N N N 80  
ASN CA   C N S 81  
ASN C    C N N 82  
ASN O    O N N 83  
ASN CB   C N N 84  
ASN CG   C N N 85  
ASN OD1  O N N 86  
ASN ND2  N N N 87  
ASN OXT  O N N 88  
ASN H    H N N 89  
ASN H2   H N N 90  
ASN HA   H N N 91  
ASN HB2  H N N 92  
ASN HB3  H N N 93  
ASN HD21 H N N 94  
ASN HD22 H N N 95  
ASN HXT  H N N 96  
ASP N    N N N 97  
ASP CA   C N S 98  
ASP C    C N N 99  
ASP O    O N N 100 
ASP CB   C N N 101 
ASP CG   C N N 102 
ASP OD1  O N N 103 
ASP OD2  O N N 104 
ASP OXT  O N N 105 
ASP H    H N N 106 
ASP H2   H N N 107 
ASP HA   H N N 108 
ASP HB2  H N N 109 
ASP HB3  H N N 110 
ASP HD2  H N N 111 
ASP HXT  H N N 112 
CYS N    N N N 113 
CYS CA   C N R 114 
CYS C    C N N 115 
CYS O    O N N 116 
CYS CB   C N N 117 
CYS SG   S N N 118 
CYS OXT  O N N 119 
CYS H    H N N 120 
CYS H2   H N N 121 
CYS HA   H N N 122 
CYS HB2  H N N 123 
CYS HB3  H N N 124 
CYS HG   H N N 125 
CYS HXT  H N N 126 
GLN N    N N N 127 
GLN CA   C N S 128 
GLN C    C N N 129 
GLN O    O N N 130 
GLN CB   C N N 131 
GLN CG   C N N 132 
GLN CD   C N N 133 
GLN OE1  O N N 134 
GLN NE2  N N N 135 
GLN OXT  O N N 136 
GLN H    H N N 137 
GLN H2   H N N 138 
GLN HA   H N N 139 
GLN HB2  H N N 140 
GLN HB3  H N N 141 
GLN HG2  H N N 142 
GLN HG3  H N N 143 
GLN HE21 H N N 144 
GLN HE22 H N N 145 
GLN HXT  H N N 146 
GLU N    N N N 147 
GLU CA   C N S 148 
GLU C    C N N 149 
GLU O    O N N 150 
GLU CB   C N N 151 
GLU CG   C N N 152 
GLU CD   C N N 153 
GLU OE1  O N N 154 
GLU OE2  O N N 155 
GLU OXT  O N N 156 
GLU H    H N N 157 
GLU H2   H N N 158 
GLU HA   H N N 159 
GLU HB2  H N N 160 
GLU HB3  H N N 161 
GLU HG2  H N N 162 
GLU HG3  H N N 163 
GLU HE2  H N N 164 
GLU HXT  H N N 165 
GLY N    N N N 166 
GLY CA   C N N 167 
GLY C    C N N 168 
GLY O    O N N 169 
GLY OXT  O N N 170 
GLY H    H N N 171 
GLY H2   H N N 172 
GLY HA2  H N N 173 
GLY HA3  H N N 174 
GLY HXT  H N N 175 
HIS N    N N N 176 
HIS CA   C N S 177 
HIS C    C N N 178 
HIS O    O N N 179 
HIS CB   C N N 180 
HIS CG   C Y N 181 
HIS ND1  N Y N 182 
HIS CD2  C Y N 183 
HIS CE1  C Y N 184 
HIS NE2  N Y N 185 
HIS OXT  O N N 186 
HIS H    H N N 187 
HIS H2   H N N 188 
HIS HA   H N N 189 
HIS HB2  H N N 190 
HIS HB3  H N N 191 
HIS HD1  H N N 192 
HIS HD2  H N N 193 
HIS HE1  H N N 194 
HIS HE2  H N N 195 
HIS HXT  H N N 196 
HOH O    O N N 197 
HOH H1   H N N 198 
HOH H2   H N N 199 
ILE N    N N N 200 
ILE CA   C N S 201 
ILE C    C N N 202 
ILE O    O N N 203 
ILE CB   C N S 204 
ILE CG1  C N N 205 
ILE CG2  C N N 206 
ILE CD1  C N N 207 
ILE OXT  O N N 208 
ILE H    H N N 209 
ILE H2   H N N 210 
ILE HA   H N N 211 
ILE HB   H N N 212 
ILE HG12 H N N 213 
ILE HG13 H N N 214 
ILE HG21 H N N 215 
ILE HG22 H N N 216 
ILE HG23 H N N 217 
ILE HD11 H N N 218 
ILE HD12 H N N 219 
ILE HD13 H N N 220 
ILE HXT  H N N 221 
LEU N    N N N 222 
LEU CA   C N S 223 
LEU C    C N N 224 
LEU O    O N N 225 
LEU CB   C N N 226 
LEU CG   C N N 227 
LEU CD1  C N N 228 
LEU CD2  C N N 229 
LEU OXT  O N N 230 
LEU H    H N N 231 
LEU H2   H N N 232 
LEU HA   H N N 233 
LEU HB2  H N N 234 
LEU HB3  H N N 235 
LEU HG   H N N 236 
LEU HD11 H N N 237 
LEU HD12 H N N 238 
LEU HD13 H N N 239 
LEU HD21 H N N 240 
LEU HD22 H N N 241 
LEU HD23 H N N 242 
LEU HXT  H N N 243 
LYS N    N N N 244 
LYS CA   C N S 245 
LYS C    C N N 246 
LYS O    O N N 247 
LYS CB   C N N 248 
LYS CG   C N N 249 
LYS CD   C N N 250 
LYS CE   C N N 251 
LYS NZ   N N N 252 
LYS OXT  O N N 253 
LYS H    H N N 254 
LYS H2   H N N 255 
LYS HA   H N N 256 
LYS HB2  H N N 257 
LYS HB3  H N N 258 
LYS HG2  H N N 259 
LYS HG3  H N N 260 
LYS HD2  H N N 261 
LYS HD3  H N N 262 
LYS HE2  H N N 263 
LYS HE3  H N N 264 
LYS HZ1  H N N 265 
LYS HZ2  H N N 266 
LYS HZ3  H N N 267 
LYS HXT  H N N 268 
MET N    N N N 269 
MET CA   C N S 270 
MET C    C N N 271 
MET O    O N N 272 
MET CB   C N N 273 
MET CG   C N N 274 
MET SD   S N N 275 
MET CE   C N N 276 
MET OXT  O N N 277 
MET H    H N N 278 
MET H2   H N N 279 
MET HA   H N N 280 
MET HB2  H N N 281 
MET HB3  H N N 282 
MET HG2  H N N 283 
MET HG3  H N N 284 
MET HE1  H N N 285 
MET HE2  H N N 286 
MET HE3  H N N 287 
MET HXT  H N N 288 
PHE N    N N N 289 
PHE CA   C N S 290 
PHE C    C N N 291 
PHE O    O N N 292 
PHE CB   C N N 293 
PHE CG   C Y N 294 
PHE CD1  C Y N 295 
PHE CD2  C Y N 296 
PHE CE1  C Y N 297 
PHE CE2  C Y N 298 
PHE CZ   C Y N 299 
PHE OXT  O N N 300 
PHE H    H N N 301 
PHE H2   H N N 302 
PHE HA   H N N 303 
PHE HB2  H N N 304 
PHE HB3  H N N 305 
PHE HD1  H N N 306 
PHE HD2  H N N 307 
PHE HE1  H N N 308 
PHE HE2  H N N 309 
PHE HZ   H N N 310 
PHE HXT  H N N 311 
PRO N    N N N 312 
PRO CA   C N S 313 
PRO C    C N N 314 
PRO O    O N N 315 
PRO CB   C N N 316 
PRO CG   C N N 317 
PRO CD   C N N 318 
PRO OXT  O N N 319 
PRO H    H N N 320 
PRO HA   H N N 321 
PRO HB2  H N N 322 
PRO HB3  H N N 323 
PRO HG2  H N N 324 
PRO HG3  H N N 325 
PRO HD2  H N N 326 
PRO HD3  H N N 327 
PRO HXT  H N N 328 
SER N    N N N 329 
SER CA   C N S 330 
SER C    C N N 331 
SER O    O N N 332 
SER CB   C N N 333 
SER OG   O N N 334 
SER OXT  O N N 335 
SER H    H N N 336 
SER H2   H N N 337 
SER HA   H N N 338 
SER HB2  H N N 339 
SER HB3  H N N 340 
SER HG   H N N 341 
SER HXT  H N N 342 
THR N    N N N 343 
THR CA   C N S 344 
THR C    C N N 345 
THR O    O N N 346 
THR CB   C N R 347 
THR OG1  O N N 348 
THR CG2  C N N 349 
THR OXT  O N N 350 
THR H    H N N 351 
THR H2   H N N 352 
THR HA   H N N 353 
THR HB   H N N 354 
THR HG1  H N N 355 
THR HG21 H N N 356 
THR HG22 H N N 357 
THR HG23 H N N 358 
THR HXT  H N N 359 
TRP N    N N N 360 
TRP CA   C N S 361 
TRP C    C N N 362 
TRP O    O N N 363 
TRP CB   C N N 364 
TRP CG   C Y N 365 
TRP CD1  C Y N 366 
TRP CD2  C Y N 367 
TRP NE1  N Y N 368 
TRP CE2  C Y N 369 
TRP CE3  C Y N 370 
TRP CZ2  C Y N 371 
TRP CZ3  C Y N 372 
TRP CH2  C Y N 373 
TRP OXT  O N N 374 
TRP H    H N N 375 
TRP H2   H N N 376 
TRP HA   H N N 377 
TRP HB2  H N N 378 
TRP HB3  H N N 379 
TRP HD1  H N N 380 
TRP HE1  H N N 381 
TRP HE3  H N N 382 
TRP HZ2  H N N 383 
TRP HZ3  H N N 384 
TRP HH2  H N N 385 
TRP HXT  H N N 386 
TYR N    N N N 387 
TYR CA   C N S 388 
TYR C    C N N 389 
TYR O    O N N 390 
TYR CB   C N N 391 
TYR CG   C Y N 392 
TYR CD1  C Y N 393 
TYR CD2  C Y N 394 
TYR CE1  C Y N 395 
TYR CE2  C Y N 396 
TYR CZ   C Y N 397 
TYR OH   O N N 398 
TYR OXT  O N N 399 
TYR H    H N N 400 
TYR H2   H N N 401 
TYR HA   H N N 402 
TYR HB2  H N N 403 
TYR HB3  H N N 404 
TYR HD1  H N N 405 
TYR HD2  H N N 406 
TYR HE1  H N N 407 
TYR HE2  H N N 408 
TYR HH   H N N 409 
TYR HXT  H N N 410 
VAL N    N N N 411 
VAL CA   C N S 412 
VAL C    C N N 413 
VAL O    O N N 414 
VAL CB   C N N 415 
VAL CG1  C N N 416 
VAL CG2  C N N 417 
VAL OXT  O N N 418 
VAL H    H N N 419 
VAL H2   H N N 420 
VAL HA   H N N 421 
VAL HB   H N N 422 
VAL HG11 H N N 423 
VAL HG12 H N N 424 
VAL HG13 H N N 425 
VAL HG21 H N N 426 
VAL HG22 H N N 427 
VAL HG23 H N N 428 
VAL HXT  H N N 429 
# 
loop_
_chem_comp_bond.comp_id 
_chem_comp_bond.atom_id_1 
_chem_comp_bond.atom_id_2 
_chem_comp_bond.value_order 
_chem_comp_bond.pdbx_aromatic_flag 
_chem_comp_bond.pdbx_stereo_config 
_chem_comp_bond.pdbx_ordinal 
5VK CAA CAL  sing N N 1   
5VK CAL OAO  sing N N 2   
5VK CAG CAE  doub Y N 3   
5VK CAG CAR  sing Y N 4   
5VK OAO CAP  sing N N 5   
5VK CAE CAF  sing Y N 6   
5VK OAC CAR  sing N N 7   
5VK CAR CAT  doub Y N 8   
5VK OAB CAP  doub N N 9   
5VK CAF CAH  doub Y N 10  
5VK CAP CAM  sing N N 11  
5VK CAT CAH  sing Y N 12  
5VK CAT CAU  sing N N 13  
5VK CAU CAJ  doub Y N 14  
5VK CAU CAS  sing Y N 15  
5VK CAJ CAI  sing Y N 16  
5VK OAD CAS  sing N N 17  
5VK CAS CAK  doub Y N 18  
5VK CAI CAQ  doub Y N 19  
5VK CAM CAN  sing N N 20  
5VK CAK CAQ  sing Y N 21  
5VK CAQ CAN  sing N N 22  
5VK CAA H1   sing N N 23  
5VK CAA H2   sing N N 24  
5VK CAA H3   sing N N 25  
5VK CAL H4   sing N N 26  
5VK CAL H5   sing N N 27  
5VK CAM H6   sing N N 28  
5VK CAM H7   sing N N 29  
5VK CAN H8   sing N N 30  
5VK CAN H9   sing N N 31  
5VK CAK H10  sing N N 32  
5VK OAD H11  sing N N 33  
5VK CAI H12  sing N N 34  
5VK CAJ H13  sing N N 35  
5VK CAH H14  sing N N 36  
5VK CAF H15  sing N N 37  
5VK CAE H16  sing N N 38  
5VK CAG H17  sing N N 39  
5VK OAC H18  sing N N 40  
ALA N   CA   sing N N 41  
ALA N   H    sing N N 42  
ALA N   H2   sing N N 43  
ALA CA  C    sing N N 44  
ALA CA  CB   sing N N 45  
ALA CA  HA   sing N N 46  
ALA C   O    doub N N 47  
ALA C   OXT  sing N N 48  
ALA CB  HB1  sing N N 49  
ALA CB  HB2  sing N N 50  
ALA CB  HB3  sing N N 51  
ALA OXT HXT  sing N N 52  
ARG N   CA   sing N N 53  
ARG N   H    sing N N 54  
ARG N   H2   sing N N 55  
ARG CA  C    sing N N 56  
ARG CA  CB   sing N N 57  
ARG CA  HA   sing N N 58  
ARG C   O    doub N N 59  
ARG C   OXT  sing N N 60  
ARG CB  CG   sing N N 61  
ARG CB  HB2  sing N N 62  
ARG CB  HB3  sing N N 63  
ARG CG  CD   sing N N 64  
ARG CG  HG2  sing N N 65  
ARG CG  HG3  sing N N 66  
ARG CD  NE   sing N N 67  
ARG CD  HD2  sing N N 68  
ARG CD  HD3  sing N N 69  
ARG NE  CZ   sing N N 70  
ARG NE  HE   sing N N 71  
ARG CZ  NH1  sing N N 72  
ARG CZ  NH2  doub N N 73  
ARG NH1 HH11 sing N N 74  
ARG NH1 HH12 sing N N 75  
ARG NH2 HH21 sing N N 76  
ARG NH2 HH22 sing N N 77  
ARG OXT HXT  sing N N 78  
ASN N   CA   sing N N 79  
ASN N   H    sing N N 80  
ASN N   H2   sing N N 81  
ASN CA  C    sing N N 82  
ASN CA  CB   sing N N 83  
ASN CA  HA   sing N N 84  
ASN C   O    doub N N 85  
ASN C   OXT  sing N N 86  
ASN CB  CG   sing N N 87  
ASN CB  HB2  sing N N 88  
ASN CB  HB3  sing N N 89  
ASN CG  OD1  doub N N 90  
ASN CG  ND2  sing N N 91  
ASN ND2 HD21 sing N N 92  
ASN ND2 HD22 sing N N 93  
ASN OXT HXT  sing N N 94  
ASP N   CA   sing N N 95  
ASP N   H    sing N N 96  
ASP N   H2   sing N N 97  
ASP CA  C    sing N N 98  
ASP CA  CB   sing N N 99  
ASP CA  HA   sing N N 100 
ASP C   O    doub N N 101 
ASP C   OXT  sing N N 102 
ASP CB  CG   sing N N 103 
ASP CB  HB2  sing N N 104 
ASP CB  HB3  sing N N 105 
ASP CG  OD1  doub N N 106 
ASP CG  OD2  sing N N 107 
ASP OD2 HD2  sing N N 108 
ASP OXT HXT  sing N N 109 
CYS N   CA   sing N N 110 
CYS N   H    sing N N 111 
CYS N   H2   sing N N 112 
CYS CA  C    sing N N 113 
CYS CA  CB   sing N N 114 
CYS CA  HA   sing N N 115 
CYS C   O    doub N N 116 
CYS C   OXT  sing N N 117 
CYS CB  SG   sing N N 118 
CYS CB  HB2  sing N N 119 
CYS CB  HB3  sing N N 120 
CYS SG  HG   sing N N 121 
CYS OXT HXT  sing N N 122 
GLN N   CA   sing N N 123 
GLN N   H    sing N N 124 
GLN N   H2   sing N N 125 
GLN CA  C    sing N N 126 
GLN CA  CB   sing N N 127 
GLN CA  HA   sing N N 128 
GLN C   O    doub N N 129 
GLN C   OXT  sing N N 130 
GLN CB  CG   sing N N 131 
GLN CB  HB2  sing N N 132 
GLN CB  HB3  sing N N 133 
GLN CG  CD   sing N N 134 
GLN CG  HG2  sing N N 135 
GLN CG  HG3  sing N N 136 
GLN CD  OE1  doub N N 137 
GLN CD  NE2  sing N N 138 
GLN NE2 HE21 sing N N 139 
GLN NE2 HE22 sing N N 140 
GLN OXT HXT  sing N N 141 
GLU N   CA   sing N N 142 
GLU N   H    sing N N 143 
GLU N   H2   sing N N 144 
GLU CA  C    sing N N 145 
GLU CA  CB   sing N N 146 
GLU CA  HA   sing N N 147 
GLU C   O    doub N N 148 
GLU C   OXT  sing N N 149 
GLU CB  CG   sing N N 150 
GLU CB  HB2  sing N N 151 
GLU CB  HB3  sing N N 152 
GLU CG  CD   sing N N 153 
GLU CG  HG2  sing N N 154 
GLU CG  HG3  sing N N 155 
GLU CD  OE1  doub N N 156 
GLU CD  OE2  sing N N 157 
GLU OE2 HE2  sing N N 158 
GLU OXT HXT  sing N N 159 
GLY N   CA   sing N N 160 
GLY N   H    sing N N 161 
GLY N   H2   sing N N 162 
GLY CA  C    sing N N 163 
GLY CA  HA2  sing N N 164 
GLY CA  HA3  sing N N 165 
GLY C   O    doub N N 166 
GLY C   OXT  sing N N 167 
GLY OXT HXT  sing N N 168 
HIS N   CA   sing N N 169 
HIS N   H    sing N N 170 
HIS N   H2   sing N N 171 
HIS CA  C    sing N N 172 
HIS CA  CB   sing N N 173 
HIS CA  HA   sing N N 174 
HIS C   O    doub N N 175 
HIS C   OXT  sing N N 176 
HIS CB  CG   sing N N 177 
HIS CB  HB2  sing N N 178 
HIS CB  HB3  sing N N 179 
HIS CG  ND1  sing Y N 180 
HIS CG  CD2  doub Y N 181 
HIS ND1 CE1  doub Y N 182 
HIS ND1 HD1  sing N N 183 
HIS CD2 NE2  sing Y N 184 
HIS CD2 HD2  sing N N 185 
HIS CE1 NE2  sing Y N 186 
HIS CE1 HE1  sing N N 187 
HIS NE2 HE2  sing N N 188 
HIS OXT HXT  sing N N 189 
HOH O   H1   sing N N 190 
HOH O   H2   sing N N 191 
ILE N   CA   sing N N 192 
ILE N   H    sing N N 193 
ILE N   H2   sing N N 194 
ILE CA  C    sing N N 195 
ILE CA  CB   sing N N 196 
ILE CA  HA   sing N N 197 
ILE C   O    doub N N 198 
ILE C   OXT  sing N N 199 
ILE CB  CG1  sing N N 200 
ILE CB  CG2  sing N N 201 
ILE CB  HB   sing N N 202 
ILE CG1 CD1  sing N N 203 
ILE CG1 HG12 sing N N 204 
ILE CG1 HG13 sing N N 205 
ILE CG2 HG21 sing N N 206 
ILE CG2 HG22 sing N N 207 
ILE CG2 HG23 sing N N 208 
ILE CD1 HD11 sing N N 209 
ILE CD1 HD12 sing N N 210 
ILE CD1 HD13 sing N N 211 
ILE OXT HXT  sing N N 212 
LEU N   CA   sing N N 213 
LEU N   H    sing N N 214 
LEU N   H2   sing N N 215 
LEU CA  C    sing N N 216 
LEU CA  CB   sing N N 217 
LEU CA  HA   sing N N 218 
LEU C   O    doub N N 219 
LEU C   OXT  sing N N 220 
LEU CB  CG   sing N N 221 
LEU CB  HB2  sing N N 222 
LEU CB  HB3  sing N N 223 
LEU CG  CD1  sing N N 224 
LEU CG  CD2  sing N N 225 
LEU CG  HG   sing N N 226 
LEU CD1 HD11 sing N N 227 
LEU CD1 HD12 sing N N 228 
LEU CD1 HD13 sing N N 229 
LEU CD2 HD21 sing N N 230 
LEU CD2 HD22 sing N N 231 
LEU CD2 HD23 sing N N 232 
LEU OXT HXT  sing N N 233 
LYS N   CA   sing N N 234 
LYS N   H    sing N N 235 
LYS N   H2   sing N N 236 
LYS CA  C    sing N N 237 
LYS CA  CB   sing N N 238 
LYS CA  HA   sing N N 239 
LYS C   O    doub N N 240 
LYS C   OXT  sing N N 241 
LYS CB  CG   sing N N 242 
LYS CB  HB2  sing N N 243 
LYS CB  HB3  sing N N 244 
LYS CG  CD   sing N N 245 
LYS CG  HG2  sing N N 246 
LYS CG  HG3  sing N N 247 
LYS CD  CE   sing N N 248 
LYS CD  HD2  sing N N 249 
LYS CD  HD3  sing N N 250 
LYS CE  NZ   sing N N 251 
LYS CE  HE2  sing N N 252 
LYS CE  HE3  sing N N 253 
LYS NZ  HZ1  sing N N 254 
LYS NZ  HZ2  sing N N 255 
LYS NZ  HZ3  sing N N 256 
LYS OXT HXT  sing N N 257 
MET N   CA   sing N N 258 
MET N   H    sing N N 259 
MET N   H2   sing N N 260 
MET CA  C    sing N N 261 
MET CA  CB   sing N N 262 
MET CA  HA   sing N N 263 
MET C   O    doub N N 264 
MET C   OXT  sing N N 265 
MET CB  CG   sing N N 266 
MET CB  HB2  sing N N 267 
MET CB  HB3  sing N N 268 
MET CG  SD   sing N N 269 
MET CG  HG2  sing N N 270 
MET CG  HG3  sing N N 271 
MET SD  CE   sing N N 272 
MET CE  HE1  sing N N 273 
MET CE  HE2  sing N N 274 
MET CE  HE3  sing N N 275 
MET OXT HXT  sing N N 276 
PHE N   CA   sing N N 277 
PHE N   H    sing N N 278 
PHE N   H2   sing N N 279 
PHE CA  C    sing N N 280 
PHE CA  CB   sing N N 281 
PHE CA  HA   sing N N 282 
PHE C   O    doub N N 283 
PHE C   OXT  sing N N 284 
PHE CB  CG   sing N N 285 
PHE CB  HB2  sing N N 286 
PHE CB  HB3  sing N N 287 
PHE CG  CD1  doub Y N 288 
PHE CG  CD2  sing Y N 289 
PHE CD1 CE1  sing Y N 290 
PHE CD1 HD1  sing N N 291 
PHE CD2 CE2  doub Y N 292 
PHE CD2 HD2  sing N N 293 
PHE CE1 CZ   doub Y N 294 
PHE CE1 HE1  sing N N 295 
PHE CE2 CZ   sing Y N 296 
PHE CE2 HE2  sing N N 297 
PHE CZ  HZ   sing N N 298 
PHE OXT HXT  sing N N 299 
PRO N   CA   sing N N 300 
PRO N   CD   sing N N 301 
PRO N   H    sing N N 302 
PRO CA  C    sing N N 303 
PRO CA  CB   sing N N 304 
PRO CA  HA   sing N N 305 
PRO C   O    doub N N 306 
PRO C   OXT  sing N N 307 
PRO CB  CG   sing N N 308 
PRO CB  HB2  sing N N 309 
PRO CB  HB3  sing N N 310 
PRO CG  CD   sing N N 311 
PRO CG  HG2  sing N N 312 
PRO CG  HG3  sing N N 313 
PRO CD  HD2  sing N N 314 
PRO CD  HD3  sing N N 315 
PRO OXT HXT  sing N N 316 
SER N   CA   sing N N 317 
SER N   H    sing N N 318 
SER N   H2   sing N N 319 
SER CA  C    sing N N 320 
SER CA  CB   sing N N 321 
SER CA  HA   sing N N 322 
SER C   O    doub N N 323 
SER C   OXT  sing N N 324 
SER CB  OG   sing N N 325 
SER CB  HB2  sing N N 326 
SER CB  HB3  sing N N 327 
SER OG  HG   sing N N 328 
SER OXT HXT  sing N N 329 
THR N   CA   sing N N 330 
THR N   H    sing N N 331 
THR N   H2   sing N N 332 
THR CA  C    sing N N 333 
THR CA  CB   sing N N 334 
THR CA  HA   sing N N 335 
THR C   O    doub N N 336 
THR C   OXT  sing N N 337 
THR CB  OG1  sing N N 338 
THR CB  CG2  sing N N 339 
THR CB  HB   sing N N 340 
THR OG1 HG1  sing N N 341 
THR CG2 HG21 sing N N 342 
THR CG2 HG22 sing N N 343 
THR CG2 HG23 sing N N 344 
THR OXT HXT  sing N N 345 
TRP N   CA   sing N N 346 
TRP N   H    sing N N 347 
TRP N   H2   sing N N 348 
TRP CA  C    sing N N 349 
TRP CA  CB   sing N N 350 
TRP CA  HA   sing N N 351 
TRP C   O    doub N N 352 
TRP C   OXT  sing N N 353 
TRP CB  CG   sing N N 354 
TRP CB  HB2  sing N N 355 
TRP CB  HB3  sing N N 356 
TRP CG  CD1  doub Y N 357 
TRP CG  CD2  sing Y N 358 
TRP CD1 NE1  sing Y N 359 
TRP CD1 HD1  sing N N 360 
TRP CD2 CE2  doub Y N 361 
TRP CD2 CE3  sing Y N 362 
TRP NE1 CE2  sing Y N 363 
TRP NE1 HE1  sing N N 364 
TRP CE2 CZ2  sing Y N 365 
TRP CE3 CZ3  doub Y N 366 
TRP CE3 HE3  sing N N 367 
TRP CZ2 CH2  doub Y N 368 
TRP CZ2 HZ2  sing N N 369 
TRP CZ3 CH2  sing Y N 370 
TRP CZ3 HZ3  sing N N 371 
TRP CH2 HH2  sing N N 372 
TRP OXT HXT  sing N N 373 
TYR N   CA   sing N N 374 
TYR N   H    sing N N 375 
TYR N   H2   sing N N 376 
TYR CA  C    sing N N 377 
TYR CA  CB   sing N N 378 
TYR CA  HA   sing N N 379 
TYR C   O    doub N N 380 
TYR C   OXT  sing N N 381 
TYR CB  CG   sing N N 382 
TYR CB  HB2  sing N N 383 
TYR CB  HB3  sing N N 384 
TYR CG  CD1  doub Y N 385 
TYR CG  CD2  sing Y N 386 
TYR CD1 CE1  sing Y N 387 
TYR CD1 HD1  sing N N 388 
TYR CD2 CE2  doub Y N 389 
TYR CD2 HD2  sing N N 390 
TYR CE1 CZ   doub Y N 391 
TYR CE1 HE1  sing N N 392 
TYR CE2 CZ   sing Y N 393 
TYR CE2 HE2  sing N N 394 
TYR CZ  OH   sing N N 395 
TYR OH  HH   sing N N 396 
TYR OXT HXT  sing N N 397 
VAL N   CA   sing N N 398 
VAL N   H    sing N N 399 
VAL N   H2   sing N N 400 
VAL CA  C    sing N N 401 
VAL CA  CB   sing N N 402 
VAL CA  HA   sing N N 403 
VAL C   O    doub N N 404 
VAL C   OXT  sing N N 405 
VAL CB  CG1  sing N N 406 
VAL CB  CG2  sing N N 407 
VAL CB  HB   sing N N 408 
VAL CG1 HG11 sing N N 409 
VAL CG1 HG12 sing N N 410 
VAL CG1 HG13 sing N N 411 
VAL CG2 HG21 sing N N 412 
VAL CG2 HG22 sing N N 413 
VAL CG2 HG23 sing N N 414 
VAL OXT HXT  sing N N 415 
# 
loop_
_pdbx_entity_nonpoly.entity_id 
_pdbx_entity_nonpoly.name 
_pdbx_entity_nonpoly.comp_id 
2 'ethyl 3-[4-(2-hydroxyphenyl)-3-oxidanyl-phenyl]propanoate' 5VK 
3 water                                                       HOH 
# 
_pdbx_initial_refinement_model.id               1 
_pdbx_initial_refinement_model.entity_id_list   ? 
_pdbx_initial_refinement_model.type             'experimental model' 
_pdbx_initial_refinement_model.source_name      PDB 
_pdbx_initial_refinement_model.accession_code   1U9B 
_pdbx_initial_refinement_model.details          ? 
# 
